data_7EI3
#
_entry.id   7EI3
#
_cell.length_a   71.786
_cell.length_b   76.995
_cell.length_c   98.082
_cell.angle_alpha   79.770
_cell.angle_beta   79.000
_cell.angle_gamma   62.980
#
_symmetry.space_group_name_H-M   'P 1'
#
loop_
_entity.id
_entity.type
_entity.pdbx_description
1 polymer 'Acetyl-CoA C-acyltransferase'
2 water water
#
_entity_poly.entity_id   1
_entity_poly.type   'polypeptide(L)'
_entity_poly.pdbx_seq_one_letter_code
;MVKDEIVISSALRTPIGAFSGTLKDTPAAALGAHVVKTLLERTGLAPERVDEVVMGNVLQAGNGMNVARQVAVNGGLPVA
VPAHTVNRVCGSGAQAVVTAYAQIRSGLSNLVIAGGVENMDQAPYLMPSLRHGARMGHTQALDALLRDGLNDAFSDQHSG
WHTEDLVAKYEVSREAQDRFAATSQQRFAAAQAAGWFEGEIVPVTITTRKGETVFAKDEANRPDTTEAGLAKLRPAFRKD
GTITAGNAPGLNAGAAAMIVSSHATATELGLQPQLVIRGIGVAAVEPGLFGFGPVPAIKLALAQAQWQVQDVDRFEVNEA
FAAVGLVVRDELGIAPERFNVDGGAIAHGHPIGATGAILLTKVAHALRRTSERRAVVSLCIGGGQGIALALERVKLAAAL
EHHHHHH
;
_entity_poly.pdbx_strand_id   A,B,C,D
#
# COMPACT_ATOMS: atom_id res chain seq x y z
N ASP A 4 5.00 42.68 -33.10
CA ASP A 4 4.10 41.56 -32.63
C ASP A 4 4.78 40.20 -32.82
N GLU A 5 6.09 40.13 -33.02
CA GLU A 5 6.87 38.88 -32.89
C GLU A 5 6.79 38.41 -31.42
N ILE A 6 6.57 37.13 -31.19
CA ILE A 6 6.59 36.53 -29.82
C ILE A 6 7.98 35.95 -29.58
N VAL A 7 8.61 36.33 -28.48
CA VAL A 7 10.04 35.99 -28.21
C VAL A 7 10.16 35.30 -26.86
N ILE A 8 11.21 34.48 -26.77
CA ILE A 8 11.66 33.77 -25.55
C ILE A 8 12.84 34.55 -24.99
N SER A 9 12.81 34.87 -23.70
CA SER A 9 13.91 35.54 -22.96
C SER A 9 14.28 34.73 -21.71
N SER A 10 15.54 34.80 -21.29
CA SER A 10 16.03 34.27 -20.00
C SER A 10 15.66 32.79 -19.82
N ALA A 11 15.81 31.98 -20.86
CA ALA A 11 15.59 30.52 -20.75
C ALA A 11 16.66 29.96 -19.81
N LEU A 12 16.23 29.22 -18.79
CA LEU A 12 17.14 28.62 -17.78
C LEU A 12 16.63 27.23 -17.40
N ARG A 13 17.53 26.36 -16.95
CA ARG A 13 17.15 24.99 -16.55
C ARG A 13 18.01 24.58 -15.36
N THR A 14 17.50 23.62 -14.59
CA THR A 14 18.31 22.89 -13.59
C THR A 14 19.23 21.95 -14.36
N PRO A 15 20.29 21.42 -13.70
CA PRO A 15 21.00 20.27 -14.23
C PRO A 15 19.96 19.15 -14.19
N ILE A 16 20.16 18.08 -14.95
CA ILE A 16 19.20 16.95 -15.01
C ILE A 16 19.71 15.84 -14.10
N GLY A 17 18.85 15.39 -13.19
CA GLY A 17 19.16 14.31 -12.24
C GLY A 17 18.95 12.94 -12.86
N ALA A 18 19.77 11.99 -12.43
CA ALA A 18 19.67 10.57 -12.81
C ALA A 18 18.56 9.91 -11.99
N PHE A 19 18.02 8.82 -12.48
CA PHE A 19 17.09 7.97 -11.70
C PHE A 19 17.80 7.58 -10.40
N SER A 20 17.12 7.79 -9.26
CA SER A 20 17.66 7.50 -7.90
C SER A 20 18.90 8.37 -7.64
N GLY A 21 19.00 9.51 -8.32
CA GLY A 21 20.18 10.40 -8.27
C GLY A 21 19.98 11.59 -7.34
N THR A 22 20.64 12.69 -7.65
CA THR A 22 20.80 13.82 -6.68
C THR A 22 19.45 14.47 -6.40
N LEU A 23 18.50 14.45 -7.34
CA LEU A 23 17.21 15.17 -7.19
C LEU A 23 16.12 14.23 -6.68
N LYS A 24 16.45 13.01 -6.26
CA LYS A 24 15.42 11.96 -5.98
C LYS A 24 14.46 12.42 -4.87
N ASP A 25 14.87 13.31 -3.97
CA ASP A 25 14.02 13.76 -2.83
C ASP A 25 13.49 15.19 -3.05
N THR A 26 13.65 15.75 -4.24
CA THR A 26 13.25 17.16 -4.55
C THR A 26 12.05 17.18 -5.50
N PRO A 27 10.83 17.51 -5.01
CA PRO A 27 9.65 17.51 -5.86
C PRO A 27 9.83 18.35 -7.13
N ALA A 28 9.21 17.91 -8.21
CA ALA A 28 9.19 18.59 -9.52
C ALA A 28 8.82 20.07 -9.34
N ALA A 29 7.78 20.35 -8.52
CA ALA A 29 7.31 21.72 -8.30
C ALA A 29 8.41 22.55 -7.64
N ALA A 30 9.22 21.95 -6.76
CA ALA A 30 10.32 22.67 -6.08
C ALA A 30 11.43 22.99 -7.10
N LEU A 31 11.70 22.07 -8.03
CA LEU A 31 12.68 22.33 -9.12
C LEU A 31 12.20 23.52 -9.95
N GLY A 32 10.92 23.55 -10.35
CA GLY A 32 10.41 24.68 -11.14
C GLY A 32 10.45 25.97 -10.36
N ALA A 33 10.07 25.94 -9.08
CA ALA A 33 10.10 27.12 -8.19
C ALA A 33 11.51 27.72 -8.17
N HIS A 34 12.51 26.85 -8.06
CA HIS A 34 13.92 27.28 -7.99
C HIS A 34 14.32 28.00 -9.30
N VAL A 35 13.94 27.46 -10.45
CA VAL A 35 14.30 28.10 -11.75
C VAL A 35 13.59 29.46 -11.83
N VAL A 36 12.32 29.51 -11.46
CA VAL A 36 11.54 30.77 -11.55
C VAL A 36 12.17 31.81 -10.62
N LYS A 37 12.51 31.44 -9.40
CA LYS A 37 13.11 32.37 -8.43
C LYS A 37 14.42 32.91 -9.02
N THR A 38 15.25 32.03 -9.60
CA THR A 38 16.56 32.42 -10.17
C THR A 38 16.33 33.36 -11.35
N LEU A 39 15.40 33.02 -12.23
CA LEU A 39 15.03 33.81 -13.43
C LEU A 39 14.64 35.22 -13.00
N LEU A 40 13.80 35.36 -11.97
CA LEU A 40 13.35 36.70 -11.50
C LEU A 40 14.55 37.46 -10.92
N GLU A 41 15.42 36.79 -10.15
CA GLU A 41 16.59 37.43 -9.49
C GLU A 41 17.53 37.95 -10.59
N ARG A 42 17.82 37.15 -11.61
CA ARG A 42 18.84 37.53 -12.63
C ARG A 42 18.30 38.61 -13.56
N THR A 43 17.05 38.50 -14.03
CA THR A 43 16.46 39.47 -14.98
C THR A 43 16.09 40.76 -14.26
N GLY A 44 15.78 40.70 -12.97
CA GLY A 44 15.17 41.82 -12.22
C GLY A 44 13.78 42.16 -12.73
N LEU A 45 13.13 41.25 -13.46
CA LEU A 45 11.75 41.48 -13.96
C LEU A 45 10.83 41.82 -12.78
N ALA A 46 10.04 42.89 -12.90
CA ALA A 46 9.02 43.24 -11.90
C ALA A 46 8.03 42.08 -11.81
N PRO A 47 7.92 41.40 -10.64
CA PRO A 47 7.05 40.22 -10.53
C PRO A 47 5.59 40.49 -10.93
N GLU A 48 5.12 41.73 -10.72
CA GLU A 48 3.72 42.16 -11.02
C GLU A 48 3.49 42.19 -12.54
N ARG A 49 4.55 42.13 -13.36
CA ARG A 49 4.42 42.14 -14.83
C ARG A 49 4.25 40.70 -15.36
N VAL A 50 4.27 39.70 -14.49
CA VAL A 50 4.02 38.30 -14.92
C VAL A 50 2.50 38.08 -14.90
N ASP A 51 1.91 37.80 -16.06
CA ASP A 51 0.44 37.69 -16.19
C ASP A 51 -0.02 36.26 -15.87
N GLU A 52 0.85 35.28 -16.07
CA GLU A 52 0.49 33.85 -15.95
C GLU A 52 1.77 33.03 -15.85
N VAL A 53 1.72 31.94 -15.10
CA VAL A 53 2.75 30.86 -15.15
C VAL A 53 2.09 29.62 -15.73
N VAL A 54 2.66 29.09 -16.80
CA VAL A 54 2.18 27.83 -17.42
C VAL A 54 3.32 26.81 -17.30
N MET A 55 3.04 25.66 -16.70
CA MET A 55 4.06 24.60 -16.52
C MET A 55 3.52 23.28 -17.06
N GLY A 56 4.37 22.58 -17.82
CA GLY A 56 4.12 21.20 -18.21
C GLY A 56 4.49 20.28 -17.07
N ASN A 57 3.71 19.21 -16.88
CA ASN A 57 4.00 18.17 -15.88
C ASN A 57 3.15 16.96 -16.24
N VAL A 58 3.77 15.80 -16.42
CA VAL A 58 3.03 14.60 -16.89
C VAL A 58 2.59 13.76 -15.72
N LEU A 59 3.51 13.44 -14.81
CA LEU A 59 3.19 12.61 -13.62
C LEU A 59 2.71 13.55 -12.51
N GLN A 60 1.48 14.03 -12.60
CA GLN A 60 0.93 14.99 -11.60
C GLN A 60 0.54 14.27 -10.32
N ALA A 61 0.40 12.93 -10.36
CA ALA A 61 -0.03 12.12 -9.20
C ALA A 61 0.84 12.47 -7.98
N GLY A 62 0.21 12.88 -6.89
CA GLY A 62 0.90 13.11 -5.62
C GLY A 62 1.68 14.40 -5.56
N ASN A 63 1.65 15.23 -6.61
CA ASN A 63 2.43 16.49 -6.62
C ASN A 63 1.64 17.60 -5.92
N GLY A 64 0.41 17.34 -5.49
CA GLY A 64 -0.40 18.36 -4.84
C GLY A 64 -1.16 19.19 -5.84
N MET A 65 -2.06 20.03 -5.33
CA MET A 65 -2.99 20.82 -6.16
C MET A 65 -2.20 21.72 -7.11
N ASN A 66 -2.36 21.53 -8.43
CA ASN A 66 -1.92 22.44 -9.51
C ASN A 66 -0.44 22.78 -9.40
N VAL A 67 0.40 21.91 -9.94
CA VAL A 67 1.88 22.06 -9.92
C VAL A 67 2.30 23.48 -10.33
N ALA A 68 1.72 24.03 -11.40
CA ALA A 68 2.12 25.35 -11.94
C ALA A 68 1.95 26.42 -10.86
N ARG A 69 0.88 26.35 -10.07
CA ARG A 69 0.59 27.36 -9.02
C ARG A 69 1.64 27.25 -7.92
N GLN A 70 2.05 26.02 -7.59
CA GLN A 70 3.12 25.79 -6.58
C GLN A 70 4.44 26.37 -7.12
N VAL A 71 4.77 26.11 -8.38
CA VAL A 71 5.98 26.68 -9.02
C VAL A 71 5.96 28.21 -8.90
N ALA A 72 4.82 28.83 -9.20
CA ALA A 72 4.65 30.31 -9.21
C ALA A 72 4.83 30.87 -7.80
N VAL A 73 4.06 30.36 -6.85
CA VAL A 73 4.01 30.91 -5.47
C VAL A 73 5.34 30.59 -4.76
N ASN A 74 5.82 29.36 -4.84
CA ASN A 74 7.07 28.96 -4.15
C ASN A 74 8.27 29.59 -4.89
N GLY A 75 8.09 30.01 -6.13
CA GLY A 75 9.10 30.72 -6.93
C GLY A 75 9.21 32.19 -6.53
N GLY A 76 8.31 32.68 -5.68
CA GLY A 76 8.35 34.04 -5.13
C GLY A 76 7.44 35.01 -5.83
N LEU A 77 6.64 34.58 -6.82
CA LEU A 77 5.71 35.50 -7.51
C LEU A 77 4.54 35.84 -6.59
N PRO A 78 3.98 37.04 -6.72
CA PRO A 78 2.81 37.45 -5.93
C PRO A 78 1.64 36.47 -6.12
N VAL A 79 0.83 36.32 -5.08
CA VAL A 79 -0.36 35.42 -5.13
C VAL A 79 -1.33 35.87 -6.23
N ALA A 80 -1.26 37.12 -6.68
CA ALA A 80 -2.13 37.65 -7.76
C ALA A 80 -1.78 37.06 -9.13
N VAL A 81 -0.67 36.34 -9.29
CA VAL A 81 -0.29 35.75 -10.60
C VAL A 81 -0.99 34.39 -10.77
N PRO A 82 -1.94 34.24 -11.74
CA PRO A 82 -2.58 32.96 -12.02
C PRO A 82 -1.61 31.95 -12.62
N ALA A 83 -1.96 30.66 -12.60
CA ALA A 83 -1.06 29.59 -13.06
C ALA A 83 -1.87 28.36 -13.39
N HIS A 84 -1.46 27.62 -14.43
CA HIS A 84 -2.11 26.32 -14.72
C HIS A 84 -1.10 25.37 -15.33
N THR A 85 -1.44 24.08 -15.22
CA THR A 85 -0.55 22.97 -15.57
C THR A 85 -1.10 22.34 -16.86
N VAL A 86 -0.22 22.08 -17.81
CA VAL A 86 -0.60 21.45 -19.11
C VAL A 86 0.07 20.07 -19.21
N ASN A 87 -0.59 19.17 -19.91
CA ASN A 87 -0.12 17.79 -20.10
C ASN A 87 -0.39 17.40 -21.55
N ARG A 88 0.64 17.43 -22.37
CA ARG A 88 0.68 16.76 -23.69
C ARG A 88 1.87 15.79 -23.63
N VAL A 89 1.91 14.99 -22.56
CA VAL A 89 2.94 13.97 -22.24
C VAL A 89 4.33 14.55 -22.54
N CYS A 90 5.13 13.87 -23.38
CA CYS A 90 6.53 14.22 -23.65
C CYS A 90 6.67 15.66 -24.19
N GLY A 91 5.63 16.21 -24.81
CA GLY A 91 5.67 17.56 -25.40
C GLY A 91 5.29 18.66 -24.42
N SER A 92 4.99 18.33 -23.15
CA SER A 92 4.34 19.26 -22.19
C SER A 92 5.20 20.51 -21.98
N GLY A 93 6.51 20.39 -21.90
CA GLY A 93 7.40 21.54 -21.62
C GLY A 93 7.45 22.50 -22.79
N ALA A 94 7.32 21.99 -24.01
CA ALA A 94 7.20 22.84 -25.22
C ALA A 94 5.77 23.35 -25.33
N GLN A 95 4.79 22.53 -24.96
CA GLN A 95 3.36 22.95 -25.01
C GLN A 95 3.18 24.19 -24.13
N ALA A 96 3.82 24.26 -22.97
CA ALA A 96 3.67 25.42 -22.07
C ALA A 96 4.03 26.70 -22.83
N VAL A 97 5.05 26.65 -23.68
CA VAL A 97 5.50 27.84 -24.47
C VAL A 97 4.48 28.11 -25.58
N VAL A 98 3.94 27.08 -26.22
CA VAL A 98 2.87 27.26 -27.24
C VAL A 98 1.63 27.86 -26.57
N THR A 99 1.24 27.36 -25.41
CA THR A 99 0.10 27.92 -24.63
C THR A 99 0.35 29.41 -24.38
N ALA A 100 1.56 29.77 -23.94
CA ALA A 100 1.96 31.16 -23.67
C ALA A 100 1.79 32.01 -24.95
N TYR A 101 2.34 31.54 -26.05
CA TYR A 101 2.21 32.18 -27.39
C TYR A 101 0.74 32.47 -27.68
N ALA A 102 -0.12 31.46 -27.55
CA ALA A 102 -1.56 31.58 -27.85
C ALA A 102 -2.21 32.63 -26.94
N GLN A 103 -1.85 32.65 -25.66
CA GLN A 103 -2.43 33.63 -24.71
C GLN A 103 -2.01 35.04 -25.10
N ILE A 104 -0.76 35.22 -25.53
CA ILE A 104 -0.25 36.56 -25.87
C ILE A 104 -0.90 37.02 -27.18
N ARG A 105 -0.90 36.16 -28.19
CA ARG A 105 -1.42 36.53 -29.54
C ARG A 105 -2.93 36.81 -29.45
N SER A 106 -3.65 36.16 -28.55
CA SER A 106 -5.12 36.30 -28.40
C SER A 106 -5.45 37.47 -27.45
N GLY A 107 -4.44 38.11 -26.86
CA GLY A 107 -4.61 39.28 -25.98
C GLY A 107 -4.98 38.89 -24.54
N LEU A 108 -4.93 37.61 -24.15
CA LEU A 108 -5.27 37.20 -22.77
C LEU A 108 -4.14 37.55 -21.81
N SER A 109 -2.91 37.58 -22.31
CA SER A 109 -1.68 37.80 -21.51
C SER A 109 -0.74 38.72 -22.29
N ASN A 110 0.13 39.44 -21.60
CA ASN A 110 1.25 40.18 -22.23
C ASN A 110 2.57 39.48 -21.96
N LEU A 111 2.73 38.86 -20.79
CA LEU A 111 4.01 38.21 -20.42
C LEU A 111 3.70 36.96 -19.60
N VAL A 112 4.29 35.85 -19.99
CA VAL A 112 4.02 34.52 -19.38
C VAL A 112 5.37 33.91 -19.02
N ILE A 113 5.48 33.30 -17.83
CA ILE A 113 6.63 32.42 -17.53
C ILE A 113 6.16 31.00 -17.84
N ALA A 114 6.85 30.36 -18.78
CA ALA A 114 6.42 29.06 -19.32
C ALA A 114 7.58 28.08 -19.18
N GLY A 115 7.26 26.83 -18.86
CA GLY A 115 8.29 25.79 -18.81
C GLY A 115 7.70 24.45 -18.45
N GLY A 116 8.51 23.62 -17.83
CA GLY A 116 8.03 22.30 -17.40
C GLY A 116 8.89 21.74 -16.31
N VAL A 117 8.33 20.77 -15.61
CA VAL A 117 8.96 20.13 -14.42
C VAL A 117 8.65 18.64 -14.50
N GLU A 118 9.56 17.83 -13.99
CA GLU A 118 9.29 16.39 -13.84
C GLU A 118 10.32 15.82 -12.88
N ASN A 119 9.86 14.88 -12.07
CA ASN A 119 10.76 14.09 -11.20
C ASN A 119 10.20 12.68 -11.20
N MET A 120 10.84 11.78 -11.95
CA MET A 120 10.28 10.43 -12.14
C MET A 120 10.48 9.59 -10.87
N ASP A 121 11.55 9.79 -10.09
CA ASP A 121 11.68 9.13 -8.77
C ASP A 121 10.47 9.45 -7.90
N GLN A 122 10.02 10.71 -7.94
CA GLN A 122 8.97 11.24 -7.03
C GLN A 122 7.58 10.78 -7.50
N ALA A 123 7.44 10.16 -8.66
CA ALA A 123 6.14 9.56 -9.07
C ALA A 123 5.78 8.47 -8.06
N PRO A 124 4.58 8.51 -7.45
CA PRO A 124 4.16 7.54 -6.47
C PRO A 124 3.68 6.24 -7.13
N TYR A 125 3.47 5.23 -6.30
CA TYR A 125 2.66 4.04 -6.65
C TYR A 125 1.19 4.38 -6.40
N LEU A 126 0.32 3.73 -7.16
CA LEU A 126 -1.15 3.91 -7.10
C LEU A 126 -1.78 2.63 -6.57
N MET A 127 -2.81 2.74 -5.74
CA MET A 127 -3.59 1.58 -5.26
C MET A 127 -5.04 1.79 -5.64
N PRO A 128 -5.44 1.39 -6.87
CA PRO A 128 -6.83 1.52 -7.33
C PRO A 128 -7.88 0.83 -6.43
N SER A 129 -7.49 -0.22 -5.71
CA SER A 129 -8.45 -1.01 -4.92
C SER A 129 -8.53 -0.53 -3.47
N LEU A 130 -7.74 0.47 -3.04
CA LEU A 130 -7.72 0.85 -1.61
C LEU A 130 -8.98 1.64 -1.22
N ARG A 131 -9.57 2.42 -2.12
CA ARG A 131 -10.77 3.23 -1.74
C ARG A 131 -11.90 2.30 -1.31
N HIS A 132 -12.30 1.37 -2.17
CA HIS A 132 -13.52 0.55 -1.95
C HIS A 132 -13.19 -0.90 -1.64
N GLY A 133 -11.91 -1.26 -1.62
CA GLY A 133 -11.49 -2.56 -1.09
C GLY A 133 -11.15 -3.56 -2.17
N ALA A 134 -10.22 -4.47 -1.87
CA ALA A 134 -9.88 -5.64 -2.71
C ALA A 134 -10.75 -6.84 -2.32
N ARG A 135 -11.35 -6.83 -1.12
CA ARG A 135 -12.32 -7.84 -0.59
C ARG A 135 -11.62 -9.18 -0.31
N MET A 136 -11.09 -9.84 -1.33
CA MET A 136 -10.35 -11.12 -1.14
C MET A 136 -9.44 -11.32 -2.34
N GLY A 137 -8.24 -11.83 -2.09
CA GLY A 137 -7.29 -12.10 -3.18
C GLY A 137 -6.29 -10.97 -3.31
N HIS A 138 -5.14 -11.30 -3.86
CA HIS A 138 -4.04 -10.35 -4.06
C HIS A 138 -4.50 -9.21 -4.97
N THR A 139 -3.91 -8.03 -4.83
CA THR A 139 -4.29 -6.85 -5.62
C THR A 139 -3.02 -6.12 -6.05
N GLN A 140 -3.10 -5.30 -7.07
CA GLN A 140 -1.92 -4.67 -7.69
C GLN A 140 -1.77 -3.23 -7.16
N ALA A 141 -0.52 -2.82 -6.94
CA ALA A 141 -0.09 -1.42 -6.79
C ALA A 141 0.62 -1.04 -8.09
N LEU A 142 0.13 0.00 -8.77
CA LEU A 142 0.66 0.42 -10.08
C LEU A 142 1.76 1.45 -9.89
N ASP A 143 2.84 1.30 -10.66
CA ASP A 143 3.87 2.35 -10.79
C ASP A 143 3.28 3.47 -11.65
N ALA A 144 3.05 4.66 -11.07
CA ALA A 144 2.39 5.75 -11.80
C ALA A 144 3.27 6.16 -13.00
N LEU A 145 4.59 5.99 -12.94
CA LEU A 145 5.38 6.47 -14.10
C LEU A 145 5.04 5.58 -15.31
N LEU A 146 4.71 4.30 -15.13
CA LEU A 146 4.24 3.46 -16.25
C LEU A 146 2.79 3.82 -16.58
N ARG A 147 1.91 3.84 -15.58
CA ARG A 147 0.45 3.99 -15.83
C ARG A 147 0.17 5.35 -16.49
N ASP A 148 0.77 6.44 -16.01
CA ASP A 148 0.38 7.80 -16.46
C ASP A 148 1.44 8.40 -17.37
N GLY A 149 2.63 7.81 -17.47
CA GLY A 149 3.78 8.45 -18.14
C GLY A 149 4.31 7.71 -19.36
N LEU A 150 4.52 6.39 -19.26
CA LEU A 150 5.33 5.66 -20.27
C LEU A 150 4.53 4.58 -21.01
N ASN A 151 3.48 4.01 -20.42
CA ASN A 151 2.66 2.98 -21.11
C ASN A 151 1.61 3.70 -21.96
N ASP A 152 1.39 3.20 -23.17
CA ASP A 152 0.30 3.72 -24.03
C ASP A 152 -1.04 3.49 -23.30
N ALA A 153 -1.94 4.46 -23.36
CA ALA A 153 -3.24 4.38 -22.66
C ALA A 153 -4.18 3.40 -23.36
N PHE A 154 -3.93 3.02 -24.61
CA PHE A 154 -4.86 2.16 -25.39
C PHE A 154 -4.41 0.71 -25.31
N SER A 155 -3.11 0.45 -25.40
CA SER A 155 -2.55 -0.92 -25.43
C SER A 155 -2.06 -1.37 -24.04
N ASP A 156 -1.73 -0.41 -23.16
CA ASP A 156 -1.02 -0.65 -21.87
C ASP A 156 0.40 -1.18 -22.11
N GLN A 157 0.92 -1.11 -23.33
CA GLN A 157 2.33 -1.53 -23.63
C GLN A 157 3.26 -0.34 -23.41
N HIS A 158 4.49 -0.59 -23.03
CA HIS A 158 5.51 0.48 -22.88
C HIS A 158 5.73 1.18 -24.23
N SER A 159 5.97 2.48 -24.18
CA SER A 159 6.42 3.31 -25.34
C SER A 159 7.57 2.61 -26.08
N GLY A 160 8.52 2.01 -25.36
CA GLY A 160 9.67 1.31 -25.97
C GLY A 160 9.23 0.10 -26.76
N TRP A 161 8.21 -0.60 -26.28
CA TRP A 161 7.62 -1.78 -26.97
C TRP A 161 7.02 -1.31 -28.30
N HIS A 162 6.22 -0.24 -28.26
CA HIS A 162 5.62 0.32 -29.50
C HIS A 162 6.72 0.76 -30.46
N THR A 163 7.79 1.36 -29.96
CA THR A 163 8.86 1.93 -30.82
C THR A 163 9.57 0.80 -31.59
N GLU A 164 9.53 -0.45 -31.12
CA GLU A 164 10.09 -1.59 -31.91
C GLU A 164 9.33 -1.72 -33.25
N ASP A 165 8.06 -1.30 -33.34
CA ASP A 165 7.31 -1.34 -34.62
C ASP A 165 7.78 -0.21 -35.54
N LEU A 166 8.20 0.93 -34.98
CA LEU A 166 8.83 2.02 -35.76
C LEU A 166 10.16 1.51 -36.31
N VAL A 167 10.94 0.84 -35.46
CA VAL A 167 12.23 0.22 -35.86
C VAL A 167 11.99 -0.71 -37.05
N ALA A 168 10.99 -1.59 -36.96
CA ALA A 168 10.72 -2.59 -38.01
C ALA A 168 10.29 -1.87 -39.29
N LYS A 169 9.39 -0.88 -39.18
CA LYS A 169 8.81 -0.16 -40.35
C LYS A 169 9.94 0.52 -41.12
N TYR A 170 10.86 1.19 -40.43
CA TYR A 170 11.90 2.03 -41.07
C TYR A 170 13.22 1.25 -41.20
N GLU A 171 13.22 -0.03 -40.81
CA GLU A 171 14.39 -0.94 -40.92
C GLU A 171 15.61 -0.30 -40.25
N VAL A 172 15.41 0.19 -39.03
CA VAL A 172 16.50 0.85 -38.24
C VAL A 172 17.32 -0.24 -37.54
N SER A 173 18.56 -0.45 -38.00
CA SER A 173 19.42 -1.52 -37.43
C SER A 173 19.78 -1.19 -35.98
N ARG A 174 20.00 -2.24 -35.19
CA ARG A 174 20.60 -2.16 -33.84
C ARG A 174 21.91 -1.35 -33.93
N GLU A 175 22.75 -1.64 -34.93
CA GLU A 175 24.08 -0.98 -35.06
C GLU A 175 23.89 0.52 -35.25
N ALA A 176 22.93 0.94 -36.07
CA ALA A 176 22.67 2.37 -36.32
C ALA A 176 22.19 3.03 -35.04
N GLN A 177 21.32 2.37 -34.29
CA GLN A 177 20.80 2.91 -33.00
C GLN A 177 21.97 3.12 -32.05
N ASP A 178 22.86 2.13 -31.93
CA ASP A 178 23.98 2.18 -30.97
C ASP A 178 24.98 3.24 -31.44
N ARG A 179 25.20 3.41 -32.74
CA ARG A 179 26.11 4.45 -33.27
C ARG A 179 25.55 5.83 -32.89
N PHE A 180 24.24 6.02 -33.09
CA PHE A 180 23.56 7.29 -32.76
C PHE A 180 23.68 7.56 -31.26
N ALA A 181 23.45 6.55 -30.44
CA ALA A 181 23.50 6.68 -28.96
C ALA A 181 24.91 7.01 -28.51
N ALA A 182 25.92 6.32 -29.03
CA ALA A 182 27.33 6.58 -28.68
C ALA A 182 27.68 8.01 -29.06
N THR A 183 27.23 8.45 -30.23
CA THR A 183 27.51 9.80 -30.76
C THR A 183 26.82 10.82 -29.86
N SER A 184 25.60 10.56 -29.40
CA SER A 184 24.90 11.48 -28.48
C SER A 184 25.75 11.65 -27.21
N GLN A 185 26.24 10.55 -26.65
CA GLN A 185 27.07 10.57 -25.42
C GLN A 185 28.36 11.36 -25.69
N GLN A 186 29.03 11.09 -26.82
CA GLN A 186 30.34 11.70 -27.13
C GLN A 186 30.17 13.21 -27.34
N ARG A 187 29.14 13.60 -28.08
CA ARG A 187 28.85 15.03 -28.39
C ARG A 187 28.54 15.76 -27.09
N PHE A 188 27.71 15.14 -26.24
CA PHE A 188 27.27 15.76 -24.97
C PHE A 188 28.48 15.96 -24.05
N ALA A 189 29.30 14.91 -23.90
CA ALA A 189 30.45 14.94 -22.97
C ALA A 189 31.43 16.04 -23.41
N ALA A 190 31.72 16.15 -24.71
CA ALA A 190 32.69 17.13 -25.24
C ALA A 190 32.13 18.54 -25.01
N ALA A 191 30.86 18.77 -25.35
CA ALA A 191 30.20 20.09 -25.18
C ALA A 191 30.19 20.45 -23.69
N GLN A 192 29.85 19.50 -22.82
CA GLN A 192 29.82 19.74 -21.36
C GLN A 192 31.20 20.16 -20.87
N ALA A 193 32.24 19.42 -21.27
CA ALA A 193 33.64 19.65 -20.84
C ALA A 193 34.12 21.02 -21.34
N ALA A 194 33.64 21.46 -22.51
CA ALA A 194 33.97 22.76 -23.12
C ALA A 194 33.23 23.92 -22.43
N GLY A 195 32.32 23.64 -21.49
CA GLY A 195 31.57 24.64 -20.72
C GLY A 195 30.32 25.12 -21.44
N TRP A 196 29.88 24.43 -22.50
CA TRP A 196 28.81 24.96 -23.40
C TRP A 196 27.44 24.96 -22.72
N PHE A 197 27.27 24.24 -21.60
CA PHE A 197 25.97 24.17 -20.90
C PHE A 197 25.98 25.03 -19.64
N GLU A 198 27.08 25.70 -19.32
CA GLU A 198 27.16 26.49 -18.06
C GLU A 198 26.14 27.63 -18.07
N GLY A 199 25.98 28.33 -19.20
CA GLY A 199 25.13 29.53 -19.30
C GLY A 199 23.66 29.22 -19.05
N GLU A 200 23.18 28.05 -19.48
CA GLU A 200 21.74 27.70 -19.42
C GLU A 200 21.39 27.07 -18.06
N ILE A 201 22.38 26.54 -17.33
CA ILE A 201 22.15 25.76 -16.08
C ILE A 201 22.20 26.68 -14.86
N VAL A 202 21.21 26.54 -13.99
CA VAL A 202 21.20 27.20 -12.65
C VAL A 202 21.40 26.11 -11.61
N PRO A 203 22.36 26.28 -10.67
CA PRO A 203 22.64 25.24 -9.67
C PRO A 203 21.48 25.15 -8.68
N VAL A 204 21.25 23.97 -8.12
CA VAL A 204 20.22 23.74 -7.07
C VAL A 204 20.96 23.24 -5.82
N THR A 205 20.71 23.83 -4.67
CA THR A 205 21.29 23.36 -3.39
C THR A 205 20.34 22.35 -2.76
N ILE A 206 20.81 21.12 -2.55
CA ILE A 206 19.99 20.01 -1.98
C ILE A 206 20.48 19.81 -0.54
N THR A 207 19.56 19.94 0.42
CA THR A 207 19.85 19.81 1.88
C THR A 207 19.62 18.35 2.29
N THR A 208 20.64 17.73 2.88
CA THR A 208 20.66 16.30 3.32
C THR A 208 21.12 16.24 4.78
N ARG A 209 20.97 15.09 5.43
CA ARG A 209 21.40 14.78 6.84
C ARG A 209 21.69 16.08 7.61
N LYS A 210 22.98 16.43 7.78
CA LYS A 210 23.49 17.72 8.35
C LYS A 210 24.34 18.42 7.28
N GLY A 211 23.99 18.21 6.01
CA GLY A 211 24.82 18.55 4.84
C GLY A 211 24.05 19.18 3.70
N GLU A 212 24.80 19.89 2.85
CA GLU A 212 24.34 20.47 1.57
C GLU A 212 25.11 19.81 0.43
N THR A 213 24.44 19.60 -0.70
CA THR A 213 25.04 19.27 -2.01
C THR A 213 24.66 20.40 -2.97
N VAL A 214 25.65 21.06 -3.58
CA VAL A 214 25.39 22.01 -4.71
C VAL A 214 25.38 21.18 -5.99
N PHE A 215 24.18 20.99 -6.55
CA PHE A 215 23.98 20.24 -7.81
C PHE A 215 24.08 21.24 -8.97
N ALA A 216 25.18 21.18 -9.73
CA ALA A 216 25.58 22.27 -10.65
C ALA A 216 25.77 21.77 -12.09
N LYS A 217 25.82 20.47 -12.31
CA LYS A 217 26.19 19.88 -13.62
C LYS A 217 25.29 18.67 -13.87
N ASP A 218 24.92 18.43 -15.12
CA ASP A 218 24.14 17.23 -15.52
C ASP A 218 24.92 15.97 -15.08
N GLU A 219 24.23 14.97 -14.53
CA GLU A 219 24.90 13.79 -13.92
C GLU A 219 24.54 12.48 -14.63
N ALA A 220 23.60 12.46 -15.56
CA ALA A 220 23.01 11.21 -16.08
C ALA A 220 23.83 10.67 -17.25
N ASN A 221 24.77 11.45 -17.79
CA ASN A 221 25.48 11.08 -19.04
C ASN A 221 26.60 10.08 -18.74
N ARG A 222 27.01 9.33 -19.76
CA ARG A 222 28.08 8.30 -19.65
C ARG A 222 29.13 8.58 -20.72
N PRO A 223 30.14 9.43 -20.41
CA PRO A 223 31.12 9.88 -21.39
C PRO A 223 31.94 8.75 -22.02
N ASP A 224 32.06 7.63 -21.30
CA ASP A 224 32.90 6.48 -21.73
C ASP A 224 32.11 5.53 -22.64
N THR A 225 30.88 5.88 -23.03
CA THR A 225 30.03 5.02 -23.89
C THR A 225 30.72 4.75 -25.24
N THR A 226 30.73 3.50 -25.70
CA THR A 226 31.26 3.11 -27.03
C THR A 226 30.23 2.24 -27.75
N GLU A 227 30.30 2.18 -29.08
CA GLU A 227 29.49 1.26 -29.90
C GLU A 227 29.69 -0.18 -29.42
N ALA A 228 30.95 -0.56 -29.12
CA ALA A 228 31.29 -1.93 -28.69
C ALA A 228 30.55 -2.27 -27.39
N GLY A 229 30.59 -1.36 -26.41
CA GLY A 229 29.89 -1.54 -25.13
C GLY A 229 28.38 -1.65 -25.33
N LEU A 230 27.82 -0.79 -26.18
CA LEU A 230 26.35 -0.75 -26.40
C LEU A 230 25.88 -2.05 -27.05
N ALA A 231 26.71 -2.65 -27.90
CA ALA A 231 26.40 -3.89 -28.65
C ALA A 231 26.17 -5.04 -27.66
N LYS A 232 26.71 -4.96 -26.45
CA LYS A 232 26.62 -6.07 -25.46
C LYS A 232 25.29 -6.04 -24.72
N LEU A 233 24.54 -4.94 -24.76
CA LEU A 233 23.34 -4.78 -23.90
C LEU A 233 22.17 -5.63 -24.44
N ARG A 234 21.29 -6.05 -23.52
CA ARG A 234 20.11 -6.89 -23.84
C ARG A 234 18.95 -5.97 -24.20
N PRO A 235 18.08 -6.40 -25.14
CA PRO A 235 16.89 -5.63 -25.50
C PRO A 235 16.00 -5.45 -24.26
N ALA A 236 15.42 -4.27 -24.07
CA ALA A 236 14.68 -3.93 -22.84
C ALA A 236 13.18 -4.22 -22.99
N PHE A 237 12.62 -4.29 -24.20
CA PHE A 237 11.14 -4.21 -24.39
C PHE A 237 10.58 -5.40 -25.17
N ARG A 238 11.35 -6.00 -26.07
CA ARG A 238 10.96 -7.22 -26.80
C ARG A 238 12.15 -8.18 -26.85
N LYS A 239 11.88 -9.49 -26.79
CA LYS A 239 12.89 -10.54 -26.64
C LYS A 239 13.98 -10.36 -27.70
N ASP A 240 13.60 -10.17 -28.96
CA ASP A 240 14.62 -10.08 -30.05
C ASP A 240 14.56 -8.65 -30.57
N GLY A 241 14.36 -7.70 -29.65
CA GLY A 241 14.28 -6.26 -29.94
C GLY A 241 15.65 -5.63 -30.19
N THR A 242 15.64 -4.32 -30.43
CA THR A 242 16.85 -3.51 -30.73
C THR A 242 17.03 -2.43 -29.67
N ILE A 243 15.95 -2.04 -28.99
CA ILE A 243 16.01 -0.92 -28.00
C ILE A 243 16.52 -1.46 -26.67
N THR A 244 17.51 -0.78 -26.11
CA THR A 244 18.19 -1.19 -24.85
C THR A 244 18.21 -0.02 -23.88
N ALA A 245 18.72 -0.25 -22.68
CA ALA A 245 18.93 0.82 -21.69
C ALA A 245 19.97 1.82 -22.22
N GLY A 246 20.83 1.42 -23.16
CA GLY A 246 21.95 2.24 -23.65
C GLY A 246 21.59 3.13 -24.85
N ASN A 247 20.54 2.79 -25.60
CA ASN A 247 20.12 3.58 -26.79
C ASN A 247 18.78 4.25 -26.50
N ALA A 248 18.46 4.41 -25.23
CA ALA A 248 17.30 5.21 -24.74
C ALA A 248 17.76 6.02 -23.55
N PRO A 249 17.05 7.13 -23.25
CA PRO A 249 17.34 7.93 -22.07
C PRO A 249 16.91 7.21 -20.79
N GLY A 250 17.28 7.76 -19.64
CA GLY A 250 16.84 7.23 -18.33
C GLY A 250 15.51 7.79 -17.88
N LEU A 251 15.26 7.70 -16.58
CA LEU A 251 14.05 8.17 -15.89
C LEU A 251 14.45 9.36 -15.01
N ASN A 252 14.42 10.56 -15.57
CA ASN A 252 15.21 11.70 -15.07
C ASN A 252 14.35 12.76 -14.40
N ALA A 253 15.00 13.74 -13.78
CA ALA A 253 14.35 14.82 -13.02
C ALA A 253 14.95 16.15 -13.46
N GLY A 254 14.13 17.17 -13.55
CA GLY A 254 14.63 18.51 -13.88
C GLY A 254 13.51 19.48 -14.13
N ALA A 255 13.89 20.72 -14.40
CA ALA A 255 12.95 21.81 -14.68
C ALA A 255 13.63 22.82 -15.60
N ALA A 256 12.83 23.51 -16.40
CA ALA A 256 13.27 24.65 -17.22
C ALA A 256 12.13 25.65 -17.30
N ALA A 257 12.47 26.92 -17.48
CA ALA A 257 11.45 27.98 -17.59
C ALA A 257 12.06 29.16 -18.35
N MET A 258 11.18 29.97 -18.91
CA MET A 258 11.59 31.10 -19.74
C MET A 258 10.45 32.10 -19.76
N ILE A 259 10.79 33.32 -20.16
CA ILE A 259 9.82 34.42 -20.34
C ILE A 259 9.35 34.37 -21.80
N VAL A 260 8.04 34.43 -21.99
CA VAL A 260 7.42 34.53 -23.34
C VAL A 260 6.63 35.85 -23.35
N SER A 261 6.85 36.66 -24.38
CA SER A 261 6.24 38.01 -24.50
C SER A 261 6.38 38.47 -25.94
N SER A 262 5.71 39.56 -26.31
CA SER A 262 6.01 40.26 -27.57
C SER A 262 7.46 40.77 -27.47
N HIS A 263 8.10 40.97 -28.61
CA HIS A 263 9.43 41.62 -28.68
C HIS A 263 9.33 43.00 -28.02
N ALA A 264 8.28 43.76 -28.31
CA ALA A 264 8.09 45.13 -27.76
C ALA A 264 8.04 45.06 -26.23
N THR A 265 7.32 44.10 -25.66
CA THR A 265 7.20 43.95 -24.19
C THR A 265 8.58 43.63 -23.59
N ALA A 266 9.33 42.73 -24.22
CA ALA A 266 10.68 42.34 -23.75
C ALA A 266 11.57 43.60 -23.70
N THR A 267 11.61 44.35 -24.79
CA THR A 267 12.43 45.58 -24.91
C THR A 267 11.99 46.59 -23.85
N GLU A 268 10.68 46.80 -23.69
CA GLU A 268 10.09 47.74 -22.69
C GLU A 268 10.60 47.37 -21.29
N LEU A 269 10.71 46.08 -20.96
CA LEU A 269 11.04 45.60 -19.58
C LEU A 269 12.53 45.31 -19.43
N GLY A 270 13.36 45.66 -20.42
CA GLY A 270 14.82 45.54 -20.32
C GLY A 270 15.26 44.09 -20.37
N LEU A 271 14.48 43.21 -20.98
CA LEU A 271 14.87 41.81 -21.20
C LEU A 271 15.70 41.72 -22.48
N GLN A 272 16.47 40.65 -22.61
CA GLN A 272 17.33 40.36 -23.78
C GLN A 272 16.76 39.14 -24.50
N PRO A 273 15.85 39.31 -25.48
CA PRO A 273 15.27 38.17 -26.18
C PRO A 273 16.36 37.28 -26.78
N GLN A 274 16.15 35.96 -26.73
CA GLN A 274 17.09 34.93 -27.26
C GLN A 274 16.54 34.37 -28.57
N LEU A 275 15.24 34.12 -28.64
CA LEU A 275 14.61 33.46 -29.81
C LEU A 275 13.29 34.15 -30.17
N VAL A 276 12.99 34.21 -31.45
CA VAL A 276 11.64 34.54 -31.98
C VAL A 276 10.98 33.23 -32.36
N ILE A 277 9.73 33.06 -31.97
CA ILE A 277 8.92 31.89 -32.41
C ILE A 277 8.37 32.24 -33.80
N ARG A 278 8.90 31.57 -34.81
CA ARG A 278 8.55 31.83 -36.23
C ARG A 278 7.49 30.85 -36.69
N GLY A 279 7.33 29.71 -36.02
CA GLY A 279 6.38 28.68 -36.45
C GLY A 279 6.09 27.69 -35.37
N ILE A 280 4.86 27.19 -35.34
CA ILE A 280 4.42 26.16 -34.37
C ILE A 280 3.69 25.06 -35.14
N GLY A 281 4.00 23.81 -34.84
CA GLY A 281 3.33 22.64 -35.40
C GLY A 281 2.93 21.70 -34.28
N VAL A 282 1.67 21.29 -34.28
CA VAL A 282 1.17 20.21 -33.40
C VAL A 282 0.46 19.23 -34.31
N ALA A 283 0.90 17.98 -34.29
CA ALA A 283 0.36 16.91 -35.15
C ALA A 283 0.09 15.67 -34.33
N ALA A 284 -0.72 14.79 -34.90
CA ALA A 284 -1.04 13.48 -34.27
C ALA A 284 -1.03 12.40 -35.33
N VAL A 285 -0.66 11.20 -34.88
CA VAL A 285 -0.48 9.99 -35.70
C VAL A 285 -1.05 8.80 -34.90
N GLU A 286 -0.96 7.61 -35.47
CA GLU A 286 -1.27 6.35 -34.75
C GLU A 286 -0.49 6.30 -33.44
N PRO A 287 -1.14 6.05 -32.28
CA PRO A 287 -0.44 5.85 -31.01
C PRO A 287 0.75 4.91 -31.16
N GLY A 288 0.57 3.83 -31.92
CA GLY A 288 1.60 2.78 -32.11
C GLY A 288 2.84 3.28 -32.82
N LEU A 289 2.71 4.37 -33.60
CA LEU A 289 3.85 4.93 -34.38
C LEU A 289 4.14 6.35 -33.93
N PHE A 290 4.02 6.62 -32.62
CA PHE A 290 4.13 7.99 -32.05
C PHE A 290 5.51 8.57 -32.35
N GLY A 291 6.54 7.73 -32.52
CA GLY A 291 7.92 8.21 -32.78
C GLY A 291 8.00 8.99 -34.09
N PHE A 292 7.04 8.82 -35.00
CA PHE A 292 6.99 9.54 -36.30
C PHE A 292 6.42 10.95 -36.12
N GLY A 293 5.76 11.21 -34.99
CA GLY A 293 5.04 12.46 -34.72
C GLY A 293 5.78 13.73 -35.08
N PRO A 294 7.11 13.86 -34.81
CA PRO A 294 7.85 15.08 -35.14
C PRO A 294 7.79 15.44 -36.62
N VAL A 295 7.67 14.45 -37.49
CA VAL A 295 7.75 14.71 -38.96
C VAL A 295 6.60 15.63 -39.39
N PRO A 296 5.30 15.27 -39.24
CA PRO A 296 4.20 16.19 -39.58
C PRO A 296 4.26 17.48 -38.77
N ALA A 297 4.66 17.42 -37.49
CA ALA A 297 4.72 18.63 -36.64
C ALA A 297 5.78 19.59 -37.18
N ILE A 298 6.95 19.08 -37.54
CA ILE A 298 8.06 19.91 -38.10
C ILE A 298 7.57 20.53 -39.42
N LYS A 299 6.92 19.75 -40.29
CA LYS A 299 6.45 20.29 -41.58
C LYS A 299 5.47 21.45 -41.33
N LEU A 300 4.59 21.32 -40.33
CA LEU A 300 3.63 22.41 -40.01
C LEU A 300 4.39 23.65 -39.53
N ALA A 301 5.38 23.48 -38.64
CA ALA A 301 6.14 24.62 -38.07
C ALA A 301 6.93 25.31 -39.18
N LEU A 302 7.59 24.55 -40.05
CA LEU A 302 8.37 25.10 -41.18
C LEU A 302 7.43 25.88 -42.11
N ALA A 303 6.26 25.33 -42.43
CA ALA A 303 5.26 26.01 -43.29
C ALA A 303 4.90 27.37 -42.68
N GLN A 304 4.63 27.44 -41.37
CA GLN A 304 4.26 28.72 -40.71
C GLN A 304 5.45 29.70 -40.82
N ALA A 305 6.68 29.23 -40.66
CA ALA A 305 7.88 30.10 -40.72
C ALA A 305 8.27 30.43 -42.17
N GLN A 306 7.67 29.73 -43.15
CA GLN A 306 8.05 29.79 -44.59
C GLN A 306 9.52 29.40 -44.74
N TRP A 307 9.95 28.34 -44.06
CA TRP A 307 11.29 27.73 -44.15
C TRP A 307 11.20 26.35 -44.76
N GLN A 308 12.30 25.90 -45.35
CA GLN A 308 12.50 24.49 -45.71
C GLN A 308 13.60 23.91 -44.82
N VAL A 309 13.70 22.59 -44.81
CA VAL A 309 14.67 21.83 -44.00
C VAL A 309 16.07 22.41 -44.21
N GLN A 310 16.46 22.71 -45.46
CA GLN A 310 17.87 23.12 -45.78
C GLN A 310 18.14 24.54 -45.25
N ASP A 311 17.11 25.29 -44.85
CA ASP A 311 17.26 26.67 -44.31
C ASP A 311 17.64 26.62 -42.82
N VAL A 312 17.52 25.47 -42.17
CA VAL A 312 17.62 25.36 -40.67
C VAL A 312 19.07 25.01 -40.30
N ASP A 313 19.67 25.80 -39.42
CA ASP A 313 21.07 25.60 -38.96
C ASP A 313 21.14 24.38 -38.04
N ARG A 314 20.17 24.19 -37.15
CA ARG A 314 20.17 22.97 -36.30
C ARG A 314 18.75 22.53 -35.96
N PHE A 315 18.59 21.21 -35.96
CA PHE A 315 17.40 20.51 -35.45
C PHE A 315 17.75 19.96 -34.07
N GLU A 316 16.85 20.18 -33.12
CA GLU A 316 16.93 19.64 -31.75
C GLU A 316 15.67 18.81 -31.56
N VAL A 317 15.77 17.51 -31.83
CA VAL A 317 14.63 16.55 -31.82
C VAL A 317 14.86 15.60 -30.64
N ASN A 318 13.90 15.51 -29.74
CA ASN A 318 14.09 14.75 -28.48
C ASN A 318 14.45 13.29 -28.81
N GLU A 319 15.52 12.79 -28.19
CA GLU A 319 15.99 11.39 -28.34
C GLU A 319 15.18 10.48 -27.42
N ALA A 320 13.87 10.36 -27.65
CA ALA A 320 13.00 9.46 -26.85
C ALA A 320 13.62 8.07 -26.89
N PHE A 321 14.09 7.73 -28.09
CA PHE A 321 14.90 6.52 -28.41
C PHE A 321 15.87 6.91 -29.51
N ALA A 322 17.03 6.28 -29.61
CA ALA A 322 17.92 6.50 -30.76
C ALA A 322 17.13 6.29 -32.05
N ALA A 323 16.27 5.27 -32.08
CA ALA A 323 15.46 4.91 -33.27
C ALA A 323 14.61 6.08 -33.72
N VAL A 324 14.02 6.83 -32.78
CA VAL A 324 13.17 8.01 -33.13
C VAL A 324 14.05 9.10 -33.76
N GLY A 325 15.21 9.38 -33.20
CA GLY A 325 16.13 10.39 -33.75
C GLY A 325 16.48 10.05 -35.19
N LEU A 326 16.83 8.78 -35.45
CA LEU A 326 17.27 8.34 -36.79
C LEU A 326 16.10 8.46 -37.79
N VAL A 327 14.92 8.00 -37.39
CA VAL A 327 13.75 7.99 -38.30
C VAL A 327 13.43 9.45 -38.68
N VAL A 328 13.39 10.35 -37.70
CA VAL A 328 13.01 11.76 -37.98
C VAL A 328 14.08 12.41 -38.84
N ARG A 329 15.35 12.28 -38.46
CA ARG A 329 16.49 12.85 -39.20
C ARG A 329 16.42 12.39 -40.65
N ASP A 330 16.30 11.10 -40.89
CA ASP A 330 16.47 10.52 -42.24
C ASP A 330 15.20 10.76 -43.07
N GLU A 331 14.03 10.77 -42.46
CA GLU A 331 12.76 11.06 -43.18
C GLU A 331 12.83 12.51 -43.72
N LEU A 332 13.37 13.45 -42.97
CA LEU A 332 13.42 14.88 -43.35
C LEU A 332 14.71 15.19 -44.14
N GLY A 333 15.65 14.25 -44.23
CA GLY A 333 16.90 14.43 -44.98
C GLY A 333 17.83 15.43 -44.30
N ILE A 334 17.79 15.52 -42.96
CA ILE A 334 18.61 16.49 -42.20
C ILE A 334 20.06 16.00 -42.17
N ALA A 335 21.00 16.91 -42.37
CA ALA A 335 22.45 16.59 -42.31
C ALA A 335 22.78 16.10 -40.91
N PRO A 336 23.51 14.97 -40.77
CA PRO A 336 23.80 14.40 -39.45
C PRO A 336 24.51 15.40 -38.51
N GLU A 337 25.35 16.28 -39.06
CA GLU A 337 26.14 17.23 -38.24
C GLU A 337 25.22 18.37 -37.75
N ARG A 338 23.98 18.47 -38.24
CA ARG A 338 23.02 19.54 -37.86
C ARG A 338 21.86 19.00 -37.02
N PHE A 339 21.96 17.73 -36.61
CA PHE A 339 20.89 17.04 -35.85
C PHE A 339 21.39 16.73 -34.44
N ASN A 340 20.78 17.32 -33.41
CA ASN A 340 21.18 17.11 -31.99
C ASN A 340 22.68 17.30 -31.85
N VAL A 341 23.11 18.50 -32.20
CA VAL A 341 24.54 18.86 -32.47
C VAL A 341 25.38 18.63 -31.21
N ASP A 342 24.83 18.97 -30.05
CA ASP A 342 25.57 18.93 -28.76
C ASP A 342 25.09 17.75 -27.92
N GLY A 343 24.52 16.73 -28.56
CA GLY A 343 23.98 15.55 -27.87
C GLY A 343 22.55 15.77 -27.41
N GLY A 344 21.91 14.70 -26.99
CA GLY A 344 20.48 14.72 -26.62
C GLY A 344 20.20 13.87 -25.40
N ALA A 345 18.93 13.51 -25.23
CA ALA A 345 18.37 12.93 -24.01
C ALA A 345 19.03 11.58 -23.72
N ILE A 346 19.54 10.85 -24.71
CA ILE A 346 20.23 9.57 -24.40
C ILE A 346 21.34 9.88 -23.39
N ALA A 347 22.06 10.97 -23.61
CA ALA A 347 23.14 11.43 -22.70
C ALA A 347 22.53 12.15 -21.48
N HIS A 348 21.81 13.25 -21.67
CA HIS A 348 21.50 14.18 -20.55
C HIS A 348 20.26 13.73 -19.78
N GLY A 349 19.37 12.95 -20.39
CA GLY A 349 18.15 12.49 -19.71
C GLY A 349 16.89 13.11 -20.27
N HIS A 350 15.75 12.49 -19.95
CA HIS A 350 14.41 12.85 -20.47
C HIS A 350 13.44 12.99 -19.29
N PRO A 351 13.51 14.10 -18.52
CA PRO A 351 12.56 14.40 -17.45
C PRO A 351 11.24 14.88 -18.10
N ILE A 352 10.39 13.91 -18.44
CA ILE A 352 9.29 13.99 -19.45
C ILE A 352 8.73 15.41 -19.59
N GLY A 353 8.00 15.91 -18.59
CA GLY A 353 7.26 17.16 -18.73
C GLY A 353 8.14 18.39 -18.83
N ALA A 354 9.41 18.29 -18.46
CA ALA A 354 10.39 19.39 -18.56
C ALA A 354 11.15 19.36 -19.89
N THR A 355 11.26 18.20 -20.54
CA THR A 355 12.22 18.03 -21.67
C THR A 355 11.99 19.06 -22.76
N GLY A 356 10.74 19.32 -23.14
CA GLY A 356 10.43 20.31 -24.20
C GLY A 356 10.96 21.68 -23.84
N ALA A 357 10.85 22.09 -22.57
CA ALA A 357 11.35 23.40 -22.10
C ALA A 357 12.89 23.35 -22.06
N ILE A 358 13.45 22.21 -21.70
CA ILE A 358 14.93 22.02 -21.68
C ILE A 358 15.48 22.17 -23.10
N LEU A 359 14.82 21.60 -24.11
CA LEU A 359 15.33 21.66 -25.50
C LEU A 359 15.23 23.10 -26.01
N LEU A 360 14.16 23.83 -25.70
CA LEU A 360 14.03 25.25 -26.10
C LEU A 360 15.18 26.02 -25.44
N THR A 361 15.45 25.75 -24.16
CA THR A 361 16.52 26.42 -23.39
C THR A 361 17.86 26.10 -24.05
N LYS A 362 18.12 24.84 -24.36
CA LYS A 362 19.41 24.43 -25.01
C LYS A 362 19.61 25.25 -26.29
N VAL A 363 18.60 25.31 -27.14
CA VAL A 363 18.72 25.98 -28.46
C VAL A 363 18.91 27.48 -28.26
N ALA A 364 18.24 28.10 -27.29
CA ALA A 364 18.40 29.54 -27.02
C ALA A 364 19.89 29.84 -26.78
N HIS A 365 20.56 29.02 -25.98
CA HIS A 365 21.97 29.27 -25.57
C HIS A 365 22.93 28.85 -26.69
N ALA A 366 22.62 27.77 -27.43
CA ALA A 366 23.49 27.28 -28.53
C ALA A 366 23.51 28.30 -29.67
N LEU A 367 22.36 28.89 -30.03
CA LEU A 367 22.35 29.90 -31.14
C LEU A 367 23.14 31.13 -30.67
N ARG A 368 23.01 31.53 -29.41
CA ARG A 368 23.78 32.71 -28.89
C ARG A 368 25.28 32.45 -29.04
N ARG A 369 25.73 31.25 -28.68
CA ARG A 369 27.17 30.87 -28.74
C ARG A 369 27.66 30.78 -30.19
N THR A 370 26.92 30.11 -31.07
CA THR A 370 27.39 29.78 -32.44
C THR A 370 27.08 30.90 -33.44
N SER A 371 26.16 31.81 -33.12
CA SER A 371 25.59 32.83 -34.04
C SER A 371 24.80 32.16 -35.18
N GLU A 372 24.44 30.88 -35.04
CA GLU A 372 23.47 30.24 -35.97
C GLU A 372 22.14 31.03 -35.92
N ARG A 373 21.41 31.06 -37.01
CA ARG A 373 20.22 31.94 -37.16
C ARG A 373 18.93 31.16 -36.87
N ARG A 374 18.82 29.92 -37.37
CA ARG A 374 17.53 29.22 -37.44
C ARG A 374 17.62 27.81 -36.83
N ALA A 375 16.64 27.47 -36.01
CA ALA A 375 16.59 26.17 -35.31
C ALA A 375 15.16 25.67 -35.29
N VAL A 376 15.02 24.36 -35.20
CA VAL A 376 13.71 23.70 -34.93
C VAL A 376 13.90 22.81 -33.72
N VAL A 377 13.00 22.96 -32.73
CA VAL A 377 12.87 22.05 -31.56
C VAL A 377 11.65 21.19 -31.82
N SER A 378 11.77 19.87 -31.67
CA SER A 378 10.61 18.98 -31.83
C SER A 378 10.71 17.79 -30.90
N LEU A 379 9.55 17.31 -30.43
CA LEU A 379 9.47 16.09 -29.58
C LEU A 379 8.35 15.21 -30.10
N CYS A 380 8.61 13.91 -30.18
CA CYS A 380 7.53 12.90 -30.33
C CYS A 380 6.82 12.80 -28.99
N ILE A 381 5.59 12.33 -29.02
CA ILE A 381 4.71 12.36 -27.82
C ILE A 381 3.97 11.02 -27.71
N GLY A 382 4.08 10.37 -26.56
CA GLY A 382 3.32 9.14 -26.28
C GLY A 382 1.85 9.37 -26.52
N GLY A 383 1.18 8.38 -27.10
CA GLY A 383 -0.23 8.51 -27.52
C GLY A 383 -0.34 8.93 -28.98
N GLY A 384 0.79 9.23 -29.65
CA GLY A 384 0.80 9.50 -31.09
C GLY A 384 0.66 10.98 -31.39
N GLN A 385 1.54 11.82 -30.85
CA GLN A 385 1.52 13.25 -31.18
C GLN A 385 2.95 13.72 -31.46
N GLY A 386 3.05 14.95 -31.97
CA GLY A 386 4.31 15.63 -32.21
C GLY A 386 4.13 17.11 -31.99
N ILE A 387 5.16 17.76 -31.46
CA ILE A 387 5.16 19.23 -31.30
C ILE A 387 6.49 19.74 -31.87
N ALA A 388 6.44 20.87 -32.55
CA ALA A 388 7.63 21.52 -33.14
C ALA A 388 7.49 23.04 -33.03
N LEU A 389 8.62 23.70 -32.79
CA LEU A 389 8.71 25.18 -32.88
C LEU A 389 9.89 25.50 -33.81
N ALA A 390 9.63 26.36 -34.78
CA ALA A 390 10.65 26.99 -35.63
C ALA A 390 11.07 28.29 -34.93
N LEU A 391 12.37 28.46 -34.70
CA LEU A 391 12.93 29.50 -33.82
C LEU A 391 14.06 30.24 -34.53
N GLU A 392 14.10 31.56 -34.37
CA GLU A 392 15.15 32.38 -34.99
C GLU A 392 15.89 33.14 -33.89
N ARG A 393 17.22 33.16 -33.97
CA ARG A 393 18.07 33.94 -33.03
C ARG A 393 17.68 35.41 -33.13
N VAL A 394 17.58 36.05 -31.97
CA VAL A 394 17.48 37.52 -31.85
C VAL A 394 18.88 38.05 -31.53
N LYS A 395 19.33 39.06 -32.28
CA LYS A 395 20.63 39.78 -32.10
C LYS A 395 20.72 40.44 -30.72
N ASP B 4 -13.46 38.51 -35.28
CA ASP B 4 -14.46 37.41 -35.44
C ASP B 4 -14.98 36.98 -34.08
N GLU B 5 -16.28 36.74 -33.96
CA GLU B 5 -16.89 36.21 -32.73
C GLU B 5 -16.43 34.77 -32.55
N ILE B 6 -16.00 34.38 -31.35
CA ILE B 6 -15.75 32.96 -30.99
C ILE B 6 -16.99 32.44 -30.28
N VAL B 7 -17.53 31.32 -30.75
CA VAL B 7 -18.82 30.80 -30.26
C VAL B 7 -18.68 29.37 -29.76
N ILE B 8 -19.59 29.04 -28.86
CA ILE B 8 -19.81 27.68 -28.30
C ILE B 8 -21.02 27.08 -29.03
N SER B 9 -20.89 25.87 -29.54
CA SER B 9 -21.97 25.11 -30.19
C SER B 9 -22.08 23.71 -29.55
N SER B 10 -23.28 23.14 -29.55
CA SER B 10 -23.54 21.73 -29.17
C SER B 10 -22.96 21.41 -27.79
N ALA B 11 -23.14 22.28 -26.81
CA ALA B 11 -22.69 21.99 -25.42
C ALA B 11 -23.56 20.84 -24.89
N LEU B 12 -22.91 19.79 -24.38
CA LEU B 12 -23.61 18.59 -23.84
C LEU B 12 -22.87 18.08 -22.61
N ARG B 13 -23.59 17.39 -21.73
CA ARG B 13 -22.99 16.84 -20.49
C ARG B 13 -23.65 15.51 -20.17
N THR B 14 -22.95 14.69 -19.40
CA THR B 14 -23.54 13.51 -18.75
C THR B 14 -24.41 14.01 -17.60
N PRO B 15 -25.30 13.15 -17.05
CA PRO B 15 -25.91 13.40 -15.76
C PRO B 15 -24.72 13.33 -14.79
N ILE B 16 -24.86 13.91 -13.60
CA ILE B 16 -23.75 13.92 -12.61
C ILE B 16 -24.01 12.81 -11.58
N GLY B 17 -23.02 11.96 -11.38
CA GLY B 17 -23.08 10.84 -10.44
C GLY B 17 -22.75 11.27 -9.02
N ALA B 18 -23.35 10.62 -8.06
CA ALA B 18 -23.07 10.78 -6.61
C ALA B 18 -21.79 10.01 -6.26
N PHE B 19 -21.15 10.39 -5.15
CA PHE B 19 -20.03 9.61 -4.60
C PHE B 19 -20.52 8.18 -4.33
N SER B 20 -19.78 7.19 -4.80
CA SER B 20 -20.15 5.74 -4.70
C SER B 20 -21.47 5.48 -5.42
N GLY B 21 -21.80 6.32 -6.40
CA GLY B 21 -23.08 6.26 -7.14
C GLY B 21 -22.95 5.54 -8.47
N THR B 22 -23.78 5.91 -9.45
CA THR B 22 -23.97 5.13 -10.69
C THR B 22 -22.67 5.09 -11.50
N LEU B 23 -21.83 6.14 -11.44
CA LEU B 23 -20.64 6.24 -12.33
C LEU B 23 -19.39 5.78 -11.58
N LYS B 24 -19.50 5.17 -10.40
CA LYS B 24 -18.33 4.89 -9.55
C LYS B 24 -17.30 3.99 -10.27
N ASP B 25 -17.71 3.15 -11.22
CA ASP B 25 -16.77 2.21 -11.92
C ASP B 25 -16.48 2.68 -13.35
N THR B 26 -16.85 3.91 -13.71
CA THR B 26 -16.69 4.43 -15.09
C THR B 26 -15.63 5.54 -15.12
N PRO B 27 -14.42 5.27 -15.67
CA PRO B 27 -13.35 6.28 -15.70
C PRO B 27 -13.83 7.62 -16.27
N ALA B 28 -13.27 8.70 -15.74
CA ALA B 28 -13.50 10.09 -16.22
C ALA B 28 -13.31 10.15 -17.74
N ALA B 29 -12.25 9.52 -18.25
CA ALA B 29 -11.92 9.56 -19.69
C ALA B 29 -13.06 8.91 -20.50
N ALA B 30 -13.68 7.85 -19.96
CA ALA B 30 -14.79 7.14 -20.65
C ALA B 30 -16.03 8.04 -20.68
N LEU B 31 -16.27 8.78 -19.60
CA LEU B 31 -17.39 9.75 -19.57
C LEU B 31 -17.17 10.82 -20.65
N GLY B 32 -15.95 11.39 -20.76
CA GLY B 32 -15.68 12.39 -21.80
C GLY B 32 -15.82 11.79 -23.20
N ALA B 33 -15.29 10.59 -23.41
CA ALA B 33 -15.39 9.88 -24.71
C ALA B 33 -16.85 9.78 -25.13
N HIS B 34 -17.72 9.42 -24.19
CA HIS B 34 -19.16 9.23 -24.45
C HIS B 34 -19.79 10.55 -24.92
N VAL B 35 -19.47 11.66 -24.25
CA VAL B 35 -20.03 12.98 -24.64
C VAL B 35 -19.53 13.35 -26.02
N VAL B 36 -18.24 13.17 -26.28
CA VAL B 36 -17.64 13.54 -27.58
C VAL B 36 -18.29 12.70 -28.69
N LYS B 37 -18.43 11.41 -28.48
CA LYS B 37 -19.04 10.50 -29.48
C LYS B 37 -20.46 11.00 -29.78
N THR B 38 -21.23 11.32 -28.74
CA THR B 38 -22.64 11.75 -28.88
C THR B 38 -22.67 13.08 -29.63
N LEU B 39 -21.80 14.01 -29.25
CA LEU B 39 -21.70 15.35 -29.89
C LEU B 39 -21.46 15.18 -31.40
N LEU B 40 -20.52 14.31 -31.79
CA LEU B 40 -20.20 14.09 -33.23
C LEU B 40 -21.41 13.47 -33.93
N GLU B 41 -22.08 12.51 -33.30
CA GLU B 41 -23.23 11.79 -33.90
C GLU B 41 -24.35 12.81 -34.14
N ARG B 42 -24.66 13.64 -33.15
CA ARG B 42 -25.82 14.55 -33.24
C ARG B 42 -25.55 15.69 -34.22
N THR B 43 -24.38 16.30 -34.18
CA THR B 43 -24.04 17.47 -35.04
C THR B 43 -23.77 17.01 -36.47
N GLY B 44 -23.29 15.78 -36.67
CA GLY B 44 -22.78 15.31 -37.97
C GLY B 44 -21.50 16.06 -38.36
N LEU B 45 -20.83 16.72 -37.43
CA LEU B 45 -19.57 17.45 -37.70
C LEU B 45 -18.56 16.50 -38.35
N ALA B 46 -17.95 16.92 -39.46
CA ALA B 46 -16.86 16.17 -40.11
C ALA B 46 -15.73 16.03 -39.11
N PRO B 47 -15.36 14.79 -38.71
CA PRO B 47 -14.31 14.60 -37.69
C PRO B 47 -12.97 15.24 -38.09
N GLU B 48 -12.69 15.32 -39.39
CA GLU B 48 -11.43 15.91 -39.93
C GLU B 48 -11.37 17.41 -39.66
N ARG B 49 -12.50 18.04 -39.33
CA ARG B 49 -12.55 19.51 -39.09
C ARG B 49 -12.24 19.79 -37.61
N VAL B 50 -12.01 18.78 -36.79
CA VAL B 50 -11.62 18.99 -35.36
C VAL B 50 -10.10 19.15 -35.33
N ASP B 51 -9.62 20.32 -34.91
CA ASP B 51 -8.17 20.64 -34.96
C ASP B 51 -7.50 20.19 -33.67
N GLU B 52 -8.26 20.08 -32.58
CA GLU B 52 -7.71 19.79 -31.24
C GLU B 52 -8.85 19.43 -30.29
N VAL B 53 -8.57 18.56 -29.34
CA VAL B 53 -9.45 18.28 -28.18
C VAL B 53 -8.71 18.74 -26.93
N VAL B 54 -9.31 19.62 -26.17
CA VAL B 54 -8.73 20.10 -24.88
C VAL B 54 -9.69 19.69 -23.77
N MET B 55 -9.19 18.97 -22.76
CA MET B 55 -10.04 18.49 -21.64
C MET B 55 -9.40 18.90 -20.33
N GLY B 56 -10.22 19.45 -19.44
CA GLY B 56 -9.85 19.67 -18.04
C GLY B 56 -9.96 18.37 -17.27
N ASN B 57 -9.04 18.13 -16.35
CA ASN B 57 -9.07 16.95 -15.46
C ASN B 57 -8.11 17.26 -14.32
N VAL B 58 -8.59 17.18 -13.08
CA VAL B 58 -7.74 17.58 -11.93
C VAL B 58 -7.03 16.34 -11.37
N LEU B 59 -7.80 15.28 -11.12
CA LEU B 59 -7.23 14.06 -10.50
C LEU B 59 -6.78 13.14 -11.63
N GLN B 60 -5.64 13.47 -12.23
CA GLN B 60 -5.13 12.72 -13.41
C GLN B 60 -4.49 11.40 -12.94
N ALA B 61 -4.18 11.26 -11.65
CA ALA B 61 -3.51 10.06 -11.10
C ALA B 61 -4.27 8.80 -11.51
N GLY B 62 -3.58 7.89 -12.17
CA GLY B 62 -4.14 6.55 -12.49
C GLY B 62 -5.06 6.58 -13.70
N ASN B 63 -5.29 7.73 -14.33
CA ASN B 63 -6.23 7.83 -15.47
C ASN B 63 -5.53 7.44 -16.77
N GLY B 64 -4.23 7.15 -16.73
CA GLY B 64 -3.51 6.73 -17.93
C GLY B 64 -2.97 7.94 -18.68
N MET B 65 -2.14 7.67 -19.69
CA MET B 65 -1.42 8.73 -20.43
C MET B 65 -2.43 9.70 -21.06
N ASN B 66 -2.40 10.98 -20.69
CA ASN B 66 -3.07 12.11 -21.36
C ASN B 66 -4.56 11.84 -21.52
N VAL B 67 -5.34 12.14 -20.48
CA VAL B 67 -6.82 11.95 -20.47
C VAL B 67 -7.46 12.53 -21.75
N ALA B 68 -7.08 13.73 -22.18
CA ALA B 68 -7.71 14.40 -23.35
C ALA B 68 -7.57 13.50 -24.60
N ARG B 69 -6.41 12.85 -24.78
CA ARG B 69 -6.16 11.98 -25.97
C ARG B 69 -7.04 10.75 -25.89
N GLN B 70 -7.26 10.21 -24.69
CA GLN B 70 -8.18 9.07 -24.48
C GLN B 70 -9.61 9.50 -24.81
N VAL B 71 -10.03 10.65 -24.32
CA VAL B 71 -11.38 11.19 -24.63
C VAL B 71 -11.56 11.29 -26.14
N ALA B 72 -10.55 11.83 -26.84
CA ALA B 72 -10.61 12.08 -28.30
C ALA B 72 -10.69 10.75 -29.05
N VAL B 73 -9.74 9.85 -28.80
CA VAL B 73 -9.61 8.59 -29.58
C VAL B 73 -10.77 7.66 -29.22
N ASN B 74 -11.09 7.51 -27.94
CA ASN B 74 -12.19 6.60 -27.51
C ASN B 74 -13.54 7.24 -27.88
N GLY B 75 -13.57 8.55 -28.11
CA GLY B 75 -14.77 9.29 -28.57
C GLY B 75 -15.01 9.13 -30.06
N GLY B 76 -14.08 8.47 -30.79
CA GLY B 76 -14.24 8.12 -32.21
C GLY B 76 -13.53 9.08 -33.15
N LEU B 77 -12.80 10.09 -32.66
CA LEU B 77 -12.09 11.03 -33.55
C LEU B 77 -10.89 10.33 -34.17
N PRO B 78 -10.51 10.70 -35.41
CA PRO B 78 -9.34 10.14 -36.07
C PRO B 78 -8.08 10.35 -35.22
N VAL B 79 -7.12 9.43 -35.33
CA VAL B 79 -5.87 9.51 -34.54
C VAL B 79 -5.10 10.78 -34.93
N ALA B 80 -5.37 11.37 -36.10
CA ALA B 80 -4.67 12.61 -36.55
C ALA B 80 -5.11 13.85 -35.74
N VAL B 81 -6.14 13.76 -34.90
CA VAL B 81 -6.57 14.92 -34.07
C VAL B 81 -5.73 14.98 -32.80
N PRO B 82 -4.91 16.05 -32.60
CA PRO B 82 -4.15 16.25 -31.37
C PRO B 82 -5.05 16.52 -30.16
N ALA B 83 -4.53 16.35 -28.95
CA ALA B 83 -5.31 16.52 -27.70
C ALA B 83 -4.37 16.78 -26.55
N HIS B 84 -4.76 17.63 -25.61
CA HIS B 84 -4.00 17.82 -24.36
C HIS B 84 -4.93 18.14 -23.21
N THR B 85 -4.42 17.90 -22.00
CA THR B 85 -5.17 17.96 -20.73
C THR B 85 -4.70 19.20 -19.97
N VAL B 86 -5.64 19.99 -19.46
CA VAL B 86 -5.35 21.22 -18.69
C VAL B 86 -5.82 21.03 -17.26
N ASN B 87 -5.13 21.69 -16.34
CA ASN B 87 -5.43 21.62 -14.89
C ASN B 87 -5.30 23.02 -14.31
N ARG B 88 -6.42 23.68 -14.08
CA ARG B 88 -6.51 24.87 -13.20
C ARG B 88 -7.55 24.51 -12.13
N VAL B 89 -7.34 23.35 -11.51
CA VAL B 89 -8.18 22.74 -10.44
C VAL B 89 -9.67 22.93 -10.79
N CYS B 90 -10.46 23.53 -9.90
CA CYS B 90 -11.93 23.67 -10.03
C CYS B 90 -12.32 24.38 -11.34
N GLY B 91 -11.43 25.20 -11.90
CA GLY B 91 -11.72 25.97 -13.13
C GLY B 91 -11.39 25.21 -14.41
N SER B 92 -10.90 23.98 -14.33
CA SER B 92 -10.26 23.25 -15.46
C SER B 92 -11.23 23.10 -16.64
N GLY B 93 -12.50 22.83 -16.39
CA GLY B 93 -13.49 22.61 -17.46
C GLY B 93 -13.81 23.89 -18.20
N ALA B 94 -13.76 25.03 -17.52
CA ALA B 94 -13.90 26.36 -18.15
C ALA B 94 -12.57 26.72 -18.82
N GLN B 95 -11.45 26.38 -18.19
CA GLN B 95 -10.12 26.67 -18.75
C GLN B 95 -10.02 26.03 -20.14
N ALA B 96 -10.53 24.82 -20.32
CA ALA B 96 -10.42 24.11 -21.62
C ALA B 96 -11.03 24.99 -22.72
N VAL B 97 -12.12 25.68 -22.41
CA VAL B 97 -12.82 26.57 -23.38
C VAL B 97 -11.98 27.84 -23.59
N VAL B 98 -11.36 28.39 -22.54
CA VAL B 98 -10.46 29.56 -22.67
C VAL B 98 -9.25 29.17 -23.52
N THR B 99 -8.67 28.00 -23.26
CA THR B 99 -7.54 27.46 -24.06
C THR B 99 -7.97 27.41 -25.54
N ALA B 100 -9.14 26.87 -25.82
CA ALA B 100 -9.70 26.75 -27.20
C ALA B 100 -9.79 28.14 -27.83
N TYR B 101 -10.42 29.09 -27.12
CA TYR B 101 -10.55 30.49 -27.56
C TYR B 101 -9.17 31.04 -27.97
N ALA B 102 -8.18 30.89 -27.10
CA ALA B 102 -6.81 31.40 -27.35
C ALA B 102 -6.21 30.75 -28.60
N GLN B 103 -6.40 29.45 -28.78
CA GLN B 103 -5.85 28.73 -29.96
C GLN B 103 -6.51 29.28 -31.23
N ILE B 104 -7.81 29.56 -31.19
CA ILE B 104 -8.54 30.01 -32.40
C ILE B 104 -8.14 31.46 -32.70
N ARG B 105 -8.15 32.32 -31.68
CA ARG B 105 -7.85 33.76 -31.87
C ARG B 105 -6.40 33.94 -32.34
N SER B 106 -5.50 33.06 -31.94
CA SER B 106 -4.05 33.15 -32.27
C SER B 106 -3.76 32.44 -33.60
N GLY B 107 -4.77 31.79 -34.20
CA GLY B 107 -4.63 31.13 -35.51
C GLY B 107 -4.02 29.74 -35.42
N LEU B 108 -3.83 29.16 -34.22
CA LEU B 108 -3.25 27.79 -34.08
C LEU B 108 -4.32 26.75 -34.44
N SER B 109 -5.60 27.07 -34.27
CA SER B 109 -6.73 26.15 -34.48
C SER B 109 -7.87 26.92 -35.16
N ASN B 110 -8.75 26.24 -35.88
CA ASN B 110 -10.03 26.81 -36.36
C ASN B 110 -11.21 26.25 -35.56
N LEU B 111 -11.13 25.01 -35.09
CA LEU B 111 -12.26 24.37 -34.37
C LEU B 111 -11.69 23.42 -33.33
N VAL B 112 -12.17 23.56 -32.10
CA VAL B 112 -11.68 22.78 -30.94
C VAL B 112 -12.89 22.15 -30.25
N ILE B 113 -12.77 20.89 -29.83
CA ILE B 113 -13.75 20.31 -28.88
C ILE B 113 -13.13 20.47 -27.49
N ALA B 114 -13.80 21.21 -26.62
CA ALA B 114 -13.29 21.59 -25.30
C ALA B 114 -14.28 21.14 -24.23
N GLY B 115 -13.76 20.64 -23.11
CA GLY B 115 -14.63 20.31 -21.98
C GLY B 115 -13.83 19.86 -20.79
N GLY B 116 -14.43 19.02 -19.97
CA GLY B 116 -13.74 18.51 -18.78
C GLY B 116 -14.40 17.24 -18.30
N VAL B 117 -13.64 16.49 -17.51
CA VAL B 117 -14.04 15.15 -17.00
C VAL B 117 -13.54 15.04 -15.56
N GLU B 118 -14.28 14.31 -14.74
CA GLU B 118 -13.79 13.97 -13.40
C GLU B 118 -14.61 12.80 -12.86
N ASN B 119 -13.95 11.97 -12.08
CA ASN B 119 -14.62 10.88 -11.34
C ASN B 119 -13.88 10.72 -10.03
N MET B 120 -14.46 11.20 -8.94
CA MET B 120 -13.73 11.27 -7.66
C MET B 120 -13.63 9.87 -7.03
N ASP B 121 -14.63 8.99 -7.21
CA ASP B 121 -14.49 7.58 -6.76
C ASP B 121 -13.26 6.95 -7.41
N GLN B 122 -13.02 7.25 -8.68
CA GLN B 122 -11.97 6.59 -9.49
C GLN B 122 -10.58 7.14 -9.13
N ALA B 123 -10.48 8.22 -8.37
CA ALA B 123 -9.16 8.69 -7.89
C ALA B 123 -8.54 7.60 -7.00
N PRO B 124 -7.29 7.18 -7.28
CA PRO B 124 -6.62 6.14 -6.51
C PRO B 124 -6.07 6.68 -5.18
N TYR B 125 -5.63 5.78 -4.34
CA TYR B 125 -4.73 6.10 -3.20
C TYR B 125 -3.31 6.08 -3.74
N LEU B 126 -2.45 6.87 -3.11
CA LEU B 126 -1.03 7.06 -3.48
C LEU B 126 -0.15 6.50 -2.38
N MET B 127 0.96 5.87 -2.75
CA MET B 127 1.97 5.42 -1.77
C MET B 127 3.30 6.06 -2.14
N PRO B 128 3.58 7.27 -1.63
CA PRO B 128 4.83 7.98 -1.89
C PRO B 128 6.09 7.19 -1.53
N SER B 129 6.01 6.31 -0.53
CA SER B 129 7.22 5.61 -0.01
C SER B 129 7.40 4.23 -0.66
N LEU B 130 6.51 3.79 -1.55
CA LEU B 130 6.61 2.41 -2.12
C LEU B 130 7.75 2.31 -3.13
N ARG B 131 8.11 3.37 -3.85
CA ARG B 131 9.17 3.24 -4.89
C ARG B 131 10.50 2.88 -4.20
N HIS B 132 10.93 3.69 -3.24
CA HIS B 132 12.30 3.54 -2.67
C HIS B 132 12.23 3.07 -1.22
N GLY B 133 11.04 2.84 -0.68
CA GLY B 133 10.89 2.15 0.62
C GLY B 133 10.59 3.09 1.75
N ALA B 134 9.88 2.57 2.76
CA ALA B 134 9.58 3.26 4.04
C ALA B 134 10.67 2.97 5.06
N ARG B 135 11.46 1.90 4.84
CA ARG B 135 12.64 1.47 5.63
C ARG B 135 12.22 0.96 7.02
N MET B 136 11.66 1.82 7.86
CA MET B 136 11.22 1.42 9.21
C MET B 136 10.19 2.44 9.70
N GLY B 137 9.15 1.96 10.36
CA GLY B 137 8.10 2.84 10.88
C GLY B 137 6.90 2.88 9.94
N HIS B 138 5.76 3.19 10.50
CA HIS B 138 4.50 3.33 9.76
C HIS B 138 4.66 4.41 8.68
N THR B 139 3.88 4.27 7.60
CA THR B 139 3.93 5.22 6.46
C THR B 139 2.50 5.48 6.02
N GLN B 140 2.28 6.54 5.25
CA GLN B 140 0.91 6.95 4.89
C GLN B 140 0.59 6.53 3.45
N ALA B 141 -0.64 6.08 3.20
CA ALA B 141 -1.26 6.00 1.86
C ALA B 141 -2.21 7.18 1.73
N LEU B 142 -1.97 8.04 0.75
CA LEU B 142 -2.72 9.32 0.60
C LEU B 142 -3.91 9.09 -0.33
N ASP B 143 -5.04 9.66 0.06
CA ASP B 143 -6.22 9.76 -0.82
C ASP B 143 -5.91 10.83 -1.87
N ALA B 144 -5.75 10.45 -3.14
CA ALA B 144 -5.39 11.41 -4.19
C ALA B 144 -6.44 12.52 -4.29
N LEU B 145 -7.72 12.26 -3.98
CA LEU B 145 -8.69 13.36 -4.16
C LEU B 145 -8.38 14.48 -3.15
N LEU B 146 -7.85 14.16 -1.97
CA LEU B 146 -7.40 15.19 -1.01
C LEU B 146 -6.06 15.75 -1.47
N ARG B 147 -5.08 14.89 -1.75
CA ARG B 147 -3.70 15.37 -2.00
C ARG B 147 -3.67 16.25 -3.25
N ASP B 148 -4.34 15.85 -4.34
CA ASP B 148 -4.19 16.53 -5.64
C ASP B 148 -5.42 17.40 -5.97
N GLY B 149 -6.53 17.25 -5.23
CA GLY B 149 -7.81 17.88 -5.62
C GLY B 149 -8.36 18.87 -4.61
N LEU B 150 -8.42 18.52 -3.33
CA LEU B 150 -9.21 19.31 -2.35
C LEU B 150 -8.35 19.96 -1.26
N ASN B 151 -7.16 19.44 -0.94
CA ASN B 151 -6.30 20.08 0.07
C ASN B 151 -5.44 21.15 -0.62
N ASP B 152 -5.31 22.29 0.03
CA ASP B 152 -4.40 23.35 -0.44
C ASP B 152 -2.96 22.79 -0.49
N ALA B 153 -2.22 23.10 -1.55
CA ALA B 153 -0.85 22.60 -1.76
C ALA B 153 0.14 23.25 -0.79
N PHE B 154 -0.19 24.39 -0.19
CA PHE B 154 0.77 25.14 0.67
C PHE B 154 0.54 24.76 2.14
N SER B 155 -0.72 24.64 2.57
CA SER B 155 -1.09 24.38 3.99
C SER B 155 -1.34 22.88 4.24
N ASP B 156 -1.72 22.13 3.20
CA ASP B 156 -2.25 20.74 3.29
C ASP B 156 -3.60 20.72 4.05
N GLN B 157 -4.25 21.86 4.25
CA GLN B 157 -5.60 21.90 4.88
C GLN B 157 -6.66 21.76 3.79
N HIS B 158 -7.81 21.17 4.12
CA HIS B 158 -8.93 21.04 3.18
C HIS B 158 -9.40 22.43 2.74
N SER B 159 -9.83 22.55 1.49
CA SER B 159 -10.51 23.75 0.92
C SER B 159 -11.64 24.21 1.86
N GLY B 160 -12.40 23.29 2.43
CA GLY B 160 -13.51 23.61 3.35
C GLY B 160 -12.99 24.27 4.62
N TRP B 161 -11.84 23.83 5.10
CA TRP B 161 -11.18 24.41 6.30
C TRP B 161 -10.80 25.85 5.97
N HIS B 162 -10.14 26.08 4.84
CA HIS B 162 -9.76 27.47 4.43
C HIS B 162 -11.02 28.33 4.26
N THR B 163 -12.11 27.78 3.73
CA THR B 163 -13.33 28.58 3.44
C THR B 163 -13.96 29.05 4.76
N GLU B 164 -13.70 28.41 5.89
CA GLU B 164 -14.18 28.94 7.20
C GLU B 164 -13.56 30.32 7.47
N ASP B 165 -12.37 30.64 6.93
CA ASP B 165 -11.76 31.98 7.11
C ASP B 165 -12.49 32.99 6.21
N LEU B 166 -12.98 32.57 5.04
CA LEU B 166 -13.82 33.42 4.17
C LEU B 166 -15.14 33.71 4.91
N VAL B 167 -15.73 32.68 5.50
CA VAL B 167 -16.97 32.81 6.33
C VAL B 167 -16.72 33.86 7.40
N ALA B 168 -15.61 33.76 8.15
CA ALA B 168 -15.33 34.67 9.29
C ALA B 168 -15.13 36.09 8.74
N LYS B 169 -14.36 36.24 7.66
CA LYS B 169 -14.02 37.58 7.10
C LYS B 169 -15.30 38.31 6.69
N TYR B 170 -16.21 37.62 6.01
CA TYR B 170 -17.42 38.25 5.41
C TYR B 170 -18.63 38.05 6.33
N GLU B 171 -18.43 37.49 7.52
CA GLU B 171 -19.48 37.30 8.56
C GLU B 171 -20.68 36.58 7.95
N VAL B 172 -20.43 35.48 7.26
CA VAL B 172 -21.50 34.68 6.58
C VAL B 172 -22.10 33.73 7.61
N SER B 173 -23.33 33.99 8.04
CA SER B 173 -23.99 33.18 9.09
C SER B 173 -24.23 31.75 8.58
N ARG B 174 -24.22 30.80 9.51
CA ARG B 174 -24.68 29.42 9.29
C ARG B 174 -26.07 29.44 8.65
N GLU B 175 -26.97 30.27 9.18
CA GLU B 175 -28.39 30.32 8.74
C GLU B 175 -28.44 30.77 7.28
N ALA B 176 -27.65 31.76 6.89
CA ALA B 176 -27.59 32.26 5.50
C ALA B 176 -27.07 31.14 4.58
N GLN B 177 -26.05 30.42 5.02
CA GLN B 177 -25.48 29.31 4.19
C GLN B 177 -26.55 28.24 3.98
N ASP B 178 -27.28 27.88 5.04
CA ASP B 178 -28.30 26.80 4.96
C ASP B 178 -29.48 27.30 4.10
N ARG B 179 -29.84 28.57 4.19
CA ARG B 179 -30.93 29.14 3.33
C ARG B 179 -30.51 29.04 1.86
N PHE B 180 -29.27 29.42 1.55
CA PHE B 180 -28.71 29.36 0.19
C PHE B 180 -28.73 27.92 -0.32
N ALA B 181 -28.29 26.99 0.53
CA ALA B 181 -28.21 25.55 0.16
C ALA B 181 -29.61 24.99 -0.09
N ALA B 182 -30.57 25.26 0.80
CA ALA B 182 -31.96 24.78 0.65
C ALA B 182 -32.52 25.33 -0.68
N THR B 183 -32.27 26.61 -0.95
CA THR B 183 -32.77 27.28 -2.16
C THR B 183 -32.13 26.66 -3.40
N SER B 184 -30.85 26.32 -3.34
CA SER B 184 -30.17 25.63 -4.47
C SER B 184 -30.90 24.30 -4.75
N GLN B 185 -31.19 23.52 -3.71
CA GLN B 185 -31.89 22.22 -3.85
C GLN B 185 -33.28 22.45 -4.45
N GLN B 186 -34.02 23.44 -3.93
CA GLN B 186 -35.43 23.68 -4.35
C GLN B 186 -35.45 24.12 -5.83
N ARG B 187 -34.56 25.04 -6.19
CA ARG B 187 -34.46 25.58 -7.57
C ARG B 187 -34.09 24.46 -8.52
N PHE B 188 -33.13 23.62 -8.14
CA PHE B 188 -32.65 22.52 -9.01
C PHE B 188 -33.79 21.51 -9.22
N ALA B 189 -34.47 21.12 -8.16
CA ALA B 189 -35.56 20.12 -8.22
C ALA B 189 -36.68 20.62 -9.13
N ALA B 190 -37.07 21.89 -9.02
CA ALA B 190 -38.16 22.50 -9.81
C ALA B 190 -37.75 22.54 -11.29
N ALA B 191 -36.53 22.99 -11.57
CA ALA B 191 -36.00 23.07 -12.96
C ALA B 191 -35.93 21.66 -13.57
N GLN B 192 -35.46 20.69 -12.78
CA GLN B 192 -35.35 19.29 -13.24
C GLN B 192 -36.75 18.77 -13.59
N ALA B 193 -37.72 18.98 -12.70
CA ALA B 193 -39.11 18.50 -12.84
C ALA B 193 -39.77 19.17 -14.06
N ALA B 194 -39.38 20.41 -14.37
CA ALA B 194 -39.92 21.18 -15.52
C ALA B 194 -39.30 20.69 -16.84
N GLY B 195 -38.30 19.81 -16.80
CA GLY B 195 -37.64 19.26 -18.00
C GLY B 195 -36.52 20.16 -18.51
N TRP B 196 -36.09 21.14 -17.71
CA TRP B 196 -35.17 22.20 -18.18
C TRP B 196 -33.76 21.67 -18.39
N PHE B 197 -33.42 20.49 -17.87
CA PHE B 197 -32.05 19.91 -18.05
C PHE B 197 -32.05 18.78 -19.09
N GLU B 198 -33.19 18.46 -19.69
CA GLU B 198 -33.26 17.32 -20.67
C GLU B 198 -32.39 17.62 -21.90
N GLY B 199 -32.42 18.86 -22.40
CA GLY B 199 -31.72 19.26 -23.64
C GLY B 199 -30.21 19.11 -23.53
N GLU B 200 -29.64 19.41 -22.36
CA GLU B 200 -28.18 19.49 -22.18
C GLU B 200 -27.61 18.11 -21.80
N ILE B 201 -28.44 17.19 -21.31
CA ILE B 201 -27.99 15.88 -20.75
C ILE B 201 -28.02 14.82 -21.84
N VAL B 202 -26.93 14.07 -21.95
CA VAL B 202 -26.87 12.85 -22.81
C VAL B 202 -26.81 11.65 -21.87
N PRO B 203 -27.70 10.65 -22.07
CA PRO B 203 -27.74 9.47 -21.21
C PRO B 203 -26.49 8.62 -21.46
N VAL B 204 -26.05 7.90 -20.44
CA VAL B 204 -24.89 6.97 -20.54
C VAL B 204 -25.39 5.60 -20.09
N THR B 205 -25.12 4.57 -20.87
CA THR B 205 -25.47 3.17 -20.49
C THR B 205 -24.28 2.58 -19.73
N ILE B 206 -24.51 2.17 -18.48
CA ILE B 206 -23.47 1.56 -17.61
C ILE B 206 -23.74 0.05 -17.57
N THR B 207 -22.75 -0.72 -18.01
CA THR B 207 -22.79 -2.19 -18.04
C THR B 207 -22.20 -2.69 -16.73
N THR B 208 -22.98 -3.46 -15.97
CA THR B 208 -22.65 -3.93 -14.61
C THR B 208 -22.81 -5.46 -14.61
N ARG B 209 -22.04 -6.13 -13.75
CA ARG B 209 -22.20 -7.56 -13.39
C ARG B 209 -23.63 -8.02 -13.71
N LYS B 210 -24.63 -7.42 -13.06
CA LYS B 210 -26.06 -7.86 -13.09
C LYS B 210 -26.80 -7.38 -14.34
N GLY B 211 -26.16 -6.66 -15.29
CA GLY B 211 -26.82 -6.15 -16.50
C GLY B 211 -26.47 -4.71 -16.84
N GLU B 212 -27.48 -3.90 -17.17
CA GLU B 212 -27.35 -2.54 -17.76
C GLU B 212 -28.10 -1.56 -16.87
N THR B 213 -27.58 -0.35 -16.71
CA THR B 213 -28.30 0.82 -16.14
C THR B 213 -28.24 1.93 -17.20
N VAL B 214 -29.38 2.47 -17.66
CA VAL B 214 -29.38 3.70 -18.50
C VAL B 214 -29.42 4.89 -17.54
N PHE B 215 -28.29 5.59 -17.39
CA PHE B 215 -28.13 6.73 -16.47
C PHE B 215 -28.48 8.00 -17.25
N ALA B 216 -29.64 8.60 -16.96
CA ALA B 216 -30.28 9.61 -17.83
C ALA B 216 -30.57 10.90 -17.07
N LYS B 217 -30.45 10.89 -15.75
CA LYS B 217 -30.92 12.00 -14.88
C LYS B 217 -29.91 12.22 -13.76
N ASP B 218 -29.65 13.47 -13.38
CA ASP B 218 -28.76 13.80 -12.24
C ASP B 218 -29.28 13.09 -10.98
N GLU B 219 -28.39 12.50 -10.18
CA GLU B 219 -28.81 11.64 -9.03
C GLU B 219 -28.36 12.22 -7.69
N ALA B 220 -27.53 13.27 -7.64
CA ALA B 220 -26.89 13.69 -6.36
C ALA B 220 -27.78 14.66 -5.58
N ASN B 221 -28.85 15.16 -6.16
CA ASN B 221 -29.65 16.25 -5.53
C ASN B 221 -30.60 15.68 -4.49
N ARG B 222 -31.02 16.52 -3.55
CA ARG B 222 -31.90 16.11 -2.42
C ARG B 222 -33.09 17.06 -2.38
N PRO B 223 -34.16 16.79 -3.16
CA PRO B 223 -35.29 17.70 -3.29
C PRO B 223 -36.02 17.98 -1.96
N ASP B 224 -35.88 17.07 -0.99
CA ASP B 224 -36.57 17.13 0.32
C ASP B 224 -35.79 18.01 1.31
N THR B 225 -34.68 18.63 0.90
CA THR B 225 -33.83 19.47 1.77
C THR B 225 -34.66 20.63 2.35
N THR B 226 -34.55 20.88 3.65
CA THR B 226 -35.17 22.07 4.32
C THR B 226 -34.12 22.80 5.15
N GLU B 227 -34.33 24.09 5.41
CA GLU B 227 -33.46 24.86 6.35
C GLU B 227 -33.43 24.17 7.72
N ALA B 228 -34.57 23.67 8.20
CA ALA B 228 -34.69 23.00 9.52
C ALA B 228 -33.76 21.76 9.55
N GLY B 229 -33.82 20.93 8.52
CA GLY B 229 -32.94 19.73 8.41
C GLY B 229 -31.47 20.13 8.36
N LEU B 230 -31.13 21.16 7.59
CA LEU B 230 -29.71 21.57 7.40
C LEU B 230 -29.14 22.09 8.72
N ALA B 231 -29.98 22.74 9.54
CA ALA B 231 -29.59 23.33 10.83
C ALA B 231 -29.10 22.23 11.79
N LYS B 232 -29.52 20.98 11.58
CA LYS B 232 -29.18 19.86 12.50
C LYS B 232 -27.77 19.32 12.21
N LEU B 233 -27.19 19.61 11.05
CA LEU B 233 -25.93 18.94 10.63
C LEU B 233 -24.73 19.49 11.40
N ARG B 234 -23.72 18.64 11.61
CA ARG B 234 -22.47 19.01 12.32
C ARG B 234 -21.50 19.63 11.30
N PRO B 235 -20.67 20.59 11.75
CA PRO B 235 -19.66 21.21 10.90
C PRO B 235 -18.70 20.12 10.43
N ALA B 236 -18.25 20.19 9.18
CA ALA B 236 -17.43 19.13 8.54
C ALA B 236 -15.94 19.42 8.69
N PHE B 237 -15.50 20.67 8.91
CA PHE B 237 -14.08 21.07 8.72
C PHE B 237 -13.48 21.70 9.98
N ARG B 238 -14.27 22.38 10.81
CA ARG B 238 -13.79 22.97 12.09
C ARG B 238 -14.84 22.76 13.16
N LYS B 239 -14.44 22.55 14.42
CA LYS B 239 -15.39 22.17 15.51
C LYS B 239 -16.46 23.25 15.66
N ASP B 240 -16.10 24.53 15.54
CA ASP B 240 -17.04 25.65 15.73
C ASP B 240 -17.41 26.21 14.35
N GLY B 241 -17.34 25.37 13.31
CA GLY B 241 -17.49 25.78 11.92
C GLY B 241 -18.95 25.95 11.52
N THR B 242 -19.16 26.38 10.27
CA THR B 242 -20.49 26.64 9.67
C THR B 242 -20.68 25.74 8.45
N ILE B 243 -19.59 25.26 7.83
CA ILE B 243 -19.69 24.46 6.58
C ILE B 243 -19.98 23.02 6.97
N THR B 244 -20.98 22.42 6.33
CA THR B 244 -21.45 21.05 6.62
C THR B 244 -21.54 20.26 5.33
N ALA B 245 -21.89 18.99 5.42
CA ALA B 245 -22.15 18.13 4.25
C ALA B 245 -23.35 18.68 3.47
N GLY B 246 -24.24 19.45 4.10
CA GLY B 246 -25.50 19.90 3.48
C GLY B 246 -25.39 21.25 2.79
N ASN B 247 -24.39 22.09 3.12
CA ASN B 247 -24.22 23.41 2.47
C ASN B 247 -22.95 23.40 1.63
N ALA B 248 -22.51 22.21 1.22
CA ALA B 248 -21.41 22.01 0.24
C ALA B 248 -21.84 20.89 -0.69
N PRO B 249 -21.28 20.85 -1.92
CA PRO B 249 -21.52 19.77 -2.86
C PRO B 249 -20.83 18.48 -2.40
N GLY B 250 -21.13 17.37 -3.08
CA GLY B 250 -20.50 16.06 -2.80
C GLY B 250 -19.21 15.88 -3.59
N LEU B 251 -18.82 14.61 -3.77
CA LEU B 251 -17.60 14.18 -4.48
C LEU B 251 -18.06 13.45 -5.74
N ASN B 252 -18.27 14.19 -6.82
CA ASN B 252 -19.14 13.76 -7.93
C ASN B 252 -18.35 13.36 -9.16
N ALA B 253 -19.06 12.79 -10.13
CA ALA B 253 -18.47 12.29 -11.40
C ALA B 253 -19.28 12.84 -12.55
N GLY B 254 -18.61 13.17 -13.64
CA GLY B 254 -19.33 13.58 -14.85
C GLY B 254 -18.39 14.14 -15.90
N ALA B 255 -18.96 14.51 -17.04
CA ALA B 255 -18.22 15.09 -18.18
C ALA B 255 -19.13 16.06 -18.92
N ALA B 256 -18.51 17.05 -19.56
CA ALA B 256 -19.21 17.98 -20.48
C ALA B 256 -18.23 18.36 -21.58
N ALA B 257 -18.74 18.67 -22.76
CA ALA B 257 -17.91 19.07 -23.92
C ALA B 257 -18.75 19.90 -24.87
N MET B 258 -18.06 20.68 -25.67
CA MET B 258 -18.72 21.61 -26.61
C MET B 258 -17.73 21.93 -27.72
N ILE B 259 -18.27 22.46 -28.81
CA ILE B 259 -17.47 22.92 -29.97
C ILE B 259 -17.18 24.41 -29.77
N VAL B 260 -15.92 24.78 -29.95
CA VAL B 260 -15.47 26.19 -29.93
C VAL B 260 -14.90 26.49 -31.31
N SER B 261 -15.36 27.58 -31.92
CA SER B 261 -14.95 27.98 -33.29
C SER B 261 -15.33 29.44 -33.50
N SER B 262 -14.86 30.05 -34.59
CA SER B 262 -15.44 31.34 -35.05
C SER B 262 -16.92 31.10 -35.37
N HIS B 263 -17.72 32.16 -35.30
CA HIS B 263 -19.13 32.12 -35.75
C HIS B 263 -19.17 31.66 -37.22
N ALA B 264 -18.29 32.22 -38.05
CA ALA B 264 -18.25 31.91 -39.50
C ALA B 264 -18.00 30.41 -39.70
N THR B 265 -17.04 29.83 -38.95
CA THR B 265 -16.71 28.39 -39.06
C THR B 265 -17.94 27.55 -38.68
N ALA B 266 -18.60 27.90 -37.59
CA ALA B 266 -19.80 27.18 -37.10
C ALA B 266 -20.86 27.16 -38.20
N THR B 267 -21.18 28.34 -38.75
CA THR B 267 -22.23 28.48 -39.80
C THR B 267 -21.82 27.64 -41.02
N GLU B 268 -20.55 27.75 -41.44
CA GLU B 268 -20.01 27.02 -42.61
C GLU B 268 -20.22 25.51 -42.43
N LEU B 269 -20.08 24.98 -41.21
CA LEU B 269 -20.12 23.52 -40.93
C LEU B 269 -21.50 23.07 -40.44
N GLY B 270 -22.51 23.94 -40.53
CA GLY B 270 -23.91 23.59 -40.23
C GLY B 270 -24.14 23.40 -38.75
N LEU B 271 -23.34 24.03 -37.90
CA LEU B 271 -23.56 24.01 -36.43
C LEU B 271 -24.53 25.14 -36.07
N GLN B 272 -25.16 25.03 -34.91
CA GLN B 272 -26.08 26.05 -34.35
C GLN B 272 -25.42 26.66 -33.11
N PRO B 273 -24.68 27.77 -33.24
CA PRO B 273 -24.04 28.42 -32.10
C PRO B 273 -25.07 28.72 -31.00
N GLN B 274 -24.66 28.53 -29.74
CA GLN B 274 -25.50 28.77 -28.54
C GLN B 274 -25.02 30.05 -27.84
N LEU B 275 -23.71 30.27 -27.74
CA LEU B 275 -23.14 31.42 -27.00
C LEU B 275 -21.99 32.04 -27.77
N VAL B 276 -21.85 33.36 -27.65
CA VAL B 276 -20.63 34.10 -28.05
C VAL B 276 -19.85 34.39 -26.78
N ILE B 277 -18.53 34.15 -26.83
CA ILE B 277 -17.63 34.52 -25.71
C ILE B 277 -17.31 36.00 -25.87
N ARG B 278 -17.86 36.83 -24.99
CA ARG B 278 -17.69 38.30 -25.07
C ARG B 278 -16.59 38.78 -24.14
N GLY B 279 -16.20 37.97 -23.15
CA GLY B 279 -15.15 38.38 -22.20
C GLY B 279 -14.63 37.20 -21.42
N ILE B 280 -13.36 37.23 -21.08
CA ILE B 280 -12.68 36.18 -20.27
C ILE B 280 -11.90 36.89 -19.17
N GLY B 281 -11.99 36.37 -17.96
CA GLY B 281 -11.20 36.85 -16.81
C GLY B 281 -10.56 35.69 -16.11
N VAL B 282 -9.27 35.80 -15.84
CA VAL B 282 -8.52 34.84 -14.99
C VAL B 282 -7.78 35.68 -13.96
N ALA B 283 -8.05 35.42 -12.68
CA ALA B 283 -7.46 36.20 -11.57
C ALA B 283 -6.95 35.25 -10.50
N ALA B 284 -6.12 35.79 -9.61
CA ALA B 284 -5.58 35.02 -8.48
C ALA B 284 -5.56 35.89 -7.24
N VAL B 285 -5.69 35.24 -6.09
CA VAL B 285 -5.80 35.83 -4.74
C VAL B 285 -5.00 34.95 -3.78
N GLU B 286 -4.97 35.32 -2.49
CA GLU B 286 -4.39 34.45 -1.43
C GLU B 286 -5.00 33.05 -1.52
N PRO B 287 -4.19 31.97 -1.55
CA PRO B 287 -4.72 30.60 -1.46
C PRO B 287 -5.77 30.44 -0.38
N GLY B 288 -5.53 31.07 0.78
CA GLY B 288 -6.40 30.95 1.97
C GLY B 288 -7.76 31.57 1.76
N LEU B 289 -7.91 32.48 0.80
CA LEU B 289 -9.20 33.17 0.52
C LEU B 289 -9.62 32.88 -0.93
N PHE B 290 -9.38 31.66 -1.41
CA PHE B 290 -9.60 31.29 -2.83
C PHE B 290 -11.09 31.48 -3.21
N GLY B 291 -12.00 31.40 -2.24
CA GLY B 291 -13.45 31.56 -2.51
C GLY B 291 -13.77 32.94 -3.05
N PHE B 292 -12.90 33.93 -2.85
CA PHE B 292 -13.10 35.32 -3.36
C PHE B 292 -12.68 35.43 -4.82
N GLY B 293 -11.97 34.42 -5.35
CA GLY B 293 -11.38 34.48 -6.71
C GLY B 293 -12.34 34.94 -7.79
N PRO B 294 -13.64 34.52 -7.81
CA PRO B 294 -14.57 34.92 -8.86
C PRO B 294 -14.73 36.44 -8.96
N VAL B 295 -14.56 37.16 -7.85
CA VAL B 295 -14.83 38.63 -7.87
C VAL B 295 -13.88 39.33 -8.86
N PRO B 296 -12.53 39.29 -8.70
CA PRO B 296 -11.63 39.92 -9.67
C PRO B 296 -11.79 39.30 -11.07
N ALA B 297 -12.04 37.97 -11.16
CA ALA B 297 -12.16 37.29 -12.48
C ALA B 297 -13.39 37.84 -13.22
N ILE B 298 -14.52 37.96 -12.52
CA ILE B 298 -15.77 38.49 -13.11
C ILE B 298 -15.53 39.93 -13.57
N LYS B 299 -14.87 40.76 -12.74
CA LYS B 299 -14.62 42.18 -13.12
C LYS B 299 -13.80 42.21 -14.41
N LEU B 300 -12.81 41.31 -14.56
CA LEU B 300 -11.98 41.27 -15.78
C LEU B 300 -12.85 40.91 -16.99
N ALA B 301 -13.70 39.88 -16.86
CA ALA B 301 -14.55 39.40 -17.97
C ALA B 301 -15.55 40.50 -18.37
N LEU B 302 -16.17 41.16 -17.41
CA LEU B 302 -17.16 42.24 -17.68
C LEU B 302 -16.45 43.41 -18.37
N ALA B 303 -15.24 43.77 -17.95
CA ALA B 303 -14.46 44.86 -18.56
C ALA B 303 -14.21 44.53 -20.04
N GLN B 304 -13.80 43.29 -20.36
CA GLN B 304 -13.55 42.88 -21.77
C GLN B 304 -14.87 42.98 -22.55
N ALA B 305 -16.00 42.57 -21.97
CA ALA B 305 -17.31 42.58 -22.68
C ALA B 305 -17.89 43.99 -22.72
N GLN B 306 -17.34 44.92 -21.92
CA GLN B 306 -17.89 46.29 -21.70
C GLN B 306 -19.32 46.19 -21.18
N TRP B 307 -19.52 45.33 -20.19
CA TRP B 307 -20.78 45.15 -19.44
C TRP B 307 -20.59 45.64 -18.01
N GLN B 308 -21.71 46.08 -17.41
CA GLN B 308 -21.84 46.30 -15.96
C GLN B 308 -22.54 45.08 -15.36
N VAL B 309 -22.34 44.85 -14.06
CA VAL B 309 -23.00 43.75 -13.31
C VAL B 309 -24.51 43.77 -13.59
N GLN B 310 -25.14 44.95 -13.57
CA GLN B 310 -26.63 45.04 -13.66
C GLN B 310 -27.10 44.76 -15.10
N ASP B 311 -26.18 44.66 -16.08
CA ASP B 311 -26.54 44.31 -17.49
C ASP B 311 -26.69 42.81 -17.65
N VAL B 312 -26.26 42.00 -16.67
CA VAL B 312 -26.19 40.53 -16.81
C VAL B 312 -27.51 39.90 -16.35
N ASP B 313 -28.12 39.09 -17.23
CA ASP B 313 -29.43 38.43 -16.98
C ASP B 313 -29.26 37.32 -15.94
N ARG B 314 -28.18 36.54 -16.03
CA ARG B 314 -27.92 35.52 -14.98
C ARG B 314 -26.42 35.30 -14.78
N PHE B 315 -26.06 35.15 -13.51
CA PHE B 315 -24.74 34.70 -13.05
C PHE B 315 -24.86 33.23 -12.67
N GLU B 316 -23.91 32.45 -13.14
CA GLU B 316 -23.75 31.01 -12.83
C GLU B 316 -22.37 30.87 -12.19
N VAL B 317 -22.33 30.93 -10.87
CA VAL B 317 -21.08 30.93 -10.06
C VAL B 317 -21.05 29.62 -9.28
N ASN B 318 -19.98 28.85 -9.43
CA ASN B 318 -19.94 27.48 -8.89
C ASN B 318 -20.15 27.54 -7.36
N GLU B 319 -21.07 26.71 -6.84
CA GLU B 319 -21.36 26.60 -5.39
C GLU B 319 -20.34 25.66 -4.74
N ALA B 320 -19.05 26.03 -4.76
CA ALA B 320 -18.00 25.22 -4.10
C ALA B 320 -18.40 24.99 -2.64
N PHE B 321 -18.95 26.04 -2.05
CA PHE B 321 -19.63 26.06 -0.73
C PHE B 321 -20.73 27.10 -0.82
N ALA B 322 -21.83 26.94 -0.07
CA ALA B 322 -22.85 28.01 0.00
C ALA B 322 -22.17 29.34 0.34
N ALA B 323 -21.18 29.32 1.24
CA ALA B 323 -20.46 30.53 1.70
C ALA B 323 -19.84 31.27 0.51
N VAL B 324 -19.26 30.54 -0.45
CA VAL B 324 -18.60 31.17 -1.64
C VAL B 324 -19.68 31.85 -2.51
N GLY B 325 -20.80 31.17 -2.74
CA GLY B 325 -21.91 31.74 -3.53
C GLY B 325 -22.35 33.06 -2.92
N LEU B 326 -22.58 33.07 -1.60
CA LEU B 326 -23.09 34.28 -0.89
C LEU B 326 -22.07 35.41 -0.96
N VAL B 327 -20.79 35.10 -0.72
CA VAL B 327 -19.74 36.17 -0.69
C VAL B 327 -19.65 36.79 -2.09
N VAL B 328 -19.63 35.98 -3.13
CA VAL B 328 -19.45 36.51 -4.52
C VAL B 328 -20.71 37.31 -4.90
N ARG B 329 -21.88 36.74 -4.69
CA ARG B 329 -23.17 37.41 -5.01
C ARG B 329 -23.20 38.77 -4.32
N ASP B 330 -22.96 38.82 -3.02
CA ASP B 330 -23.21 40.05 -2.22
C ASP B 330 -22.08 41.06 -2.46
N GLU B 331 -20.85 40.62 -2.68
CA GLU B 331 -19.72 41.52 -2.98
C GLU B 331 -20.00 42.26 -4.29
N LEU B 332 -20.56 41.58 -5.30
CA LEU B 332 -20.81 42.18 -6.64
C LEU B 332 -22.19 42.85 -6.68
N GLY B 333 -23.03 42.69 -5.65
CA GLY B 333 -24.37 43.29 -5.59
C GLY B 333 -25.32 42.66 -6.61
N ILE B 334 -25.15 41.37 -6.88
CA ILE B 334 -26.01 40.65 -7.87
C ILE B 334 -27.36 40.35 -7.20
N ALA B 335 -28.44 40.51 -7.93
CA ALA B 335 -29.81 40.23 -7.41
C ALA B 335 -29.89 38.73 -7.12
N PRO B 336 -30.39 38.30 -5.94
CA PRO B 336 -30.54 36.88 -5.62
C PRO B 336 -31.30 36.08 -6.69
N GLU B 337 -32.28 36.72 -7.35
CA GLU B 337 -33.15 36.08 -8.36
C GLU B 337 -32.34 35.80 -9.64
N ARG B 338 -31.15 36.41 -9.80
CA ARG B 338 -30.33 36.30 -11.03
C ARG B 338 -29.05 35.50 -10.76
N PHE B 339 -28.93 34.88 -9.59
CA PHE B 339 -27.71 34.17 -9.15
C PHE B 339 -28.03 32.69 -9.01
N ASN B 340 -27.41 31.84 -9.84
CA ASN B 340 -27.62 30.36 -9.82
C ASN B 340 -29.13 30.08 -9.86
N VAL B 341 -29.76 30.58 -10.92
CA VAL B 341 -31.23 30.69 -11.07
C VAL B 341 -31.86 29.29 -10.99
N ASP B 342 -31.22 28.27 -11.57
CA ASP B 342 -31.78 26.90 -11.66
C ASP B 342 -31.03 25.98 -10.70
N GLY B 343 -30.42 26.54 -9.66
CA GLY B 343 -29.68 25.77 -8.65
C GLY B 343 -28.25 25.53 -9.10
N GLY B 344 -27.44 25.03 -8.18
CA GLY B 344 -26.00 24.84 -8.42
C GLY B 344 -25.48 23.56 -7.82
N ALA B 345 -24.17 23.51 -7.65
CA ALA B 345 -23.40 22.29 -7.33
C ALA B 345 -23.86 21.72 -5.97
N ILE B 346 -24.38 22.51 -5.04
CA ILE B 346 -24.85 21.92 -3.75
C ILE B 346 -25.88 20.85 -4.09
N ALA B 347 -26.75 21.13 -5.07
CA ALA B 347 -27.78 20.19 -5.55
C ALA B 347 -27.14 19.16 -6.50
N HIS B 348 -26.59 19.59 -7.63
CA HIS B 348 -26.29 18.65 -8.75
C HIS B 348 -24.92 18.00 -8.57
N GLY B 349 -24.01 18.60 -7.80
CA GLY B 349 -22.67 18.03 -7.61
C GLY B 349 -21.56 18.82 -8.27
N HIS B 350 -20.33 18.58 -7.84
CA HIS B 350 -19.10 19.29 -8.26
C HIS B 350 -18.03 18.29 -8.70
N PRO B 351 -18.16 17.68 -9.91
CA PRO B 351 -17.14 16.79 -10.49
C PRO B 351 -15.98 17.66 -11.01
N ILE B 352 -15.04 17.97 -10.11
CA ILE B 352 -14.10 19.13 -10.15
C ILE B 352 -13.76 19.55 -11.59
N GLY B 353 -13.01 18.73 -12.33
CA GLY B 353 -12.45 19.14 -13.63
C GLY B 353 -13.51 19.32 -14.70
N ALA B 354 -14.71 18.77 -14.51
CA ALA B 354 -15.84 18.89 -15.47
C ALA B 354 -16.71 20.10 -15.13
N THR B 355 -16.76 20.53 -13.87
CA THR B 355 -17.79 21.51 -13.41
C THR B 355 -17.81 22.78 -14.27
N GLY B 356 -16.65 23.35 -14.61
CA GLY B 356 -16.59 24.57 -15.44
C GLY B 356 -17.27 24.36 -16.80
N ALA B 357 -17.07 23.18 -17.41
CA ALA B 357 -17.69 22.83 -18.70
C ALA B 357 -19.20 22.58 -18.49
N ILE B 358 -19.55 21.99 -17.36
CA ILE B 358 -20.98 21.76 -16.99
C ILE B 358 -21.70 23.12 -16.85
N LEU B 359 -21.09 24.09 -16.20
CA LEU B 359 -21.75 25.41 -16.00
C LEU B 359 -21.90 26.12 -17.35
N LEU B 360 -20.89 26.06 -18.24
CA LEU B 360 -21.01 26.67 -19.58
C LEU B 360 -22.16 25.99 -20.32
N THR B 361 -22.23 24.67 -20.22
CA THR B 361 -23.30 23.87 -20.88
C THR B 361 -24.66 24.31 -20.33
N LYS B 362 -24.79 24.41 -19.01
CA LYS B 362 -26.07 24.80 -18.37
C LYS B 362 -26.53 26.16 -18.92
N VAL B 363 -25.63 27.14 -18.97
CA VAL B 363 -25.96 28.51 -19.40
C VAL B 363 -26.34 28.50 -20.89
N ALA B 364 -25.66 27.70 -21.73
CA ALA B 364 -25.98 27.61 -23.16
C ALA B 364 -27.46 27.25 -23.33
N HIS B 365 -27.93 26.26 -22.57
CA HIS B 365 -29.31 25.73 -22.72
C HIS B 365 -30.30 26.66 -22.03
N ALA B 366 -29.94 27.26 -20.90
CA ALA B 366 -30.84 28.17 -20.14
C ALA B 366 -31.12 29.44 -20.99
N LEU B 367 -30.11 30.02 -21.63
CA LEU B 367 -30.35 31.24 -22.45
C LEU B 367 -31.22 30.85 -23.66
N ARG B 368 -31.01 29.66 -24.25
CA ARG B 368 -31.84 29.20 -25.39
C ARG B 368 -33.31 29.16 -24.94
N ARG B 369 -33.58 28.60 -23.77
CA ARG B 369 -34.96 28.42 -23.24
C ARG B 369 -35.58 29.79 -22.89
N THR B 370 -34.86 30.66 -22.19
CA THR B 370 -35.42 31.89 -21.59
C THR B 370 -35.35 33.07 -22.56
N SER B 371 -34.51 33.00 -23.61
CA SER B 371 -34.18 34.14 -24.51
C SER B 371 -33.47 35.26 -23.74
N GLU B 372 -32.96 34.99 -22.53
CA GLU B 372 -32.09 35.96 -21.83
C GLU B 372 -30.86 36.22 -22.71
N ARG B 373 -30.29 37.42 -22.63
CA ARG B 373 -29.23 37.84 -23.59
C ARG B 373 -27.83 37.57 -23.01
N ARG B 374 -27.61 37.87 -21.74
CA ARG B 374 -26.24 37.96 -21.17
C ARG B 374 -26.11 37.12 -19.91
N ALA B 375 -25.03 36.34 -19.85
CA ALA B 375 -24.72 35.49 -18.69
C ALA B 375 -23.23 35.59 -18.37
N VAL B 376 -22.90 35.32 -17.11
CA VAL B 376 -21.50 35.13 -16.68
C VAL B 376 -21.41 33.78 -15.97
N VAL B 377 -20.45 32.95 -16.38
CA VAL B 377 -20.08 31.69 -15.69
C VAL B 377 -18.77 31.98 -14.96
N SER B 378 -18.69 31.63 -13.69
CA SER B 378 -17.45 31.84 -12.91
C SER B 378 -17.29 30.75 -11.86
N LEU B 379 -16.03 30.37 -11.62
CA LEU B 379 -15.69 29.38 -10.57
C LEU B 379 -14.52 29.92 -9.75
N CYS B 380 -14.62 29.77 -8.43
CA CYS B 380 -13.44 29.91 -7.54
C CYS B 380 -12.58 28.67 -7.73
N ILE B 381 -11.30 28.80 -7.40
CA ILE B 381 -10.31 27.74 -7.75
C ILE B 381 -9.38 27.54 -6.55
N GLY B 382 -9.27 26.29 -6.09
CA GLY B 382 -8.31 25.92 -5.05
C GLY B 382 -6.92 26.43 -5.41
N GLY B 383 -6.18 26.92 -4.43
CA GLY B 383 -4.88 27.55 -4.63
C GLY B 383 -5.00 29.05 -4.80
N GLY B 384 -6.23 29.60 -4.86
CA GLY B 384 -6.44 31.06 -4.89
C GLY B 384 -6.54 31.60 -6.31
N GLN B 385 -7.45 31.06 -7.11
CA GLN B 385 -7.67 31.60 -8.47
C GLN B 385 -9.16 31.73 -8.72
N GLY B 386 -9.47 32.39 -9.82
CA GLY B 386 -10.85 32.58 -10.31
C GLY B 386 -10.85 32.60 -11.83
N ILE B 387 -11.89 32.05 -12.42
CA ILE B 387 -12.07 32.10 -13.89
C ILE B 387 -13.51 32.54 -14.14
N ALA B 388 -13.70 33.39 -15.15
CA ALA B 388 -15.03 33.90 -15.55
C ALA B 388 -15.10 34.03 -17.07
N LEU B 389 -16.25 33.71 -17.64
CA LEU B 389 -16.56 34.01 -19.05
C LEU B 389 -17.86 34.79 -19.09
N ALA B 390 -17.84 35.92 -19.81
CA ALA B 390 -19.02 36.72 -20.16
C ALA B 390 -19.54 36.16 -21.49
N LEU B 391 -20.81 35.77 -21.52
CA LEU B 391 -21.41 34.99 -22.63
C LEU B 391 -22.70 35.65 -23.11
N GLU B 392 -22.89 35.70 -24.41
CA GLU B 392 -24.11 36.28 -25.00
C GLU B 392 -24.83 35.21 -25.83
N ARG B 393 -26.14 35.14 -25.68
CA ARG B 393 -26.98 34.21 -26.47
C ARG B 393 -26.82 34.53 -27.95
N VAL B 394 -26.71 33.49 -28.76
CA VAL B 394 -26.81 33.56 -30.23
C VAL B 394 -28.24 33.14 -30.60
N LYS B 395 -28.92 33.92 -31.43
CA LYS B 395 -30.31 33.66 -31.89
C LYS B 395 -30.41 32.45 -32.85
N LEU B 396 -31.63 31.92 -33.01
CA LEU B 396 -32.03 30.84 -33.95
C LEU B 396 -31.46 29.51 -33.45
N ASP C 4 -4.06 -37.86 37.85
CA ASP C 4 -3.39 -38.52 36.69
C ASP C 4 -4.14 -38.11 35.41
N GLU C 5 -5.46 -38.24 35.39
CA GLU C 5 -6.29 -37.91 34.21
C GLU C 5 -6.25 -36.39 33.98
N ILE C 6 -6.04 -35.96 32.74
CA ILE C 6 -6.12 -34.54 32.33
C ILE C 6 -7.51 -34.31 31.76
N VAL C 7 -8.21 -33.30 32.27
CA VAL C 7 -9.64 -33.06 31.92
C VAL C 7 -9.84 -31.64 31.40
N ILE C 8 -10.87 -31.51 30.58
CA ILE C 8 -11.38 -30.23 30.02
C ILE C 8 -12.61 -29.85 30.83
N SER C 9 -12.66 -28.62 31.31
CA SER C 9 -13.82 -28.05 32.06
C SER C 9 -14.23 -26.72 31.41
N SER C 10 -15.52 -26.37 31.51
CA SER C 10 -16.07 -25.05 31.16
C SER C 10 -15.70 -24.66 29.72
N ALA C 11 -15.79 -25.58 28.77
CA ALA C 11 -15.56 -25.27 27.34
C ALA C 11 -16.67 -24.31 26.89
N LEU C 12 -16.28 -23.19 26.29
CA LEU C 12 -17.23 -22.16 25.81
C LEU C 12 -16.72 -21.58 24.50
N ARG C 13 -17.63 -21.07 23.68
CA ARG C 13 -17.27 -20.47 22.38
C ARG C 13 -18.18 -19.29 22.10
N THR C 14 -17.72 -18.38 21.26
CA THR C 14 -18.59 -17.35 20.65
C THR C 14 -19.45 -18.04 19.60
N PRO C 15 -20.52 -17.39 19.12
CA PRO C 15 -21.19 -17.80 17.89
C PRO C 15 -20.13 -17.55 16.81
N ILE C 16 -20.28 -18.20 15.66
CA ILE C 16 -19.31 -18.04 14.53
C ILE C 16 -19.85 -17.03 13.53
N GLY C 17 -19.05 -16.03 13.23
CA GLY C 17 -19.41 -14.95 12.28
C GLY C 17 -19.14 -15.37 10.84
N ALA C 18 -19.97 -14.85 9.94
CA ALA C 18 -19.80 -15.02 8.48
C ALA C 18 -18.72 -14.06 7.96
N PHE C 19 -18.17 -14.35 6.80
CA PHE C 19 -17.27 -13.39 6.11
C PHE C 19 -18.04 -12.09 5.88
N SER C 20 -17.46 -10.96 6.27
CA SER C 20 -18.09 -9.61 6.18
C SER C 20 -19.36 -9.57 7.04
N GLY C 21 -19.42 -10.41 8.07
CA GLY C 21 -20.60 -10.58 8.93
C GLY C 21 -20.50 -9.79 10.22
N THR C 22 -21.15 -10.28 11.28
CA THR C 22 -21.38 -9.48 12.51
C THR C 22 -20.05 -9.20 13.21
N LEU C 23 -19.05 -10.08 13.07
CA LEU C 23 -17.77 -9.95 13.82
C LEU C 23 -16.70 -9.28 12.95
N LYS C 24 -17.05 -8.72 11.80
CA LYS C 24 -16.02 -8.25 10.83
C LYS C 24 -15.12 -7.16 11.43
N ASP C 25 -15.59 -6.39 12.42
CA ASP C 25 -14.80 -5.28 13.02
C ASP C 25 -14.26 -5.65 14.40
N THR C 26 -14.35 -6.91 14.82
CA THR C 26 -13.94 -7.35 16.18
C THR C 26 -12.70 -8.23 16.12
N PRO C 27 -11.51 -7.72 16.52
CA PRO C 27 -10.29 -8.53 16.45
C PRO C 27 -10.43 -9.90 17.13
N ALA C 28 -9.75 -10.88 16.55
CA ALA C 28 -9.66 -12.25 17.09
C ALA C 28 -9.31 -12.22 18.59
N ALA C 29 -8.34 -11.42 18.98
CA ALA C 29 -7.87 -11.34 20.38
C ALA C 29 -9.02 -10.85 21.27
N ALA C 30 -9.87 -9.95 20.78
CA ALA C 30 -11.00 -9.42 21.57
C ALA C 30 -12.06 -10.52 21.74
N LEU C 31 -12.28 -11.33 20.71
CA LEU C 31 -13.21 -12.49 20.81
C LEU C 31 -12.67 -13.46 21.87
N GLY C 32 -11.38 -13.80 21.86
CA GLY C 32 -10.81 -14.70 22.89
C GLY C 32 -10.92 -14.09 24.27
N ALA C 33 -10.60 -12.80 24.42
CA ALA C 33 -10.69 -12.09 25.72
C ALA C 33 -12.12 -12.21 26.26
N HIS C 34 -13.11 -12.05 25.41
CA HIS C 34 -14.54 -12.12 25.81
C HIS C 34 -14.86 -13.51 26.35
N VAL C 35 -14.41 -14.58 25.67
CA VAL C 35 -14.69 -15.97 26.13
C VAL C 35 -14.00 -16.18 27.47
N VAL C 36 -12.75 -15.75 27.60
CA VAL C 36 -11.97 -15.97 28.85
C VAL C 36 -12.67 -15.22 30.00
N LYS C 37 -13.06 -13.98 29.78
CA LYS C 37 -13.74 -13.17 30.82
C LYS C 37 -15.01 -13.90 31.25
N THR C 38 -15.80 -14.40 30.29
CA THR C 38 -17.09 -15.07 30.57
C THR C 38 -16.82 -16.37 31.34
N LEU C 39 -15.82 -17.14 30.90
CA LEU C 39 -15.40 -18.39 31.56
C LEU C 39 -15.07 -18.13 33.04
N LEU C 40 -14.29 -17.08 33.31
CA LEU C 40 -13.91 -16.75 34.71
C LEU C 40 -15.15 -16.34 35.52
N GLU C 41 -16.04 -15.55 34.92
CA GLU C 41 -17.28 -15.06 35.61
C GLU C 41 -18.15 -16.28 35.97
N ARG C 42 -18.36 -17.20 35.03
CA ARG C 42 -19.32 -18.32 35.25
C ARG C 42 -18.74 -19.35 36.21
N THR C 43 -17.46 -19.71 36.06
CA THR C 43 -16.83 -20.75 36.93
C THR C 43 -16.54 -20.19 38.32
N GLY C 44 -16.32 -18.88 38.44
CA GLY C 44 -15.79 -18.25 39.67
C GLY C 44 -14.37 -18.69 39.98
N LEU C 45 -13.65 -19.26 39.01
CA LEU C 45 -12.24 -19.68 39.19
C LEU C 45 -11.41 -18.47 39.66
N ALA C 46 -10.61 -18.63 40.71
CA ALA C 46 -9.64 -17.62 41.16
C ALA C 46 -8.69 -17.35 39.99
N PRO C 47 -8.62 -16.10 39.46
CA PRO C 47 -7.74 -15.81 38.32
C PRO C 47 -6.27 -16.21 38.58
N GLU C 48 -5.83 -16.12 39.84
CA GLU C 48 -4.45 -16.44 40.24
C GLU C 48 -4.18 -17.95 40.13
N ARG C 49 -5.21 -18.79 39.96
CA ARG C 49 -5.04 -20.26 39.80
C ARG C 49 -4.71 -20.61 38.35
N VAL C 50 -4.75 -19.63 37.44
CA VAL C 50 -4.41 -19.87 36.02
C VAL C 50 -2.89 -19.75 35.86
N ASP C 51 -2.23 -20.83 35.46
CA ASP C 51 -0.74 -20.86 35.37
C ASP C 51 -0.29 -20.37 33.99
N GLU C 52 -1.13 -20.47 32.97
CA GLU C 52 -0.76 -20.13 31.58
C GLU C 52 -2.02 -20.03 30.74
N VAL C 53 -1.99 -19.15 29.75
CA VAL C 53 -3.01 -19.07 28.67
C VAL C 53 -2.31 -19.44 27.37
N VAL C 54 -2.81 -20.47 26.68
CA VAL C 54 -2.30 -20.89 25.36
C VAL C 54 -3.42 -20.69 24.35
N MET C 55 -3.16 -19.91 23.29
CA MET C 55 -4.18 -19.66 22.24
C MET C 55 -3.61 -19.99 20.87
N GLY C 56 -4.41 -20.71 20.08
CA GLY C 56 -4.13 -20.91 18.66
C GLY C 56 -4.55 -19.67 17.87
N ASN C 57 -3.76 -19.29 16.88
CA ASN C 57 -4.10 -18.17 15.97
C ASN C 57 -3.23 -18.34 14.74
N VAL C 58 -3.83 -18.40 13.56
CA VAL C 58 -3.04 -18.67 12.33
C VAL C 58 -2.66 -17.36 11.65
N LEU C 59 -3.61 -16.46 11.47
CA LEU C 59 -3.36 -15.17 10.78
C LEU C 59 -2.97 -14.15 11.85
N GLN C 60 -1.73 -14.24 12.34
CA GLN C 60 -1.25 -13.35 13.43
C GLN C 60 -0.92 -11.96 12.90
N ALA C 61 -0.77 -11.80 11.57
CA ALA C 61 -0.43 -10.52 10.92
C ALA C 61 -1.36 -9.42 11.39
N GLY C 62 -0.79 -8.37 11.99
CA GLY C 62 -1.55 -7.16 12.33
C GLY C 62 -2.35 -7.32 13.62
N ASN C 63 -2.25 -8.46 14.31
CA ASN C 63 -3.05 -8.68 15.54
C ASN C 63 -2.33 -8.10 16.76
N GLY C 64 -1.11 -7.57 16.57
CA GLY C 64 -0.36 -7.02 17.70
C GLY C 64 0.45 -8.08 18.41
N MET C 65 1.32 -7.63 19.32
CA MET C 65 2.29 -8.52 19.99
C MET C 65 1.56 -9.65 20.74
N ASN C 66 1.82 -10.91 20.38
CA ASN C 66 1.42 -12.13 21.14
C ASN C 66 -0.07 -12.13 21.47
N VAL C 67 -0.88 -12.60 20.52
CA VAL C 67 -2.36 -12.67 20.65
C VAL C 67 -2.77 -13.30 21.98
N ALA C 68 -2.13 -14.41 22.39
CA ALA C 68 -2.52 -15.13 23.63
C ALA C 68 -2.41 -14.18 24.83
N ARG C 69 -1.39 -13.34 24.89
CA ARG C 69 -1.18 -12.41 26.03
C ARG C 69 -2.27 -11.35 26.05
N GLN C 70 -2.70 -10.89 24.87
CA GLN C 70 -3.82 -9.93 24.75
C GLN C 70 -5.11 -10.60 25.24
N VAL C 71 -5.36 -11.85 24.81
CA VAL C 71 -6.55 -12.61 25.26
C VAL C 71 -6.54 -12.70 26.79
N ALA C 72 -5.38 -13.02 27.38
CA ALA C 72 -5.23 -13.22 28.84
C ALA C 72 -5.48 -11.91 29.58
N VAL C 73 -4.77 -10.86 29.23
CA VAL C 73 -4.81 -9.56 29.97
C VAL C 73 -6.17 -8.91 29.74
N ASN C 74 -6.65 -8.85 28.50
CA ASN C 74 -7.93 -8.18 28.18
C ASN C 74 -9.08 -9.07 28.68
N GLY C 75 -8.83 -10.35 28.92
CA GLY C 75 -9.81 -11.29 29.50
C GLY C 75 -9.94 -11.13 31.00
N GLY C 76 -9.08 -10.31 31.63
CA GLY C 76 -9.18 -9.93 33.06
C GLY C 76 -8.22 -10.73 33.94
N LEU C 77 -7.35 -11.55 33.37
CA LEU C 77 -6.35 -12.29 34.18
C LEU C 77 -5.27 -11.35 34.67
N PRO C 78 -4.70 -11.61 35.85
CA PRO C 78 -3.60 -10.81 36.40
C PRO C 78 -2.42 -10.77 35.42
N VAL C 79 -1.64 -9.70 35.45
CA VAL C 79 -0.45 -9.55 34.57
C VAL C 79 0.56 -10.65 34.86
N ALA C 80 0.50 -11.28 36.05
CA ALA C 80 1.43 -12.38 36.42
C ALA C 80 1.11 -13.67 35.68
N VAL C 81 0.02 -13.76 34.91
CA VAL C 81 -0.30 -15.03 34.17
C VAL C 81 0.41 -15.00 32.82
N PRO C 82 1.39 -15.89 32.56
CA PRO C 82 2.09 -15.97 31.27
C PRO C 82 1.16 -16.46 30.16
N ALA C 83 1.53 -16.23 28.90
CA ALA C 83 0.68 -16.62 27.75
C ALA C 83 1.53 -16.74 26.49
N HIS C 84 1.19 -17.68 25.62
CA HIS C 84 1.86 -17.78 24.30
C HIS C 84 0.89 -18.32 23.27
N THR C 85 1.22 -18.04 22.02
CA THR C 85 0.38 -18.27 20.83
C THR C 85 0.99 -19.42 20.03
N VAL C 86 0.16 -20.37 19.62
CA VAL C 86 0.61 -21.55 18.85
C VAL C 86 -0.04 -21.52 17.48
N ASN C 87 0.68 -22.07 16.50
CA ASN C 87 0.24 -22.11 15.09
C ASN C 87 0.61 -23.46 14.52
N ARG C 88 -0.38 -24.35 14.43
CA ARG C 88 -0.33 -25.56 13.59
C ARG C 88 -1.50 -25.45 12.61
N VAL C 89 -1.59 -24.28 11.96
CA VAL C 89 -2.63 -23.88 10.97
C VAL C 89 -4.01 -24.32 11.48
N CYS C 90 -4.75 -25.09 10.67
CA CYS C 90 -6.14 -25.50 10.96
C CYS C 90 -6.26 -26.24 12.30
N GLY C 91 -5.19 -26.85 12.79
CA GLY C 91 -5.21 -27.62 14.05
C GLY C 91 -4.91 -26.78 15.28
N SER C 92 -4.65 -25.48 15.13
CA SER C 92 -4.09 -24.61 16.19
C SER C 92 -4.97 -24.60 17.45
N GLY C 93 -6.29 -24.59 17.31
CA GLY C 93 -7.19 -24.51 18.47
C GLY C 93 -7.19 -25.79 19.28
N ALA C 94 -6.99 -26.94 18.62
CA ALA C 94 -6.81 -28.24 19.29
C ALA C 94 -5.38 -28.32 19.82
N GLN C 95 -4.42 -27.80 19.07
CA GLN C 95 -3.01 -27.80 19.51
C GLN C 95 -2.89 -27.10 20.87
N ALA C 96 -3.59 -26.00 21.07
CA ALA C 96 -3.50 -25.24 22.35
C ALA C 96 -3.85 -26.19 23.51
N VAL C 97 -4.82 -27.08 23.32
CA VAL C 97 -5.24 -28.04 24.38
C VAL C 97 -4.17 -29.13 24.52
N VAL C 98 -3.58 -29.61 23.43
CA VAL C 98 -2.45 -30.57 23.49
C VAL C 98 -1.27 -29.92 24.22
N THR C 99 -0.94 -28.67 23.90
CA THR C 99 0.14 -27.92 24.57
C THR C 99 -0.16 -27.88 26.08
N ALA C 100 -1.38 -27.57 26.46
CA ALA C 100 -1.84 -27.51 27.87
C ALA C 100 -1.61 -28.88 28.54
N TYR C 101 -2.08 -29.94 27.91
CA TYR C 101 -1.88 -31.33 28.37
C TYR C 101 -0.38 -31.58 28.65
N ALA C 102 0.48 -31.26 27.70
CA ALA C 102 1.94 -31.49 27.83
C ALA C 102 2.50 -30.67 29.01
N GLN C 103 2.05 -29.43 29.18
CA GLN C 103 2.54 -28.58 30.29
C GLN C 103 2.13 -29.20 31.64
N ILE C 104 0.92 -29.74 31.72
CA ILE C 104 0.41 -30.30 32.99
C ILE C 104 1.13 -31.62 33.25
N ARG C 105 1.20 -32.51 32.25
CA ARG C 105 1.78 -33.87 32.41
C ARG C 105 3.28 -33.75 32.73
N SER C 106 3.95 -32.71 32.26
CA SER C 106 5.40 -32.50 32.47
C SER C 106 5.65 -31.73 33.77
N GLY C 107 4.60 -31.26 34.45
CA GLY C 107 4.73 -30.56 35.73
C GLY C 107 5.06 -29.09 35.58
N LEU C 108 5.02 -28.51 34.38
CA LEU C 108 5.29 -27.06 34.19
C LEU C 108 4.08 -26.23 34.65
N SER C 109 2.89 -26.79 34.60
CA SER C 109 1.62 -26.10 34.88
C SER C 109 0.69 -27.02 35.68
N ASN C 110 -0.21 -26.45 36.46
CA ASN C 110 -1.32 -27.20 37.10
C ASN C 110 -2.64 -26.90 36.40
N LEU C 111 -2.83 -25.69 35.92
CA LEU C 111 -4.12 -25.30 35.28
C LEU C 111 -3.83 -24.31 34.16
N VAL C 112 -4.37 -24.59 32.99
CA VAL C 112 -4.11 -23.80 31.76
C VAL C 112 -5.48 -23.43 31.17
N ILE C 113 -5.64 -22.20 30.70
CA ILE C 113 -6.78 -21.84 29.84
C ILE C 113 -6.29 -21.94 28.41
N ALA C 114 -6.90 -22.82 27.63
CA ALA C 114 -6.45 -23.15 26.27
C ALA C 114 -7.60 -22.92 25.29
N GLY C 115 -7.28 -22.41 24.11
CA GLY C 115 -8.30 -22.29 23.06
C GLY C 115 -7.71 -21.74 21.79
N GLY C 116 -8.54 -21.07 21.01
CA GLY C 116 -8.09 -20.49 19.74
C GLY C 116 -8.99 -19.35 19.34
N VAL C 117 -8.46 -18.49 18.45
CA VAL C 117 -9.15 -17.27 17.98
C VAL C 117 -8.83 -17.12 16.49
N GLU C 118 -9.77 -16.56 15.75
CA GLU C 118 -9.49 -16.20 14.34
C GLU C 118 -10.55 -15.24 13.86
N ASN C 119 -10.13 -14.30 13.02
CA ASN C 119 -11.07 -13.40 12.33
C ASN C 119 -10.50 -13.15 10.93
N MET C 120 -11.10 -13.78 9.92
CA MET C 120 -10.51 -13.77 8.57
C MET C 120 -10.74 -12.40 7.91
N ASP C 121 -11.85 -11.70 8.19
CA ASP C 121 -12.02 -10.31 7.70
C ASP C 121 -10.87 -9.44 8.20
N GLN C 122 -10.46 -9.64 9.45
CA GLN C 122 -9.46 -8.77 10.13
C GLN C 122 -8.05 -9.08 9.64
N ALA C 123 -7.84 -10.14 8.86
CA ALA C 123 -6.52 -10.39 8.25
C ALA C 123 -6.21 -9.24 7.30
N PRO C 124 -5.02 -8.59 7.43
CA PRO C 124 -4.66 -7.44 6.61
C PRO C 124 -4.13 -7.90 5.24
N TYR C 125 -3.94 -6.94 4.36
CA TYR C 125 -3.11 -7.11 3.16
C TYR C 125 -1.67 -6.84 3.56
N LEU C 126 -0.74 -7.47 2.85
CA LEU C 126 0.72 -7.39 3.08
C LEU C 126 1.35 -6.69 1.89
N MET C 127 2.34 -5.84 2.14
CA MET C 127 3.13 -5.19 1.06
C MET C 127 4.59 -5.57 1.25
N PRO C 128 5.03 -6.71 0.69
CA PRO C 128 6.42 -7.16 0.79
C PRO C 128 7.46 -6.15 0.30
N SER C 129 7.11 -5.31 -0.67
CA SER C 129 8.08 -4.40 -1.32
C SER C 129 8.08 -3.01 -0.65
N LEU C 130 7.23 -2.74 0.35
CA LEU C 130 7.12 -1.36 0.90
C LEU C 130 8.34 -1.02 1.77
N ARG C 131 8.96 -1.98 2.46
CA ARG C 131 10.10 -1.65 3.36
C ARG C 131 11.23 -1.05 2.53
N HIS C 132 11.71 -1.78 1.53
CA HIS C 132 12.96 -1.39 0.81
C HIS C 132 12.66 -0.97 -0.63
N GLY C 133 11.41 -0.98 -1.04
CA GLY C 133 10.98 -0.34 -2.30
C GLY C 133 10.74 -1.33 -3.41
N ALA C 134 9.82 -0.99 -4.32
CA ALA C 134 9.55 -1.73 -5.57
C ALA C 134 10.44 -1.24 -6.72
N ARG C 135 11.00 -0.04 -6.57
CA ARG C 135 11.98 0.63 -7.47
C ARG C 135 11.32 1.05 -8.79
N MET C 136 10.85 0.11 -9.59
CA MET C 136 10.14 0.44 -10.84
C MET C 136 9.29 -0.76 -11.27
N GLY C 137 8.13 -0.48 -11.81
CA GLY C 137 7.21 -1.56 -12.21
C GLY C 137 6.18 -1.83 -11.15
N HIS C 138 5.06 -2.36 -11.59
CA HIS C 138 3.91 -2.68 -10.70
C HIS C 138 4.36 -3.72 -9.67
N THR C 139 3.71 -3.75 -8.51
CA THR C 139 4.06 -4.67 -7.41
C THR C 139 2.76 -5.18 -6.80
N GLN C 140 2.82 -6.27 -6.06
CA GLN C 140 1.60 -6.93 -5.53
C GLN C 140 1.42 -6.57 -4.04
N ALA C 141 0.17 -6.37 -3.63
CA ALA C 141 -0.25 -6.43 -2.22
C ALA C 141 -0.92 -7.79 -2.01
N LEU C 142 -0.42 -8.58 -1.04
CA LEU C 142 -0.90 -9.96 -0.81
C LEU C 142 -2.03 -9.94 0.21
N ASP C 143 -3.05 -10.74 -0.04
CA ASP C 143 -4.10 -11.04 0.96
C ASP C 143 -3.47 -12.01 1.97
N ALA C 144 -3.28 -11.58 3.21
CA ALA C 144 -2.62 -12.43 4.24
C ALA C 144 -3.45 -13.70 4.46
N LEU C 145 -4.76 -13.70 4.26
CA LEU C 145 -5.49 -14.94 4.56
C LEU C 145 -5.08 -16.02 3.55
N LEU C 146 -4.73 -15.65 2.33
CA LEU C 146 -4.19 -16.61 1.34
C LEU C 146 -2.73 -16.90 1.68
N ARG C 147 -1.91 -15.87 1.84
CA ARG C 147 -0.44 -16.07 1.99
C ARG C 147 -0.14 -16.88 3.26
N ASP C 148 -0.78 -16.57 4.39
CA ASP C 148 -0.38 -17.18 5.69
C ASP C 148 -1.40 -18.23 6.15
N GLY C 149 -2.57 -18.32 5.51
CA GLY C 149 -3.67 -19.15 6.02
C GLY C 149 -4.10 -20.28 5.10
N LEU C 150 -4.34 -20.00 3.82
CA LEU C 150 -5.07 -20.96 2.93
C LEU C 150 -4.19 -21.49 1.78
N ASN C 151 -3.16 -20.76 1.34
CA ASN C 151 -2.28 -21.25 0.24
C ASN C 151 -1.19 -22.13 0.86
N ASP C 152 -0.91 -23.26 0.24
CA ASP C 152 0.22 -24.11 0.64
C ASP C 152 1.52 -23.29 0.53
N ALA C 153 2.41 -23.41 1.52
CA ALA C 153 3.66 -22.62 1.57
C ALA C 153 4.66 -23.14 0.55
N PHE C 154 4.50 -24.36 0.01
CA PHE C 154 5.48 -24.94 -0.93
C PHE C 154 5.07 -24.69 -2.37
N SER C 155 3.78 -24.79 -2.69
CA SER C 155 3.25 -24.66 -4.06
C SER C 155 2.68 -23.26 -4.33
N ASP C 156 2.27 -22.55 -3.28
CA ASP C 156 1.48 -21.28 -3.37
C ASP C 156 0.10 -21.55 -3.98
N GLN C 157 -0.35 -22.78 -4.07
CA GLN C 157 -1.72 -23.11 -4.56
C GLN C 157 -2.68 -23.12 -3.39
N HIS C 158 -3.93 -22.77 -3.62
CA HIS C 158 -4.98 -22.82 -2.56
C HIS C 158 -5.13 -24.25 -2.05
N SER C 159 -5.40 -24.41 -0.76
CA SER C 159 -5.78 -25.68 -0.10
C SER C 159 -6.88 -26.40 -0.92
N GLY C 160 -7.86 -25.65 -1.45
CA GLY C 160 -8.96 -26.21 -2.24
C GLY C 160 -8.47 -26.82 -3.53
N TRP C 161 -7.47 -26.19 -4.14
CA TRP C 161 -6.82 -26.68 -5.38
C TRP C 161 -6.14 -28.01 -5.07
N HIS C 162 -5.35 -28.08 -4.00
CA HIS C 162 -4.69 -29.34 -3.60
C HIS C 162 -5.73 -30.41 -3.29
N THR C 163 -6.83 -30.06 -2.64
CA THR C 163 -7.86 -31.05 -2.22
C THR C 163 -8.49 -31.71 -3.46
N GLU C 164 -8.48 -31.07 -4.63
CA GLU C 164 -8.96 -31.74 -5.87
C GLU C 164 -8.11 -32.99 -6.16
N ASP C 165 -6.83 -33.05 -5.75
CA ASP C 165 -5.99 -34.26 -5.95
C ASP C 165 -6.41 -35.36 -4.96
N LEU C 166 -6.86 -34.98 -3.77
CA LEU C 166 -7.44 -35.94 -2.79
C LEU C 166 -8.74 -36.50 -3.38
N VAL C 167 -9.59 -35.61 -3.92
CA VAL C 167 -10.84 -36.01 -4.61
C VAL C 167 -10.50 -37.05 -5.68
N ALA C 168 -9.52 -36.78 -6.53
CA ALA C 168 -9.18 -37.68 -7.65
C ALA C 168 -8.68 -39.03 -7.09
N LYS C 169 -7.79 -38.98 -6.09
CA LYS C 169 -7.17 -40.20 -5.53
C LYS C 169 -8.24 -41.12 -4.96
N TYR C 170 -9.20 -40.57 -4.22
CA TYR C 170 -10.22 -41.37 -3.48
C TYR C 170 -11.52 -41.44 -4.27
N GLU C 171 -11.54 -40.91 -5.50
CA GLU C 171 -12.69 -40.96 -6.43
C GLU C 171 -13.93 -40.41 -5.73
N VAL C 172 -13.80 -39.26 -5.06
CA VAL C 172 -14.92 -38.62 -4.32
C VAL C 172 -15.78 -37.84 -5.32
N SER C 173 -16.95 -38.36 -5.64
CA SER C 173 -17.85 -37.76 -6.66
C SER C 173 -18.35 -36.41 -6.15
N ARG C 174 -18.60 -35.51 -7.09
CA ARG C 174 -19.35 -34.26 -6.86
C ARG C 174 -20.65 -34.56 -6.11
N GLU C 175 -21.38 -35.59 -6.53
CA GLU C 175 -22.71 -35.93 -5.96
C GLU C 175 -22.54 -36.29 -4.48
N ALA C 176 -21.52 -37.07 -4.15
CA ALA C 176 -21.27 -37.48 -2.75
C ALA C 176 -20.88 -36.25 -1.91
N GLN C 177 -20.08 -35.35 -2.46
CA GLN C 177 -19.66 -34.12 -1.74
C GLN C 177 -20.91 -33.29 -1.44
N ASP C 178 -21.80 -33.13 -2.43
CA ASP C 178 -23.00 -32.27 -2.27
C ASP C 178 -23.97 -32.94 -1.30
N ARG C 179 -24.08 -34.28 -1.32
CA ARG C 179 -24.95 -35.01 -0.36
C ARG C 179 -24.43 -34.75 1.06
N PHE C 180 -23.12 -34.88 1.26
CA PHE C 180 -22.47 -34.66 2.57
C PHE C 180 -22.72 -33.22 3.03
N ALA C 181 -22.54 -32.26 2.13
CA ALA C 181 -22.69 -30.82 2.45
C ALA C 181 -24.14 -30.52 2.83
N ALA C 182 -25.10 -31.01 2.04
CA ALA C 182 -26.54 -30.77 2.34
C ALA C 182 -26.87 -31.36 3.71
N THR C 183 -26.34 -32.55 3.99
CA THR C 183 -26.60 -33.26 5.27
C THR C 183 -25.99 -32.44 6.40
N SER C 184 -24.79 -31.89 6.23
CA SER C 184 -24.17 -31.03 7.26
C SER C 184 -25.10 -29.85 7.58
N GLN C 185 -25.61 -29.18 6.56
CA GLN C 185 -26.52 -28.02 6.73
C GLN C 185 -27.79 -28.48 7.46
N GLN C 186 -28.38 -29.60 7.04
CA GLN C 186 -29.67 -30.07 7.61
C GLN C 186 -29.48 -30.45 9.08
N ARG C 187 -28.41 -31.20 9.38
CA ARG C 187 -28.10 -31.64 10.77
C ARG C 187 -27.86 -30.43 11.65
N PHE C 188 -27.08 -29.46 11.16
CA PHE C 188 -26.74 -28.25 11.95
C PHE C 188 -28.01 -27.45 12.24
N ALA C 189 -28.83 -27.23 11.23
CA ALA C 189 -30.07 -26.41 11.34
C ALA C 189 -31.01 -27.06 12.39
N ALA C 190 -31.17 -28.38 12.35
CA ALA C 190 -32.08 -29.12 13.26
C ALA C 190 -31.55 -29.00 14.70
N ALA C 191 -30.25 -29.24 14.88
CA ALA C 191 -29.60 -29.16 16.21
C ALA C 191 -29.72 -27.73 16.75
N GLN C 192 -29.47 -26.74 15.89
CA GLN C 192 -29.53 -25.31 16.30
C GLN C 192 -30.96 -25.00 16.76
N ALA C 193 -31.96 -25.38 15.96
CA ALA C 193 -33.39 -25.11 16.23
C ALA C 193 -33.82 -25.79 17.54
N ALA C 194 -33.24 -26.96 17.85
CA ALA C 194 -33.55 -27.74 19.07
C ALA C 194 -32.88 -27.12 20.30
N GLY C 195 -32.02 -26.11 20.13
CA GLY C 195 -31.34 -25.41 21.23
C GLY C 195 -30.06 -26.13 21.66
N TRP C 196 -29.56 -27.06 20.86
CA TRP C 196 -28.45 -27.94 21.28
C TRP C 196 -27.11 -27.18 21.37
N PHE C 197 -27.00 -25.98 20.79
CA PHE C 197 -25.74 -25.19 20.83
C PHE C 197 -25.86 -24.04 21.85
N GLU C 198 -26.99 -23.88 22.53
CA GLU C 198 -27.16 -22.74 23.47
C GLU C 198 -26.17 -22.85 24.64
N GLY C 199 -25.95 -24.07 25.17
CA GLY C 199 -25.11 -24.30 26.36
C GLY C 199 -23.65 -23.90 26.12
N GLU C 200 -23.13 -24.13 24.92
CA GLU C 200 -21.69 -23.94 24.62
C GLU C 200 -21.43 -22.49 24.18
N ILE C 201 -22.44 -21.75 23.74
CA ILE C 201 -22.27 -20.40 23.11
C ILE C 201 -22.41 -19.32 24.18
N VAL C 202 -21.47 -18.37 24.17
CA VAL C 202 -21.55 -17.13 24.98
C VAL C 202 -21.81 -15.98 24.02
N PRO C 203 -22.83 -15.14 24.28
CA PRO C 203 -23.17 -14.03 23.40
C PRO C 203 -22.06 -12.96 23.46
N VAL C 204 -21.86 -12.24 22.36
CA VAL C 204 -20.90 -11.10 22.26
C VAL C 204 -21.71 -9.86 21.90
N THR C 205 -21.58 -8.77 22.64
CA THR C 205 -22.23 -7.48 22.30
C THR C 205 -21.30 -6.66 21.41
N ILE C 206 -21.75 -6.33 20.20
CA ILE C 206 -20.94 -5.56 19.20
C ILE C 206 -21.52 -4.16 19.14
N THR C 207 -20.70 -3.15 19.44
CA THR C 207 -21.08 -1.71 19.39
C THR C 207 -20.66 -1.15 18.04
N THR C 208 -21.62 -0.59 17.28
CA THR C 208 -21.39 0.03 15.93
C THR C 208 -22.15 1.36 15.83
N ARG C 209 -21.71 2.27 14.96
CA ARG C 209 -22.24 3.65 14.77
C ARG C 209 -23.08 4.09 15.98
N LYS C 210 -24.42 4.03 15.93
CA LYS C 210 -25.37 4.38 17.04
C LYS C 210 -26.15 3.13 17.45
N GLY C 211 -25.53 1.95 17.37
CA GLY C 211 -26.16 0.66 17.72
C GLY C 211 -25.24 -0.26 18.51
N GLU C 212 -25.83 -0.97 19.48
CA GLU C 212 -25.29 -2.25 20.04
C GLU C 212 -26.13 -3.42 19.53
N THR C 213 -25.46 -4.48 19.10
CA THR C 213 -26.08 -5.71 18.57
C THR C 213 -25.58 -6.87 19.44
N VAL C 214 -26.50 -7.65 20.00
CA VAL C 214 -26.15 -8.86 20.79
C VAL C 214 -26.06 -10.04 19.81
N PHE C 215 -24.84 -10.49 19.54
CA PHE C 215 -24.55 -11.63 18.65
C PHE C 215 -24.59 -12.92 19.49
N ALA C 216 -25.64 -13.73 19.31
CA ALA C 216 -25.98 -14.81 20.25
C ALA C 216 -26.08 -16.18 19.55
N LYS C 217 -26.08 -16.20 18.22
CA LYS C 217 -26.44 -17.39 17.42
C LYS C 217 -25.50 -17.48 16.21
N ASP C 218 -25.05 -18.67 15.85
CA ASP C 218 -24.22 -18.88 14.63
C ASP C 218 -24.99 -18.34 13.42
N GLU C 219 -24.32 -17.60 12.52
CA GLU C 219 -25.02 -16.87 11.42
C GLU C 219 -24.61 -17.39 10.04
N ALA C 220 -23.61 -18.26 9.92
CA ALA C 220 -22.99 -18.59 8.62
C ALA C 220 -23.74 -19.72 7.92
N ASN C 221 -24.64 -20.42 8.60
CA ASN C 221 -25.27 -21.66 8.08
C ASN C 221 -26.41 -21.30 7.13
N ARG C 222 -26.75 -22.25 6.25
CA ARG C 222 -27.79 -22.06 5.21
C ARG C 222 -28.77 -23.23 5.30
N PRO C 223 -29.80 -23.12 6.19
CA PRO C 223 -30.75 -24.22 6.42
C PRO C 223 -31.51 -24.66 5.16
N ASP C 224 -31.62 -23.78 4.17
CA ASP C 224 -32.41 -24.02 2.92
C ASP C 224 -31.56 -24.78 1.89
N THR C 225 -30.34 -25.18 2.23
CA THR C 225 -29.44 -25.91 1.29
C THR C 225 -30.07 -27.22 0.84
N THR C 226 -30.05 -27.52 -0.46
CA THR C 226 -30.49 -28.84 -1.02
C THR C 226 -29.42 -29.40 -1.95
N GLU C 227 -29.42 -30.72 -2.17
CA GLU C 227 -28.51 -31.35 -3.17
C GLU C 227 -28.73 -30.71 -4.55
N ALA C 228 -29.98 -30.46 -4.92
CA ALA C 228 -30.34 -29.86 -6.23
C ALA C 228 -29.69 -28.49 -6.38
N GLY C 229 -29.80 -27.64 -5.36
CA GLY C 229 -29.17 -26.30 -5.37
C GLY C 229 -27.65 -26.39 -5.48
N LEU C 230 -27.05 -27.30 -4.70
CA LEU C 230 -25.58 -27.45 -4.65
C LEU C 230 -25.04 -27.90 -6.01
N ALA C 231 -25.80 -28.73 -6.73
CA ALA C 231 -25.40 -29.29 -8.05
C ALA C 231 -25.24 -28.17 -9.07
N LYS C 232 -25.88 -27.01 -8.85
CA LYS C 232 -25.84 -25.89 -9.82
C LYS C 232 -24.57 -25.05 -9.66
N LEU C 233 -23.83 -25.18 -8.58
CA LEU C 233 -22.69 -24.27 -8.29
C LEU C 233 -21.48 -24.62 -9.16
N ARG C 234 -20.66 -23.61 -9.48
CA ARG C 234 -19.45 -23.76 -10.30
C ARG C 234 -18.28 -24.17 -9.41
N PRO C 235 -17.34 -24.97 -9.94
CA PRO C 235 -16.14 -25.36 -9.20
C PRO C 235 -15.35 -24.10 -8.86
N ALA C 236 -14.77 -24.04 -7.66
CA ALA C 236 -14.15 -22.80 -7.12
C ALA C 236 -12.64 -22.79 -7.37
N PHE C 237 -11.99 -23.95 -7.60
CA PHE C 237 -10.51 -24.05 -7.54
C PHE C 237 -9.91 -24.61 -8.82
N ARG C 238 -10.61 -25.46 -9.55
CA ARG C 238 -10.16 -25.98 -10.87
C ARG C 238 -11.34 -26.01 -11.83
N LYS C 239 -11.10 -25.75 -13.11
CA LYS C 239 -12.18 -25.61 -14.12
C LYS C 239 -13.02 -26.89 -14.17
N ASP C 240 -12.40 -28.06 -14.06
CA ASP C 240 -13.10 -29.37 -14.14
C ASP C 240 -13.29 -29.92 -12.73
N GLY C 241 -13.31 -29.05 -11.72
CA GLY C 241 -13.24 -29.45 -10.30
C GLY C 241 -14.59 -29.88 -9.77
N THR C 242 -14.61 -30.27 -8.49
CA THR C 242 -15.81 -30.76 -7.76
C THR C 242 -16.06 -29.87 -6.55
N ILE C 243 -15.04 -29.17 -6.04
CA ILE C 243 -15.17 -28.35 -4.81
C ILE C 243 -15.76 -27.00 -5.18
N THR C 244 -16.79 -26.58 -4.44
CA THR C 244 -17.54 -25.34 -4.70
C THR C 244 -17.64 -24.53 -3.41
N ALA C 245 -18.25 -23.36 -3.51
CA ALA C 245 -18.57 -22.51 -2.33
C ALA C 245 -19.55 -23.24 -1.41
N GLY C 246 -20.34 -24.18 -1.94
CA GLY C 246 -21.42 -24.85 -1.20
C GLY C 246 -20.99 -26.12 -0.49
N ASN C 247 -19.90 -26.76 -0.91
CA ASN C 247 -19.41 -28.01 -0.27
C ASN C 247 -18.07 -27.72 0.45
N ALA C 248 -17.85 -26.46 0.80
CA ALA C 248 -16.74 -26.01 1.67
C ALA C 248 -17.28 -24.96 2.63
N PRO C 249 -16.61 -24.75 3.77
CA PRO C 249 -16.96 -23.70 4.72
C PRO C 249 -16.59 -22.31 4.16
N GLY C 250 -17.03 -21.26 4.84
CA GLY C 250 -16.66 -19.86 4.51
C GLY C 250 -15.35 -19.43 5.14
N LEU C 251 -15.20 -18.12 5.26
CA LEU C 251 -14.03 -17.41 5.83
C LEU C 251 -14.50 -16.75 7.12
N ASN C 252 -14.44 -17.47 8.23
CA ASN C 252 -15.27 -17.18 9.43
C ASN C 252 -14.45 -16.59 10.56
N ALA C 253 -15.15 -16.12 11.59
CA ALA C 253 -14.57 -15.49 12.79
C ALA C 253 -15.15 -16.14 14.03
N GLY C 254 -14.33 -16.29 15.06
CA GLY C 254 -14.82 -16.82 16.34
C GLY C 254 -13.70 -17.12 17.30
N ALA C 255 -14.07 -17.53 18.51
CA ALA C 255 -13.12 -17.95 19.55
C ALA C 255 -13.77 -19.04 20.40
N ALA C 256 -12.93 -19.90 20.98
CA ALA C 256 -13.34 -20.88 21.99
C ALA C 256 -12.21 -21.02 23.01
N ALA C 257 -12.55 -21.34 24.25
CA ALA C 257 -11.55 -21.57 25.30
C ALA C 257 -12.13 -22.51 26.36
N MET C 258 -11.24 -23.12 27.11
CA MET C 258 -11.63 -24.09 28.13
C MET C 258 -10.50 -24.18 29.16
N ILE C 259 -10.83 -24.77 30.30
CA ILE C 259 -9.85 -25.04 31.38
C ILE C 259 -9.30 -26.45 31.16
N VAL C 260 -8.00 -26.57 31.24
CA VAL C 260 -7.30 -27.88 31.18
C VAL C 260 -6.54 -28.03 32.50
N SER C 261 -6.72 -29.17 33.18
CA SER C 261 -6.13 -29.44 34.50
C SER C 261 -6.18 -30.93 34.77
N SER C 262 -5.52 -31.41 35.82
CA SER C 262 -5.78 -32.76 36.34
C SER C 262 -7.24 -32.82 36.80
N HIS C 263 -7.80 -34.02 36.82
CA HIS C 263 -9.13 -34.28 37.41
C HIS C 263 -9.13 -33.79 38.87
N ALA C 264 -8.09 -34.12 39.62
CA ALA C 264 -7.98 -33.75 41.06
C ALA C 264 -8.03 -32.23 41.22
N THR C 265 -7.33 -31.49 40.36
CA THR C 265 -7.29 -30.01 40.43
C THR C 265 -8.70 -29.47 40.16
N ALA C 266 -9.37 -29.99 39.13
CA ALA C 266 -10.72 -29.53 38.75
C ALA C 266 -11.66 -29.73 39.96
N THR C 267 -11.68 -30.92 40.55
CA THR C 267 -12.54 -31.27 41.70
C THR C 267 -12.22 -30.34 42.86
N GLU C 268 -10.93 -30.14 43.16
CA GLU C 268 -10.47 -29.27 44.28
C GLU C 268 -11.04 -27.86 44.10
N LEU C 269 -11.11 -27.36 42.87
CA LEU C 269 -11.51 -25.94 42.59
C LEU C 269 -13.00 -25.82 42.28
N GLY C 270 -13.77 -26.90 42.42
CA GLY C 270 -15.23 -26.88 42.24
C GLY C 270 -15.60 -26.70 40.77
N LEU C 271 -14.74 -27.14 39.86
CA LEU C 271 -15.08 -27.19 38.43
C LEU C 271 -15.85 -28.50 38.16
N GLN C 272 -16.58 -28.54 37.06
CA GLN C 272 -17.32 -29.73 36.58
C GLN C 272 -16.64 -30.22 35.31
N PRO C 273 -15.67 -31.15 35.40
CA PRO C 273 -15.02 -31.67 34.19
C PRO C 273 -16.05 -32.21 33.20
N GLN C 274 -15.81 -31.97 31.91
CA GLN C 274 -16.70 -32.39 30.80
C GLN C 274 -16.06 -33.59 30.09
N LEU C 275 -14.76 -33.56 29.85
CA LEU C 275 -14.05 -34.60 29.07
C LEU C 275 -12.73 -34.94 29.73
N VAL C 276 -12.36 -36.22 29.62
CA VAL C 276 -10.98 -36.69 29.94
C VAL C 276 -10.29 -36.91 28.61
N ILE C 277 -9.05 -36.43 28.50
CA ILE C 277 -8.21 -36.66 27.32
C ILE C 277 -7.60 -38.06 27.45
N ARG C 278 -8.08 -38.99 26.63
CA ARG C 278 -7.66 -40.41 26.69
C ARG C 278 -6.57 -40.68 25.67
N GLY C 279 -6.42 -39.85 24.65
CA GLY C 279 -5.42 -40.09 23.60
C GLY C 279 -5.19 -38.87 22.77
N ILE C 280 -3.96 -38.69 22.29
CA ILE C 280 -3.57 -37.57 21.41
C ILE C 280 -2.78 -38.16 20.24
N GLY C 281 -3.11 -37.72 19.05
CA GLY C 281 -2.36 -38.07 17.83
C GLY C 281 -2.01 -36.84 17.05
N VAL C 282 -0.73 -36.71 16.67
CA VAL C 282 -0.28 -35.67 15.73
C VAL C 282 0.50 -36.39 14.64
N ALA C 283 0.08 -36.22 13.40
CA ALA C 283 0.69 -36.91 12.24
C ALA C 283 0.91 -35.93 11.11
N ALA C 284 1.74 -36.33 10.17
CA ALA C 284 2.03 -35.50 8.98
C ALA C 284 2.12 -36.40 7.75
N VAL C 285 1.74 -35.82 6.60
CA VAL C 285 1.63 -36.47 5.29
C VAL C 285 2.13 -35.48 4.24
N GLU C 286 2.11 -35.88 2.97
CA GLU C 286 2.42 -34.96 1.83
C GLU C 286 1.54 -33.71 1.95
N PRO C 287 2.14 -32.49 1.90
CA PRO C 287 1.36 -31.25 1.86
C PRO C 287 0.19 -31.33 0.87
N GLY C 288 0.42 -31.93 -0.29
CA GLY C 288 -0.58 -31.99 -1.37
C GLY C 288 -1.77 -32.86 -1.02
N LEU C 289 -1.65 -33.74 -0.03
CA LEU C 289 -2.72 -34.68 0.38
C LEU C 289 -3.07 -34.43 1.86
N PHE C 290 -3.02 -33.18 2.31
CA PHE C 290 -3.18 -32.82 3.73
C PHE C 290 -4.56 -33.27 4.25
N GLY C 291 -5.57 -33.38 3.40
CA GLY C 291 -6.91 -33.81 3.82
C GLY C 291 -6.92 -35.21 4.41
N PHE C 292 -5.91 -36.03 4.12
CA PHE C 292 -5.78 -37.41 4.65
C PHE C 292 -5.20 -37.40 6.08
N GLY C 293 -4.63 -36.27 6.50
CA GLY C 293 -3.93 -36.16 7.79
C GLY C 293 -4.68 -36.74 8.98
N PRO C 294 -6.02 -36.55 9.12
CA PRO C 294 -6.75 -37.09 10.26
C PRO C 294 -6.62 -38.61 10.41
N VAL C 295 -6.41 -39.33 9.31
CA VAL C 295 -6.39 -40.81 9.37
C VAL C 295 -5.25 -41.30 10.26
N PRO C 296 -3.95 -41.02 9.98
CA PRO C 296 -2.87 -41.42 10.88
C PRO C 296 -3.02 -40.79 12.27
N ALA C 297 -3.48 -39.54 12.36
CA ALA C 297 -3.63 -38.85 13.66
C ALA C 297 -4.67 -39.59 14.52
N ILE C 298 -5.82 -39.94 13.93
CA ILE C 298 -6.89 -40.66 14.67
C ILE C 298 -6.35 -42.02 15.12
N LYS C 299 -5.63 -42.74 14.25
CA LYS C 299 -5.08 -44.07 14.61
C LYS C 299 -4.16 -43.92 15.84
N LEU C 300 -3.35 -42.86 15.88
CA LEU C 300 -2.43 -42.64 17.01
C LEU C 300 -3.24 -42.37 18.29
N ALA C 301 -4.26 -41.52 18.22
CA ALA C 301 -5.07 -41.14 19.39
C ALA C 301 -5.80 -42.38 19.93
N LEU C 302 -6.39 -43.18 19.04
CA LEU C 302 -7.12 -44.41 19.42
C LEU C 302 -6.16 -45.40 20.06
N ALA C 303 -4.96 -45.56 19.53
CA ALA C 303 -3.95 -46.48 20.09
C ALA C 303 -3.63 -46.06 21.54
N GLN C 304 -3.42 -44.76 21.79
CA GLN C 304 -3.12 -44.26 23.14
C GLN C 304 -4.33 -44.55 24.07
N ALA C 305 -5.56 -44.38 23.59
CA ALA C 305 -6.77 -44.59 24.42
C ALA C 305 -7.09 -46.10 24.54
N GLN C 306 -6.44 -46.93 23.72
CA GLN C 306 -6.74 -48.39 23.60
C GLN C 306 -8.20 -48.57 23.18
N TRP C 307 -8.64 -47.78 22.20
CA TRP C 307 -9.97 -47.88 21.59
C TRP C 307 -9.83 -48.34 20.14
N GLN C 308 -10.88 -49.00 19.66
CA GLN C 308 -11.11 -49.30 18.24
C GLN C 308 -12.09 -48.28 17.67
N VAL C 309 -12.06 -48.07 16.36
CA VAL C 309 -12.98 -47.14 15.65
C VAL C 309 -14.42 -47.42 16.09
N GLN C 310 -14.82 -48.69 16.16
CA GLN C 310 -16.24 -49.07 16.42
C GLN C 310 -16.61 -48.84 17.90
N ASP C 311 -15.65 -48.54 18.77
CA ASP C 311 -15.92 -48.22 20.21
C ASP C 311 -16.35 -46.74 20.36
N VAL C 312 -16.17 -45.91 19.32
CA VAL C 312 -16.35 -44.45 19.42
C VAL C 312 -17.81 -44.09 19.10
N ASP C 313 -18.46 -43.36 20.01
CA ASP C 313 -19.88 -42.94 19.86
C ASP C 313 -19.98 -41.87 18.78
N ARG C 314 -19.07 -40.91 18.74
CA ARG C 314 -19.09 -39.89 17.66
C ARG C 314 -17.68 -39.42 17.31
N PHE C 315 -17.48 -39.26 16.01
CA PHE C 315 -16.31 -38.59 15.40
C PHE C 315 -16.74 -37.18 15.01
N GLU C 316 -15.92 -36.21 15.40
CA GLU C 316 -16.08 -34.79 15.04
C GLU C 316 -14.82 -34.41 14.25
N VAL C 317 -14.90 -34.51 12.93
CA VAL C 317 -13.76 -34.32 12.00
C VAL C 317 -14.04 -33.06 11.19
N ASN C 318 -13.13 -32.10 11.24
CA ASN C 318 -13.39 -30.76 10.68
C ASN C 318 -13.75 -30.88 9.18
N GLU C 319 -14.85 -30.26 8.76
CA GLU C 319 -15.30 -30.26 7.35
C GLU C 319 -14.54 -29.17 6.56
N ALA C 320 -13.22 -29.29 6.46
CA ALA C 320 -12.38 -28.32 5.70
C ALA C 320 -12.95 -28.24 4.28
N PHE C 321 -13.34 -29.41 3.78
CA PHE C 321 -14.11 -29.63 2.53
C PHE C 321 -15.00 -30.84 2.77
N ALA C 322 -16.17 -30.91 2.15
CA ALA C 322 -16.97 -32.15 2.17
C ALA C 322 -16.06 -33.34 1.79
N ALA C 323 -15.19 -33.18 0.80
CA ALA C 323 -14.30 -34.26 0.30
C ALA C 323 -13.43 -34.80 1.43
N VAL C 324 -12.91 -33.95 2.32
CA VAL C 324 -12.05 -34.40 3.45
C VAL C 324 -12.89 -35.21 4.44
N GLY C 325 -14.10 -34.76 4.76
CA GLY C 325 -15.00 -35.50 5.66
C GLY C 325 -15.23 -36.90 5.11
N LEU C 326 -15.56 -36.99 3.82
CA LEU C 326 -15.89 -38.29 3.18
C LEU C 326 -14.67 -39.20 3.17
N VAL C 327 -13.50 -38.69 2.83
CA VAL C 327 -12.28 -39.53 2.72
C VAL C 327 -11.96 -40.10 4.11
N VAL C 328 -12.01 -39.28 5.15
CA VAL C 328 -11.64 -39.74 6.52
C VAL C 328 -12.70 -40.75 7.00
N ARG C 329 -13.98 -40.40 6.88
CA ARG C 329 -15.08 -41.30 7.30
C ARG C 329 -14.95 -42.67 6.61
N ASP C 330 -14.78 -42.67 5.29
CA ASP C 330 -14.83 -43.91 4.48
C ASP C 330 -13.54 -44.72 4.69
N GLU C 331 -12.39 -44.06 4.83
CA GLU C 331 -11.10 -44.76 5.03
C GLU C 331 -11.14 -45.50 6.35
N LEU C 332 -11.74 -44.92 7.39
CA LEU C 332 -11.77 -45.51 8.75
C LEU C 332 -12.99 -46.40 8.94
N GLY C 333 -13.91 -46.43 7.97
CA GLY C 333 -15.13 -47.27 8.05
C GLY C 333 -16.08 -46.80 9.14
N ILE C 334 -16.15 -45.49 9.38
CA ILE C 334 -17.02 -44.91 10.42
C ILE C 334 -18.46 -44.88 9.90
N ALA C 335 -19.41 -45.24 10.76
CA ALA C 335 -20.84 -45.22 10.41
C ALA C 335 -21.24 -43.77 10.15
N PRO C 336 -21.97 -43.49 9.05
CA PRO C 336 -22.36 -42.12 8.71
C PRO C 336 -23.15 -41.42 9.84
N GLU C 337 -23.93 -42.19 10.62
CA GLU C 337 -24.76 -41.63 11.71
C GLU C 337 -23.87 -41.23 12.89
N ARG C 338 -22.59 -41.60 12.90
CA ARG C 338 -21.65 -41.30 14.01
C ARG C 338 -20.59 -40.29 13.59
N PHE C 339 -20.72 -39.70 12.41
CA PHE C 339 -19.71 -38.79 11.81
C PHE C 339 -20.31 -37.40 11.69
N ASN C 340 -19.78 -36.42 12.42
CA ASN C 340 -20.26 -35.00 12.41
C ASN C 340 -21.78 -34.99 12.61
N VAL C 341 -22.18 -35.53 13.75
CA VAL C 341 -23.58 -35.92 14.07
C VAL C 341 -24.48 -34.68 14.01
N ASP C 342 -24.00 -33.54 14.50
CA ASP C 342 -24.83 -32.31 14.61
C ASP C 342 -24.38 -31.30 13.55
N GLY C 343 -23.77 -31.78 12.46
CA GLY C 343 -23.29 -30.93 11.37
C GLY C 343 -21.90 -30.40 11.66
N GLY C 344 -21.29 -29.77 10.67
CA GLY C 344 -19.90 -29.33 10.77
C GLY C 344 -19.67 -28.00 10.10
N ALA C 345 -18.40 -27.72 9.81
CA ALA C 345 -17.92 -26.38 9.38
C ALA C 345 -18.60 -25.94 8.09
N ILE C 346 -19.05 -26.84 7.22
CA ILE C 346 -19.74 -26.40 5.97
C ILE C 346 -20.92 -25.53 6.39
N ALA C 347 -21.63 -25.94 7.44
CA ALA C 347 -22.75 -25.16 8.02
C ALA C 347 -22.22 -24.02 8.89
N HIS C 348 -21.50 -24.31 9.98
CA HIS C 348 -21.26 -23.30 11.05
C HIS C 348 -20.06 -22.40 10.72
N GLY C 349 -19.14 -22.85 9.88
CA GLY C 349 -17.95 -22.05 9.54
C GLY C 349 -16.66 -22.61 10.11
N HIS C 350 -15.54 -22.14 9.56
CA HIS C 350 -14.17 -22.61 9.88
C HIS C 350 -13.28 -21.41 10.19
N PRO C 351 -13.41 -20.79 11.39
CA PRO C 351 -12.52 -19.70 11.84
C PRO C 351 -11.18 -20.32 12.27
N ILE C 352 -10.29 -20.48 11.27
CA ILE C 352 -9.15 -21.45 11.24
C ILE C 352 -8.59 -21.74 12.64
N GLY C 353 -7.94 -20.77 13.29
CA GLY C 353 -7.18 -21.04 14.53
C GLY C 353 -8.09 -21.37 15.71
N ALA C 354 -9.39 -21.03 15.64
CA ALA C 354 -10.37 -21.33 16.71
C ALA C 354 -11.04 -22.70 16.48
N THR C 355 -11.10 -23.19 15.24
CA THR C 355 -11.97 -24.35 14.90
C THR C 355 -11.68 -25.57 15.79
N GLY C 356 -10.42 -25.90 16.02
CA GLY C 356 -10.07 -27.07 16.85
C GLY C 356 -10.62 -26.92 18.26
N ALA C 357 -10.60 -25.72 18.84
CA ALA C 357 -11.14 -25.46 20.19
C ALA C 357 -12.67 -25.49 20.12
N ILE C 358 -13.24 -25.02 19.02
CA ILE C 358 -14.72 -25.05 18.79
C ILE C 358 -15.18 -26.52 18.74
N LEU C 359 -14.46 -27.40 18.05
CA LEU C 359 -14.88 -28.81 17.92
C LEU C 359 -14.77 -29.50 19.29
N LEU C 360 -13.73 -29.22 20.08
CA LEU C 360 -13.61 -29.79 21.44
C LEU C 360 -14.79 -29.30 22.28
N THR C 361 -15.12 -28.02 22.16
CA THR C 361 -16.25 -27.41 22.89
C THR C 361 -17.54 -28.11 22.47
N LYS C 362 -17.76 -28.29 21.18
CA LYS C 362 -19.00 -28.95 20.68
C LYS C 362 -19.14 -30.32 21.32
N VAL C 363 -18.08 -31.12 21.29
CA VAL C 363 -18.11 -32.53 21.76
C VAL C 363 -18.34 -32.53 23.28
N ALA C 364 -17.74 -31.61 24.03
CA ALA C 364 -17.94 -31.53 25.49
C ALA C 364 -19.43 -31.44 25.80
N HIS C 365 -20.14 -30.57 25.09
CA HIS C 365 -21.57 -30.28 25.37
C HIS C 365 -22.45 -31.39 24.78
N ALA C 366 -22.09 -31.94 23.62
CA ALA C 366 -22.88 -33.02 22.97
C ALA C 366 -22.85 -34.30 23.83
N LEU C 367 -21.69 -34.67 24.38
CA LEU C 367 -21.62 -35.88 25.24
C LEU C 367 -22.43 -35.64 26.52
N ARG C 368 -22.39 -34.44 27.08
CA ARG C 368 -23.18 -34.13 28.30
C ARG C 368 -24.68 -34.36 27.99
N ARG C 369 -25.15 -33.86 26.85
CA ARG C 369 -26.57 -33.95 26.45
C ARG C 369 -26.98 -35.40 26.15
N THR C 370 -26.19 -36.15 25.39
CA THR C 370 -26.56 -37.48 24.87
C THR C 370 -26.20 -38.60 25.85
N SER C 371 -25.31 -38.35 26.79
CA SER C 371 -24.69 -39.37 27.68
C SER C 371 -23.84 -40.35 26.88
N GLU C 372 -23.49 -40.04 25.63
CA GLU C 372 -22.47 -40.80 24.89
C GLU C 372 -21.16 -40.78 25.68
N ARG C 373 -20.37 -41.84 25.57
CA ARG C 373 -19.17 -42.03 26.43
C ARG C 373 -17.90 -41.56 25.71
N ARG C 374 -17.78 -41.84 24.41
CA ARG C 374 -16.46 -41.78 23.72
C ARG C 374 -16.56 -40.97 22.43
N ALA C 375 -15.65 -40.02 22.24
CA ALA C 375 -15.63 -39.17 21.04
C ALA C 375 -14.19 -39.00 20.58
N VAL C 376 -14.04 -38.72 19.29
CA VAL C 376 -12.74 -38.29 18.71
C VAL C 376 -12.98 -36.98 17.98
N VAL C 377 -12.15 -35.98 18.28
CA VAL C 377 -12.08 -34.69 17.54
C VAL C 377 -10.83 -34.77 16.66
N SER C 378 -10.95 -34.46 15.39
CA SER C 378 -9.76 -34.45 14.50
C SER C 378 -9.90 -33.36 13.45
N LEU C 379 -8.77 -32.77 13.07
CA LEU C 379 -8.71 -31.76 11.98
C LEU C 379 -7.55 -32.10 11.07
N CYS C 380 -7.79 -32.04 9.76
CA CYS C 380 -6.71 -31.99 8.75
C CYS C 380 -6.09 -30.61 8.83
N ILE C 381 -4.85 -30.49 8.37
CA ILE C 381 -4.04 -29.28 8.59
C ILE C 381 -3.29 -28.94 7.31
N GLY C 382 -3.47 -27.73 6.81
CA GLY C 382 -2.71 -27.23 5.65
C GLY C 382 -1.23 -27.43 5.88
N GLY C 383 -0.50 -27.81 4.84
CA GLY C 383 0.91 -28.18 4.95
C GLY C 383 1.10 -29.66 5.17
N GLY C 384 0.00 -30.43 5.33
CA GLY C 384 0.08 -31.90 5.43
C GLY C 384 0.21 -32.40 6.84
N GLN C 385 -0.71 -32.04 7.71
CA GLN C 385 -0.68 -32.56 9.10
C GLN C 385 -2.11 -32.96 9.51
N GLY C 386 -2.19 -33.65 10.63
CA GLY C 386 -3.44 -34.04 11.27
C GLY C 386 -3.29 -34.02 12.78
N ILE C 387 -4.36 -33.64 13.47
CA ILE C 387 -4.37 -33.66 14.95
C ILE C 387 -5.67 -34.35 15.36
N ALA C 388 -5.60 -35.18 16.39
CA ALA C 388 -6.75 -35.92 16.94
C ALA C 388 -6.64 -36.02 18.46
N LEU C 389 -7.78 -35.89 19.13
CA LEU C 389 -7.90 -36.19 20.57
C LEU C 389 -9.03 -37.21 20.73
N ALA C 390 -8.74 -38.29 21.46
CA ALA C 390 -9.70 -39.28 21.97
C ALA C 390 -10.18 -38.77 23.32
N LEU C 391 -11.49 -38.63 23.49
CA LEU C 391 -12.11 -37.92 24.63
C LEU C 391 -13.20 -38.78 25.25
N GLU C 392 -13.26 -38.81 26.57
CA GLU C 392 -14.28 -39.61 27.28
C GLU C 392 -15.09 -38.68 28.17
N ARG C 393 -16.41 -38.85 28.15
CA ARG C 393 -17.30 -38.06 29.02
C ARG C 393 -16.94 -38.33 30.48
N VAL C 394 -16.92 -37.25 31.26
CA VAL C 394 -16.85 -37.32 32.74
C VAL C 394 -18.28 -37.16 33.26
N LYS C 395 -18.70 -38.07 34.15
CA LYS C 395 -20.06 -38.07 34.75
C LYS C 395 -20.29 -36.87 35.69
N LEU C 396 -21.55 -36.49 35.86
CA LEU C 396 -22.09 -35.53 36.86
C LEU C 396 -21.63 -34.11 36.50
N LYS D 3 12.83 -39.56 36.80
CA LYS D 3 12.74 -38.82 35.49
C LYS D 3 14.06 -39.01 34.73
N ASP D 4 14.03 -39.37 33.45
CA ASP D 4 15.31 -39.27 32.68
C ASP D 4 15.60 -37.79 32.39
N GLU D 5 16.89 -37.48 32.35
CA GLU D 5 17.42 -36.14 32.04
C GLU D 5 17.01 -35.78 30.61
N ILE D 6 16.53 -34.56 30.39
CA ILE D 6 16.28 -34.02 29.03
C ILE D 6 17.50 -33.20 28.63
N VAL D 7 18.07 -33.47 27.46
CA VAL D 7 19.36 -32.88 27.04
C VAL D 7 19.20 -32.19 25.70
N ILE D 8 20.07 -31.20 25.49
CA ILE D 8 20.27 -30.46 24.21
C ILE D 8 21.51 -31.06 23.55
N SER D 9 21.40 -31.43 22.28
CA SER D 9 22.54 -31.91 21.45
C SER D 9 22.63 -31.08 20.15
N SER D 10 23.83 -30.93 19.61
CA SER D 10 24.09 -30.36 18.27
C SER D 10 23.43 -28.99 18.11
N ALA D 11 23.54 -28.12 19.11
CA ALA D 11 23.03 -26.72 18.99
C ALA D 11 23.88 -26.02 17.94
N LEU D 12 23.22 -25.40 16.95
CA LEU D 12 23.90 -24.68 15.84
C LEU D 12 23.08 -23.43 15.49
N ARG D 13 23.76 -22.43 14.93
CA ARG D 13 23.09 -21.18 14.54
C ARG D 13 23.73 -20.66 13.25
N THR D 14 22.99 -19.83 12.52
CA THR D 14 23.56 -19.00 11.44
C THR D 14 24.37 -17.89 12.10
N PRO D 15 25.23 -17.20 11.33
CA PRO D 15 25.78 -15.92 11.77
C PRO D 15 24.54 -15.01 11.80
N ILE D 16 24.62 -13.89 12.53
CA ILE D 16 23.47 -12.96 12.67
C ILE D 16 23.68 -11.80 11.70
N GLY D 17 22.67 -11.55 10.87
CA GLY D 17 22.68 -10.47 9.87
C GLY D 17 22.28 -9.15 10.49
N ALA D 18 22.87 -8.08 9.95
CA ALA D 18 22.52 -6.69 10.31
C ALA D 18 21.23 -6.29 9.60
N PHE D 19 20.52 -5.31 10.12
CA PHE D 19 19.39 -4.67 9.40
C PHE D 19 19.90 -4.19 8.04
N SER D 20 19.19 -4.55 6.97
CA SER D 20 19.53 -4.26 5.55
C SER D 20 20.88 -4.88 5.20
N GLY D 21 21.25 -5.95 5.91
CA GLY D 21 22.56 -6.61 5.75
C GLY D 21 22.50 -7.84 4.85
N THR D 22 23.38 -8.79 5.10
CA THR D 22 23.65 -9.91 4.15
C THR D 22 22.42 -10.80 4.01
N LEU D 23 21.59 -10.92 5.06
CA LEU D 23 20.45 -11.87 5.05
C LEU D 23 19.15 -11.15 4.66
N LYS D 24 19.21 -9.91 4.19
CA LYS D 24 17.98 -9.09 4.00
C LYS D 24 17.01 -9.73 3.01
N ASP D 25 17.48 -10.57 2.09
CA ASP D 25 16.62 -11.19 1.04
C ASP D 25 16.37 -12.67 1.33
N THR D 26 16.74 -13.16 2.51
CA THR D 26 16.64 -14.60 2.85
C THR D 26 15.57 -14.81 3.93
N PRO D 27 14.38 -15.38 3.58
CA PRO D 27 13.32 -15.56 4.56
C PRO D 27 13.80 -16.31 5.81
N ALA D 28 13.22 -15.94 6.95
CA ALA D 28 13.46 -16.59 8.26
C ALA D 28 13.33 -18.12 8.13
N ALA D 29 12.30 -18.61 7.44
CA ALA D 29 12.08 -20.07 7.27
C ALA D 29 13.26 -20.70 6.51
N ALA D 30 13.84 -19.99 5.55
CA ALA D 30 14.99 -20.52 4.78
C ALA D 30 16.23 -20.59 5.67
N LEU D 31 16.41 -19.61 6.56
CA LEU D 31 17.52 -19.63 7.54
C LEU D 31 17.36 -20.86 8.46
N GLY D 32 16.15 -21.10 8.99
CA GLY D 32 15.92 -22.28 9.85
C GLY D 32 16.15 -23.56 9.07
N ALA D 33 15.64 -23.66 7.85
CA ALA D 33 15.80 -24.86 6.98
C ALA D 33 17.29 -25.17 6.83
N HIS D 34 18.10 -24.14 6.61
CA HIS D 34 19.56 -24.30 6.40
C HIS D 34 20.20 -24.90 7.66
N VAL D 35 19.85 -24.39 8.84
CA VAL D 35 20.43 -24.92 10.12
C VAL D 35 20.01 -26.38 10.29
N VAL D 36 18.74 -26.67 10.04
CA VAL D 36 18.20 -28.04 10.25
C VAL D 36 18.91 -29.00 9.28
N LYS D 37 19.04 -28.61 8.02
CA LYS D 37 19.72 -29.44 6.99
C LYS D 37 21.14 -29.73 7.46
N THR D 38 21.86 -28.71 7.92
CA THR D 38 23.27 -28.83 8.34
C THR D 38 23.35 -29.74 9.57
N LEU D 39 22.45 -29.53 10.53
CA LEU D 39 22.37 -30.33 11.77
C LEU D 39 22.21 -31.82 11.41
N LEU D 40 21.30 -32.14 10.48
CA LEU D 40 21.07 -33.56 10.07
C LEU D 40 22.33 -34.11 9.39
N GLU D 41 22.97 -33.33 8.53
CA GLU D 41 24.17 -33.76 7.77
C GLU D 41 25.30 -34.07 8.78
N ARG D 42 25.53 -33.18 9.74
CA ARG D 42 26.69 -33.32 10.66
C ARG D 42 26.45 -34.45 11.67
N THR D 43 25.26 -34.54 12.25
CA THR D 43 24.95 -35.54 13.29
C THR D 43 24.76 -36.93 12.66
N GLY D 44 24.34 -37.00 11.40
CA GLY D 44 23.89 -38.28 10.79
C GLY D 44 22.63 -38.82 11.46
N LEU D 45 21.89 -37.99 12.19
CA LEU D 45 20.64 -38.42 12.87
C LEU D 45 19.68 -39.02 11.85
N ALA D 46 19.13 -40.20 12.13
CA ALA D 46 18.11 -40.83 11.26
C ALA D 46 16.90 -39.90 11.18
N PRO D 47 16.56 -39.34 10.00
CA PRO D 47 15.48 -38.33 9.91
C PRO D 47 14.14 -38.85 10.45
N GLU D 48 13.89 -40.16 10.34
CA GLU D 48 12.61 -40.80 10.77
C GLU D 48 12.52 -40.76 12.30
N ARG D 49 13.62 -40.51 13.02
CA ARG D 49 13.62 -40.48 14.50
C ARG D 49 13.28 -39.07 14.99
N VAL D 50 13.06 -38.11 14.10
CA VAL D 50 12.59 -36.76 14.50
C VAL D 50 11.07 -36.81 14.63
N ASP D 51 10.56 -36.59 15.84
CA ASP D 51 9.11 -36.77 16.12
C ASP D 51 8.37 -35.46 15.84
N GLU D 52 9.06 -34.32 15.91
CA GLU D 52 8.43 -32.99 15.77
C GLU D 52 9.52 -31.95 15.56
N VAL D 53 9.20 -30.90 14.81
CA VAL D 53 10.00 -29.67 14.71
C VAL D 53 9.18 -28.54 15.33
N VAL D 54 9.73 -27.88 16.34
CA VAL D 54 9.09 -26.70 16.97
C VAL D 54 10.00 -25.50 16.71
N MET D 55 9.46 -24.44 16.12
CA MET D 55 10.25 -23.21 15.82
C MET D 55 9.52 -22.00 16.40
N GLY D 56 10.30 -21.13 17.05
CA GLY D 56 9.82 -19.81 17.46
C GLY D 56 9.90 -18.87 16.27
N ASN D 57 8.92 -17.99 16.14
CA ASN D 57 8.92 -16.94 15.09
C ASN D 57 7.91 -15.90 15.53
N VAL D 58 8.33 -14.64 15.61
CA VAL D 58 7.41 -13.59 16.15
C VAL D 58 6.70 -12.89 15.00
N LEU D 59 7.44 -12.47 13.97
CA LEU D 59 6.87 -11.73 12.83
C LEU D 59 6.47 -12.76 11.77
N GLN D 60 5.37 -13.45 11.99
CA GLN D 60 4.90 -14.53 11.08
C GLN D 60 4.27 -13.93 9.83
N ALA D 61 3.88 -12.65 9.85
CA ALA D 61 3.17 -11.99 8.72
C ALA D 61 3.97 -12.19 7.42
N GLY D 62 3.33 -12.78 6.42
CA GLY D 62 3.92 -12.91 5.08
C GLY D 62 4.94 -14.02 4.97
N ASN D 63 5.18 -14.79 6.03
CA ASN D 63 6.17 -15.89 6.01
C ASN D 63 5.54 -17.16 5.42
N GLY D 64 4.24 -17.13 5.13
CA GLY D 64 3.56 -18.30 4.56
C GLY D 64 3.10 -19.26 5.64
N MET D 65 2.33 -20.25 5.23
CA MET D 65 1.64 -21.16 6.18
C MET D 65 2.67 -21.88 7.07
N ASN D 66 2.60 -21.66 8.39
CA ASN D 66 3.31 -22.44 9.44
C ASN D 66 4.82 -22.50 9.17
N VAL D 67 5.53 -21.48 9.60
CA VAL D 67 7.00 -21.36 9.43
C VAL D 67 7.71 -22.66 9.85
N ALA D 68 7.35 -23.26 10.98
CA ALA D 68 8.05 -24.47 11.50
C ALA D 68 7.97 -25.60 10.44
N ARG D 69 6.83 -25.75 9.77
CA ARG D 69 6.64 -26.84 8.76
C ARG D 69 7.54 -26.56 7.55
N GLN D 70 7.69 -25.29 7.18
CA GLN D 70 8.60 -24.89 6.08
C GLN D 70 10.04 -25.20 6.48
N VAL D 71 10.43 -24.85 7.70
CA VAL D 71 11.80 -25.16 8.22
C VAL D 71 12.04 -26.67 8.12
N ALA D 72 11.07 -27.48 8.54
CA ALA D 72 11.21 -28.96 8.59
C ALA D 72 11.34 -29.51 7.16
N VAL D 73 10.39 -29.18 6.29
CA VAL D 73 10.32 -29.79 4.93
C VAL D 73 11.48 -29.26 4.08
N ASN D 74 11.73 -27.96 4.11
CA ASN D 74 12.81 -27.36 3.29
C ASN D 74 14.17 -27.73 3.90
N GLY D 75 14.20 -28.13 5.18
CA GLY D 75 15.41 -28.63 5.86
C GLY D 75 15.73 -30.06 5.50
N GLY D 76 14.84 -30.73 4.75
CA GLY D 76 15.08 -32.08 4.19
C GLY D 76 14.47 -33.19 5.02
N LEU D 77 13.70 -32.88 6.06
CA LEU D 77 13.02 -33.93 6.87
C LEU D 77 11.87 -34.52 6.06
N PRO D 78 11.56 -35.81 6.28
CA PRO D 78 10.43 -36.46 5.62
C PRO D 78 9.13 -35.70 5.90
N VAL D 79 8.18 -35.75 4.96
CA VAL D 79 6.88 -35.06 5.11
C VAL D 79 6.12 -35.65 6.31
N ALA D 80 6.46 -36.84 6.77
CA ALA D 80 5.82 -37.49 7.95
C ALA D 80 6.21 -36.79 9.27
N VAL D 81 7.15 -35.85 9.29
CA VAL D 81 7.54 -35.17 10.56
C VAL D 81 6.61 -33.98 10.79
N PRO D 82 5.77 -33.97 11.85
CA PRO D 82 4.92 -32.83 12.19
C PRO D 82 5.73 -31.61 12.66
N ALA D 83 5.13 -30.42 12.63
CA ALA D 83 5.84 -29.17 12.98
C ALA D 83 4.84 -28.11 13.40
N HIS D 84 5.19 -27.28 14.37
CA HIS D 84 4.35 -26.10 14.70
C HIS D 84 5.23 -24.96 15.19
N THR D 85 4.67 -23.77 15.10
CA THR D 85 5.34 -22.48 15.34
C THR D 85 4.81 -21.94 16.66
N VAL D 86 5.71 -21.48 17.51
CA VAL D 86 5.36 -20.89 18.83
C VAL D 86 5.77 -19.41 18.84
N ASN D 87 5.02 -18.62 19.58
CA ASN D 87 5.24 -17.17 19.71
C ASN D 87 5.05 -16.79 21.18
N ARG D 88 6.15 -16.59 21.89
CA ARG D 88 6.18 -15.87 23.18
C ARG D 88 7.15 -14.70 22.99
N VAL D 89 6.93 -13.95 21.90
CA VAL D 89 7.71 -12.76 21.45
C VAL D 89 9.21 -13.04 21.61
N CYS D 90 9.94 -12.21 22.35
CA CYS D 90 11.41 -12.27 22.49
C CYS D 90 11.86 -13.63 23.04
N GLY D 91 11.01 -14.35 23.77
CA GLY D 91 11.37 -15.64 24.37
C GLY D 91 11.12 -16.83 23.45
N SER D 92 10.62 -16.61 22.24
CA SER D 92 10.08 -17.68 21.36
C SER D 92 11.13 -18.78 21.08
N GLY D 93 12.39 -18.41 20.88
CA GLY D 93 13.43 -19.39 20.52
C GLY D 93 13.77 -20.30 21.70
N ALA D 94 13.67 -19.78 22.92
CA ALA D 94 13.82 -20.58 24.16
C ALA D 94 12.52 -21.34 24.40
N GLN D 95 11.38 -20.72 24.14
CA GLN D 95 10.07 -21.39 24.31
C GLN D 95 10.05 -22.68 23.50
N ALA D 96 10.58 -22.67 22.28
CA ALA D 96 10.55 -23.88 21.42
C ALA D 96 11.21 -25.05 22.16
N VAL D 97 12.28 -24.78 22.90
CA VAL D 97 13.03 -25.83 23.66
C VAL D 97 12.19 -26.24 24.88
N VAL D 98 11.53 -25.31 25.55
CA VAL D 98 10.61 -25.64 26.68
C VAL D 98 9.46 -26.50 26.15
N THR D 99 8.86 -26.12 25.01
CA THR D 99 7.79 -26.89 24.36
C THR D 99 8.29 -28.33 24.11
N ALA D 100 9.49 -28.47 23.57
CA ALA D 100 10.10 -29.78 23.28
C ALA D 100 10.23 -30.59 24.58
N TYR D 101 10.79 -29.99 25.62
CA TYR D 101 10.92 -30.61 26.96
C TYR D 101 9.57 -31.14 27.41
N ALA D 102 8.52 -30.32 27.36
CA ALA D 102 7.17 -30.70 27.82
C ALA D 102 6.65 -31.87 26.98
N GLN D 103 6.87 -31.86 25.67
CA GLN D 103 6.40 -32.98 24.80
C GLN D 103 7.12 -34.27 25.19
N ILE D 104 8.40 -34.21 25.51
CA ILE D 104 9.19 -35.43 25.82
C ILE D 104 8.76 -35.93 27.20
N ARG D 105 8.71 -35.03 28.18
CA ARG D 105 8.37 -35.41 29.59
C ARG D 105 6.94 -35.97 29.66
N SER D 106 6.04 -35.51 28.80
CA SER D 106 4.61 -35.93 28.80
C SER D 106 4.42 -37.18 27.93
N GLY D 107 5.48 -37.64 27.25
CA GLY D 107 5.43 -38.85 26.40
C GLY D 107 4.82 -38.60 25.03
N LEU D 108 4.61 -37.35 24.61
CA LEU D 108 4.06 -37.06 23.26
C LEU D 108 5.15 -37.24 22.19
N SER D 109 6.40 -37.05 22.56
CA SER D 109 7.57 -37.08 21.65
C SER D 109 8.73 -37.80 22.34
N ASN D 110 9.65 -38.37 21.57
CA ASN D 110 10.94 -38.86 22.10
C ASN D 110 12.07 -37.92 21.68
N LEU D 111 11.98 -37.30 20.51
CA LEU D 111 13.07 -36.44 19.98
C LEU D 111 12.45 -35.31 19.17
N VAL D 112 12.86 -34.10 19.48
CA VAL D 112 12.30 -32.87 18.87
C VAL D 112 13.48 -32.03 18.38
N ILE D 113 13.37 -31.47 17.18
CA ILE D 113 14.30 -30.40 16.74
C ILE D 113 13.61 -29.08 17.05
N ALA D 114 14.24 -28.27 17.92
CA ALA D 114 13.64 -27.05 18.45
C ALA D 114 14.57 -25.89 18.15
N GLY D 115 14.01 -24.73 17.86
CA GLY D 115 14.82 -23.52 17.68
C GLY D 115 13.96 -22.33 17.39
N GLY D 116 14.52 -21.36 16.67
CA GLY D 116 13.77 -20.16 16.29
C GLY D 116 14.40 -19.51 15.11
N VAL D 117 13.61 -18.67 14.44
CA VAL D 117 13.99 -17.99 13.19
C VAL D 117 13.43 -16.58 13.27
N GLU D 118 14.11 -15.64 12.66
CA GLU D 118 13.56 -14.28 12.50
C GLU D 118 14.36 -13.56 11.42
N ASN D 119 13.67 -12.73 10.67
CA ASN D 119 14.31 -11.82 9.69
C ASN D 119 13.49 -10.55 9.69
N MET D 120 13.99 -9.52 10.36
CA MET D 120 13.22 -8.28 10.58
C MET D 120 13.13 -7.48 9.27
N ASP D 121 14.14 -7.50 8.40
CA ASP D 121 14.02 -6.86 7.06
C ASP D 121 12.82 -7.45 6.31
N GLN D 122 12.64 -8.77 6.43
CA GLN D 122 11.63 -9.52 5.66
C GLN D 122 10.22 -9.30 6.21
N ALA D 123 10.08 -8.68 7.38
CA ALA D 123 8.74 -8.33 7.90
C ALA D 123 8.08 -7.36 6.94
N PRO D 124 6.84 -7.63 6.49
CA PRO D 124 6.14 -6.78 5.52
C PRO D 124 5.49 -5.58 6.22
N TYR D 125 5.01 -4.65 5.40
CA TYR D 125 4.05 -3.62 5.83
C TYR D 125 2.65 -4.23 5.73
N LEU D 126 1.74 -3.74 6.55
CA LEU D 126 0.35 -4.20 6.67
C LEU D 126 -0.58 -3.07 6.23
N MET D 127 -1.64 -3.43 5.52
CA MET D 127 -2.68 -2.44 5.11
C MET D 127 -4.02 -2.91 5.65
N PRO D 128 -4.35 -2.54 6.90
CA PRO D 128 -5.62 -2.93 7.52
C PRO D 128 -6.87 -2.49 6.72
N SER D 129 -6.78 -1.40 5.97
CA SER D 129 -7.98 -0.84 5.28
C SER D 129 -8.10 -1.36 3.84
N LEU D 130 -7.15 -2.16 3.33
CA LEU D 130 -7.19 -2.56 1.90
C LEU D 130 -8.30 -3.59 1.64
N ARG D 131 -8.64 -4.46 2.59
CA ARG D 131 -9.67 -5.49 2.33
C ARG D 131 -11.02 -4.82 2.02
N HIS D 132 -11.50 -3.95 2.91
CA HIS D 132 -12.88 -3.39 2.79
C HIS D 132 -12.86 -1.92 2.44
N GLY D 133 -11.70 -1.32 2.27
CA GLY D 133 -11.57 0.04 1.73
C GLY D 133 -11.35 1.10 2.79
N ALA D 134 -10.65 2.17 2.41
CA ALA D 134 -10.44 3.39 3.22
C ALA D 134 -11.58 4.39 3.00
N ARG D 135 -12.29 4.27 1.87
CA ARG D 135 -13.47 5.07 1.46
C ARG D 135 -13.07 6.51 1.11
N MET D 136 -12.56 7.27 2.07
CA MET D 136 -12.14 8.67 1.82
C MET D 136 -11.19 9.09 2.94
N GLY D 137 -10.14 9.80 2.60
CA GLY D 137 -9.15 10.23 3.61
C GLY D 137 -7.95 9.31 3.67
N HIS D 138 -6.83 9.86 4.11
CA HIS D 138 -5.55 9.12 4.14
C HIS D 138 -5.69 7.90 5.06
N THR D 139 -4.89 6.89 4.84
CA THR D 139 -4.94 5.64 5.65
C THR D 139 -3.50 5.22 5.93
N GLN D 140 -3.31 4.39 6.93
CA GLN D 140 -1.94 4.04 7.39
C GLN D 140 -1.56 2.65 6.82
N ALA D 141 -0.31 2.51 6.43
CA ALA D 141 0.38 1.23 6.21
C ALA D 141 1.29 1.01 7.41
N LEU D 142 1.09 -0.08 8.16
CA LEU D 142 1.80 -0.36 9.42
C LEU D 142 3.04 -1.17 9.12
N ASP D 143 4.14 -0.82 9.77
CA ASP D 143 5.36 -1.67 9.78
C ASP D 143 5.07 -2.85 10.71
N ALA D 144 4.98 -4.07 10.19
CA ALA D 144 4.66 -5.25 11.00
C ALA D 144 5.72 -5.45 12.10
N LEU D 145 6.97 -5.04 11.88
CA LEU D 145 8.05 -5.16 12.92
C LEU D 145 7.58 -4.44 14.19
N LEU D 146 6.97 -3.26 14.03
CA LEU D 146 6.47 -2.49 15.17
C LEU D 146 5.14 -3.08 15.65
N ARG D 147 4.19 -3.29 14.75
CA ARG D 147 2.82 -3.68 15.15
C ARG D 147 2.84 -5.04 15.85
N ASP D 148 3.58 -6.02 15.33
CA ASP D 148 3.50 -7.41 15.84
C ASP D 148 4.76 -7.79 16.65
N GLY D 149 5.81 -6.98 16.64
CA GLY D 149 7.12 -7.37 17.19
C GLY D 149 7.60 -6.49 18.34
N LEU D 150 7.59 -5.17 18.18
CA LEU D 150 8.33 -4.27 19.12
C LEU D 150 7.41 -3.33 19.90
N ASN D 151 6.22 -3.00 19.40
CA ASN D 151 5.28 -2.11 20.15
C ASN D 151 4.46 -2.97 21.11
N ASP D 152 4.28 -2.46 22.33
CA ASP D 152 3.40 -3.14 23.31
C ASP D 152 1.98 -3.19 22.73
N ALA D 153 1.28 -4.32 22.88
CA ALA D 153 -0.07 -4.51 22.30
C ALA D 153 -1.11 -3.66 23.07
N PHE D 154 -0.81 -3.21 24.29
CA PHE D 154 -1.81 -2.51 25.14
C PHE D 154 -1.66 -1.01 24.98
N SER D 155 -0.43 -0.50 24.90
CA SER D 155 -0.13 0.95 24.83
C SER D 155 0.13 1.40 23.39
N ASP D 156 0.54 0.48 22.51
CA ASP D 156 1.11 0.76 21.16
C ASP D 156 2.41 1.59 21.26
N GLN D 157 3.04 1.67 22.42
CA GLN D 157 4.34 2.37 22.55
C GLN D 157 5.46 1.36 22.31
N HIS D 158 6.57 1.83 21.79
CA HIS D 158 7.77 0.97 21.54
C HIS D 158 8.24 0.37 22.88
N SER D 159 8.73 -0.86 22.84
CA SER D 159 9.45 -1.53 23.95
C SER D 159 10.50 -0.59 24.55
N GLY D 160 11.24 0.15 23.72
CA GLY D 160 12.29 1.07 24.18
C GLY D 160 11.72 2.22 24.99
N TRP D 161 10.55 2.70 24.59
CA TRP D 161 9.82 3.77 25.31
C TRP D 161 9.43 3.24 26.69
N HIS D 162 8.85 2.05 26.78
CA HIS D 162 8.48 1.44 28.09
C HIS D 162 9.74 1.24 28.95
N THR D 163 10.85 0.82 28.34
CA THR D 163 12.09 0.52 29.11
C THR D 163 12.64 1.79 29.77
N GLU D 164 12.31 2.99 29.27
CA GLU D 164 12.72 4.24 29.97
C GLU D 164 12.06 4.29 31.37
N ASP D 165 10.92 3.64 31.60
CA ASP D 165 10.28 3.61 32.95
C ASP D 165 11.06 2.63 33.85
N LEU D 166 11.63 1.57 33.29
CA LEU D 166 12.53 0.65 34.02
C LEU D 166 13.79 1.43 34.42
N VAL D 167 14.35 2.17 33.48
CA VAL D 167 15.52 3.06 33.72
C VAL D 167 15.20 3.99 34.90
N ALA D 168 14.05 4.65 34.87
CA ALA D 168 13.69 5.64 35.93
C ALA D 168 13.55 4.90 37.27
N LYS D 169 12.85 3.76 37.28
CA LYS D 169 12.55 3.02 38.52
C LYS D 169 13.86 2.60 39.20
N TYR D 170 14.82 2.08 38.44
CA TYR D 170 16.07 1.48 38.99
C TYR D 170 17.22 2.48 38.90
N GLU D 171 16.94 3.73 38.49
CA GLU D 171 17.91 4.86 38.46
C GLU D 171 19.15 4.44 37.65
N VAL D 172 18.92 3.88 36.47
CA VAL D 172 20.02 3.40 35.59
C VAL D 172 20.53 4.58 34.75
N SER D 173 21.73 5.06 35.04
CA SER D 173 22.29 6.26 34.35
C SER D 173 22.58 5.91 32.88
N ARG D 174 22.51 6.94 32.04
CA ARG D 174 23.02 6.89 30.65
C ARG D 174 24.44 6.31 30.64
N GLU D 175 25.31 6.79 31.51
CA GLU D 175 26.74 6.42 31.50
C GLU D 175 26.88 4.94 31.84
N ALA D 176 26.09 4.42 32.78
CA ALA D 176 26.13 2.98 33.14
C ALA D 176 25.68 2.15 31.92
N GLN D 177 24.64 2.59 31.23
CA GLN D 177 24.14 1.86 30.05
C GLN D 177 25.23 1.83 28.97
N ASP D 178 25.90 2.97 28.73
CA ASP D 178 26.92 3.07 27.67
C ASP D 178 28.14 2.25 28.07
N ARG D 179 28.51 2.22 29.35
CA ARG D 179 29.66 1.40 29.84
C ARG D 179 29.34 -0.08 29.56
N PHE D 180 28.12 -0.51 29.91
CA PHE D 180 27.68 -1.91 29.71
C PHE D 180 27.72 -2.25 28.20
N ALA D 181 27.22 -1.34 27.37
CA ALA D 181 27.13 -1.57 25.91
C ALA D 181 28.54 -1.66 25.31
N ALA D 182 29.44 -0.75 25.69
CA ALA D 182 30.84 -0.77 25.21
C ALA D 182 31.48 -2.10 25.60
N THR D 183 31.26 -2.53 26.84
CA THR D 183 31.83 -3.79 27.37
C THR D 183 31.25 -4.97 26.58
N SER D 184 29.95 -4.95 26.25
CA SER D 184 29.33 -6.03 25.43
C SER D 184 30.06 -6.12 24.08
N GLN D 185 30.29 -4.98 23.43
CA GLN D 185 30.98 -4.94 22.11
C GLN D 185 32.41 -5.46 22.28
N GLN D 186 33.12 -5.04 23.33
CA GLN D 186 34.55 -5.37 23.51
C GLN D 186 34.67 -6.88 23.79
N ARG D 187 33.81 -7.41 24.66
CA ARG D 187 33.81 -8.86 25.01
C ARG D 187 33.51 -9.68 23.76
N PHE D 188 32.50 -9.26 22.99
CA PHE D 188 32.06 -10.01 21.78
C PHE D 188 33.19 -10.01 20.75
N ALA D 189 33.79 -8.86 20.49
CA ALA D 189 34.87 -8.72 19.49
C ALA D 189 36.06 -9.61 19.86
N ALA D 190 36.47 -9.64 21.14
CA ALA D 190 37.63 -10.42 21.60
C ALA D 190 37.31 -11.91 21.43
N ALA D 191 36.13 -12.34 21.86
CA ALA D 191 35.70 -13.76 21.77
C ALA D 191 35.63 -14.16 20.29
N GLN D 192 35.07 -13.30 19.45
CA GLN D 192 34.94 -13.55 17.99
C GLN D 192 36.34 -13.73 17.39
N ALA D 193 37.26 -12.82 17.70
CA ALA D 193 38.64 -12.81 17.14
C ALA D 193 39.39 -14.07 17.61
N ALA D 194 39.08 -14.56 18.82
CA ALA D 194 39.71 -15.76 19.41
C ALA D 194 39.13 -17.04 18.79
N GLY D 195 38.10 -16.94 17.94
CA GLY D 195 37.48 -18.09 17.26
C GLY D 195 36.45 -18.80 18.11
N TRP D 196 36.00 -18.18 19.21
CA TRP D 196 35.13 -18.85 20.20
C TRP D 196 33.71 -19.09 19.66
N PHE D 197 33.33 -18.45 18.56
CA PHE D 197 31.97 -18.64 17.98
C PHE D 197 32.02 -19.53 16.74
N GLU D 198 33.20 -20.01 16.32
CA GLU D 198 33.31 -20.81 15.08
C GLU D 198 32.53 -22.12 15.21
N GLY D 199 32.60 -22.79 16.36
CA GLY D 199 31.99 -24.12 16.55
C GLY D 199 30.48 -24.08 16.45
N GLU D 200 29.83 -23.01 16.91
CA GLU D 200 28.36 -22.92 16.97
C GLU D 200 27.77 -22.40 15.65
N ILE D 201 28.58 -21.74 14.81
CA ILE D 201 28.09 -21.06 13.59
C ILE D 201 28.19 -22.01 12.39
N VAL D 202 27.10 -22.09 11.62
CA VAL D 202 27.08 -22.75 10.28
C VAL D 202 27.00 -21.67 9.23
N PRO D 203 27.89 -21.70 8.21
CA PRO D 203 27.89 -20.69 7.15
C PRO D 203 26.63 -20.86 6.27
N VAL D 204 26.14 -19.77 5.70
CA VAL D 204 24.99 -19.75 4.76
C VAL D 204 25.48 -19.16 3.44
N THR D 205 25.24 -19.83 2.32
CA THR D 205 25.60 -19.27 0.99
C THR D 205 24.42 -18.47 0.44
N ILE D 206 24.61 -17.18 0.19
CA ILE D 206 23.55 -16.25 -0.31
C ILE D 206 23.84 -15.98 -1.79
N THR D 207 22.87 -16.26 -2.66
CA THR D 207 22.97 -16.03 -4.12
C THR D 207 22.41 -14.65 -4.45
N THR D 208 23.20 -13.79 -5.12
CA THR D 208 22.79 -12.43 -5.58
C THR D 208 23.15 -12.27 -7.07
N ARG D 209 22.48 -11.34 -7.76
CA ARG D 209 22.84 -10.86 -9.13
C ARG D 209 24.33 -11.12 -9.41
N LYS D 210 25.23 -10.51 -8.62
CA LYS D 210 26.70 -10.47 -8.86
C LYS D 210 27.40 -11.73 -8.32
N GLY D 211 26.66 -12.78 -7.93
CA GLY D 211 27.21 -14.12 -7.64
C GLY D 211 26.73 -14.70 -6.30
N GLU D 212 27.67 -15.30 -5.57
CA GLU D 212 27.46 -15.95 -4.27
C GLU D 212 28.27 -15.21 -3.20
N THR D 213 27.70 -15.09 -2.01
CA THR D 213 28.35 -14.59 -0.78
C THR D 213 28.28 -15.74 0.24
N VAL D 214 29.43 -16.20 0.75
CA VAL D 214 29.45 -17.19 1.87
C VAL D 214 29.43 -16.38 3.16
N PHE D 215 28.29 -16.37 3.84
CA PHE D 215 28.07 -15.62 5.10
C PHE D 215 28.46 -16.55 6.26
N ALA D 216 29.59 -16.28 6.92
CA ALA D 216 30.26 -17.24 7.82
C ALA D 216 30.49 -16.64 9.22
N LYS D 217 30.29 -15.34 9.39
CA LYS D 217 30.73 -14.58 10.59
C LYS D 217 29.65 -13.57 10.93
N ASP D 218 29.36 -13.37 12.22
CA ASP D 218 28.40 -12.32 12.66
C ASP D 218 28.88 -10.96 12.12
N GLU D 219 27.96 -10.12 11.62
CA GLU D 219 28.35 -8.86 10.92
C GLU D 219 27.79 -7.62 11.64
N ALA D 220 26.93 -7.76 12.65
CA ALA D 220 26.19 -6.61 13.22
C ALA D 220 27.01 -5.91 14.30
N ASN D 221 28.10 -6.53 14.76
CA ASN D 221 28.87 -6.01 15.92
C ASN D 221 29.78 -4.86 15.48
N ARG D 222 30.17 -4.03 16.44
CA ARG D 222 31.00 -2.84 16.18
C ARG D 222 32.17 -2.89 17.15
N PRO D 223 33.27 -3.58 16.77
CA PRO D 223 34.42 -3.79 17.65
C PRO D 223 35.07 -2.49 18.16
N ASP D 224 34.92 -1.41 17.40
CA ASP D 224 35.56 -0.10 17.68
C ASP D 224 34.70 0.71 18.66
N THR D 225 33.60 0.16 19.19
CA THR D 225 32.71 0.90 20.11
C THR D 225 33.48 1.31 21.36
N THR D 226 33.32 2.56 21.81
CA THR D 226 33.87 3.09 23.08
C THR D 226 32.75 3.79 23.84
N GLU D 227 32.92 3.96 25.14
CA GLU D 227 32.02 4.79 25.98
C GLU D 227 31.95 6.21 25.40
N ALA D 228 33.07 6.76 24.94
CA ALA D 228 33.16 8.14 24.38
C ALA D 228 32.26 8.23 23.15
N GLY D 229 32.34 7.27 22.23
CA GLY D 229 31.49 7.24 21.03
C GLY D 229 30.02 7.14 21.39
N LEU D 230 29.69 6.30 22.37
CA LEU D 230 28.28 6.06 22.75
C LEU D 230 27.68 7.32 23.39
N ALA D 231 28.50 8.09 24.10
CA ALA D 231 28.08 9.33 24.80
C ALA D 231 27.63 10.38 23.78
N LYS D 232 28.04 10.27 22.52
CA LYS D 232 27.70 11.24 21.45
C LYS D 232 26.24 11.07 20.99
N LEU D 233 25.64 9.90 21.19
CA LEU D 233 24.37 9.55 20.50
C LEU D 233 23.17 10.24 21.17
N ARG D 234 22.11 10.47 20.42
CA ARG D 234 20.83 11.05 20.90
C ARG D 234 19.92 9.93 21.41
N PRO D 235 19.03 10.21 22.37
CA PRO D 235 18.06 9.21 22.84
C PRO D 235 17.13 8.82 21.68
N ALA D 236 16.75 7.55 21.58
CA ALA D 236 15.98 7.00 20.45
C ALA D 236 14.48 7.02 20.75
N PHE D 237 14.03 7.04 22.00
CA PHE D 237 12.61 6.71 22.34
C PHE D 237 11.91 7.81 23.12
N ARG D 238 12.63 8.63 23.89
CA ARG D 238 12.06 9.78 24.63
C ARG D 238 13.04 10.95 24.54
N LYS D 239 12.53 12.18 24.51
CA LYS D 239 13.34 13.42 24.33
C LYS D 239 14.46 13.46 25.38
N ASP D 240 14.13 13.15 26.62
CA ASP D 240 15.04 13.28 27.78
C ASP D 240 15.51 11.87 28.16
N GLY D 241 15.53 10.95 27.19
CA GLY D 241 15.76 9.52 27.46
C GLY D 241 17.24 9.19 27.59
N THR D 242 17.53 7.92 27.86
CA THR D 242 18.88 7.37 28.07
C THR D 242 19.16 6.27 27.04
N ILE D 243 18.12 5.66 26.49
CA ILE D 243 18.29 4.52 25.53
C ILE D 243 18.57 5.10 24.14
N THR D 244 19.61 4.60 23.49
CA THR D 244 20.06 5.08 22.16
C THR D 244 20.18 3.87 21.22
N ALA D 245 20.50 4.12 19.96
CA ALA D 245 20.81 3.06 18.97
C ALA D 245 22.07 2.29 19.40
N GLY D 246 22.92 2.88 20.24
CA GLY D 246 24.22 2.30 20.62
C GLY D 246 24.17 1.43 21.87
N ASN D 247 23.17 1.63 22.74
CA ASN D 247 23.04 0.82 23.99
C ASN D 247 21.82 -0.09 23.89
N ALA D 248 21.39 -0.38 22.66
CA ALA D 248 20.36 -1.36 22.31
C ALA D 248 20.84 -2.14 21.10
N PRO D 249 20.33 -3.37 20.89
CA PRO D 249 20.66 -4.16 19.71
C PRO D 249 19.95 -3.59 18.48
N GLY D 250 20.30 -4.10 17.31
CA GLY D 250 19.66 -3.73 16.04
C GLY D 250 18.42 -4.55 15.74
N LEU D 251 18.04 -4.57 14.47
CA LEU D 251 16.86 -5.27 13.91
C LEU D 251 17.41 -6.39 13.01
N ASN D 252 17.67 -7.54 13.60
CA ASN D 252 18.62 -8.54 13.04
C ASN D 252 17.88 -9.76 12.48
N ALA D 253 18.65 -10.62 11.82
CA ALA D 253 18.14 -11.84 11.15
C ALA D 253 19.02 -13.00 11.54
N GLY D 254 18.40 -14.15 11.74
CA GLY D 254 19.18 -15.37 12.03
C GLY D 254 18.28 -16.52 12.41
N ALA D 255 18.89 -17.67 12.65
CA ALA D 255 18.21 -18.90 13.05
C ALA D 255 19.15 -19.73 13.91
N ALA D 256 18.58 -20.51 14.80
CA ALA D 256 19.31 -21.50 15.60
C ALA D 256 18.38 -22.70 15.82
N ALA D 257 18.96 -23.88 15.94
CA ALA D 257 18.20 -25.11 16.21
C ALA D 257 19.09 -26.11 16.94
N MET D 258 18.43 -27.05 17.60
CA MET D 258 19.13 -28.06 18.40
C MET D 258 18.20 -29.25 18.57
N ILE D 259 18.79 -30.36 18.97
CA ILE D 259 18.05 -31.62 19.25
C ILE D 259 17.73 -31.63 20.75
N VAL D 260 16.48 -31.92 21.06
CA VAL D 260 16.02 -32.11 22.46
C VAL D 260 15.51 -33.55 22.56
N SER D 261 15.99 -34.28 23.58
CA SER D 261 15.65 -35.70 23.80
C SER D 261 16.04 -36.08 25.23
N SER D 262 15.62 -37.25 25.68
CA SER D 262 16.21 -37.86 26.89
C SER D 262 17.70 -38.08 26.63
N HIS D 263 18.48 -38.12 27.69
CA HIS D 263 19.92 -38.49 27.62
C HIS D 263 20.04 -39.88 26.96
N ALA D 264 19.19 -40.82 27.37
CA ALA D 264 19.23 -42.22 26.86
C ALA D 264 19.00 -42.22 25.34
N THR D 265 18.03 -41.43 24.85
CA THR D 265 17.71 -41.35 23.40
C THR D 265 18.92 -40.79 22.65
N ALA D 266 19.53 -39.73 23.17
CA ALA D 266 20.71 -39.09 22.54
C ALA D 266 21.82 -40.14 22.40
N THR D 267 22.15 -40.84 23.48
CA THR D 267 23.23 -41.85 23.50
C THR D 267 22.89 -42.96 22.49
N GLU D 268 21.64 -43.45 22.51
CA GLU D 268 21.17 -44.52 21.59
C GLU D 268 21.41 -44.11 20.14
N LEU D 269 21.22 -42.83 19.79
CA LEU D 269 21.26 -42.34 18.38
C LEU D 269 22.62 -41.73 18.05
N GLY D 270 23.62 -41.90 18.92
CA GLY D 270 25.02 -41.50 18.64
C GLY D 270 25.20 -40.00 18.69
N LEU D 271 24.33 -39.30 19.42
CA LEU D 271 24.48 -37.83 19.59
C LEU D 271 25.42 -37.59 20.78
N GLN D 272 25.99 -36.38 20.85
CA GLN D 272 26.86 -35.93 21.97
C GLN D 272 26.13 -34.83 22.71
N PRO D 273 25.36 -35.15 23.78
CA PRO D 273 24.67 -34.12 24.55
C PRO D 273 25.63 -33.03 25.02
N GLN D 274 25.15 -31.78 24.97
CA GLN D 274 25.93 -30.57 25.38
C GLN D 274 25.42 -30.08 26.73
N LEU D 275 24.10 -30.04 26.93
CA LEU D 275 23.49 -29.48 28.16
C LEU D 275 22.36 -30.37 28.63
N VAL D 276 22.18 -30.44 29.95
CA VAL D 276 20.99 -31.02 30.61
C VAL D 276 20.13 -29.85 31.07
N ILE D 277 18.83 -29.94 30.82
CA ILE D 277 17.86 -28.93 31.31
C ILE D 277 17.54 -29.29 32.76
N ARG D 278 18.02 -28.49 33.69
CA ARG D 278 17.86 -28.75 35.14
C ARG D 278 16.67 -27.95 35.70
N GLY D 279 16.27 -26.88 35.02
CA GLY D 279 15.22 -26.01 35.54
C GLY D 279 14.66 -25.12 34.46
N ILE D 280 13.35 -24.87 34.53
CA ILE D 280 12.64 -23.98 33.59
C ILE D 280 11.81 -23.02 34.43
N GLY D 281 11.86 -21.75 34.06
CA GLY D 281 11.02 -20.71 34.66
C GLY D 281 10.33 -19.90 33.59
N VAL D 282 9.02 -19.74 33.72
CA VAL D 282 8.23 -18.84 32.86
C VAL D 282 7.42 -17.95 33.79
N ALA D 283 7.62 -16.64 33.69
CA ALA D 283 7.01 -15.65 34.60
C ALA D 283 6.41 -14.53 33.79
N ALA D 284 5.53 -13.77 34.43
CA ALA D 284 4.94 -12.59 33.81
C ALA D 284 4.85 -11.47 34.84
N VAL D 285 4.93 -10.24 34.32
CA VAL D 285 4.97 -8.98 35.10
C VAL D 285 4.12 -7.95 34.34
N GLU D 286 4.03 -6.73 34.88
CA GLU D 286 3.40 -5.60 34.17
C GLU D 286 4.01 -5.44 32.78
N PRO D 287 3.20 -5.37 31.69
CA PRO D 287 3.72 -5.07 30.35
C PRO D 287 4.71 -3.92 30.37
N GLY D 288 4.40 -2.87 31.13
CA GLY D 288 5.21 -1.64 31.17
C GLY D 288 6.60 -1.85 31.77
N LEU D 289 6.79 -2.92 32.55
CA LEU D 289 8.07 -3.22 33.23
C LEU D 289 8.59 -4.58 32.75
N PHE D 290 8.39 -4.91 31.47
CA PHE D 290 8.69 -6.25 30.93
C PHE D 290 10.19 -6.56 31.10
N GLY D 291 11.05 -5.55 31.15
CA GLY D 291 12.51 -5.75 31.29
C GLY D 291 12.88 -6.46 32.59
N PHE D 292 12.00 -6.42 33.58
CA PHE D 292 12.23 -7.09 34.90
C PHE D 292 11.90 -8.58 34.82
N GLY D 293 11.23 -9.02 33.75
CA GLY D 293 10.75 -10.41 33.58
C GLY D 293 11.78 -11.49 33.91
N PRO D 294 13.07 -11.35 33.53
CA PRO D 294 14.06 -12.39 33.83
C PRO D 294 14.22 -12.66 35.33
N VAL D 295 13.95 -11.67 36.18
CA VAL D 295 14.19 -11.86 37.64
C VAL D 295 13.30 -12.98 38.19
N PRO D 296 11.94 -12.90 38.12
CA PRO D 296 11.10 -14.02 38.57
C PRO D 296 11.37 -15.29 37.75
N ALA D 297 11.63 -15.19 36.46
CA ALA D 297 11.85 -16.39 35.62
C ALA D 297 13.10 -17.12 36.09
N ILE D 298 14.18 -16.40 36.34
CA ILE D 298 15.46 -17.02 36.81
C ILE D 298 15.22 -17.65 38.18
N LYS D 299 14.52 -16.98 39.08
CA LYS D 299 14.25 -17.53 40.43
C LYS D 299 13.46 -18.84 40.30
N LEU D 300 12.49 -18.91 39.37
CA LEU D 300 11.72 -20.15 39.17
C LEU D 300 12.65 -21.26 38.67
N ALA D 301 13.50 -20.97 37.68
CA ALA D 301 14.39 -21.98 37.07
C ALA D 301 15.40 -22.47 38.12
N LEU D 302 15.98 -21.58 38.91
CA LEU D 302 16.94 -21.95 39.98
C LEU D 302 16.25 -22.81 41.04
N ALA D 303 15.02 -22.46 41.43
CA ALA D 303 14.25 -23.25 42.41
C ALA D 303 14.07 -24.69 41.89
N GLN D 304 13.69 -24.86 40.63
CA GLN D 304 13.49 -26.19 40.04
C GLN D 304 14.82 -26.95 40.01
N ALA D 305 15.94 -26.29 39.71
CA ALA D 305 17.27 -26.96 39.63
C ALA D 305 17.85 -27.18 41.03
N GLN D 306 17.26 -26.53 42.06
CA GLN D 306 17.81 -26.50 43.44
C GLN D 306 19.22 -25.92 43.40
N TRP D 307 19.38 -24.82 42.66
CA TRP D 307 20.62 -24.02 42.58
C TRP D 307 20.39 -22.65 43.21
N GLN D 308 21.47 -22.08 43.71
CA GLN D 308 21.52 -20.68 44.16
C GLN D 308 22.29 -19.87 43.11
N VAL D 309 22.06 -18.56 43.09
CA VAL D 309 22.72 -17.62 42.16
C VAL D 309 24.25 -17.86 42.19
N GLN D 310 24.83 -18.04 43.38
CA GLN D 310 26.30 -18.15 43.55
C GLN D 310 26.81 -19.50 43.02
N ASP D 311 25.94 -20.46 42.71
CA ASP D 311 26.34 -21.78 42.11
C ASP D 311 26.56 -21.66 40.60
N VAL D 312 26.10 -20.57 39.96
CA VAL D 312 26.02 -20.49 38.49
C VAL D 312 27.31 -19.89 37.93
N ASP D 313 27.96 -20.61 37.01
CA ASP D 313 29.25 -20.17 36.41
C ASP D 313 28.99 -19.00 35.47
N ARG D 314 27.93 -19.01 34.68
CA ARG D 314 27.60 -17.84 33.82
C ARG D 314 26.10 -17.70 33.62
N PHE D 315 25.68 -16.44 33.63
CA PHE D 315 24.32 -15.99 33.26
C PHE D 315 24.40 -15.41 31.86
N GLU D 316 23.48 -15.84 31.00
CA GLU D 316 23.36 -15.36 29.61
C GLU D 316 21.94 -14.78 29.50
N VAL D 317 21.83 -13.48 29.73
CA VAL D 317 20.54 -12.76 29.83
C VAL D 317 20.47 -11.82 28.64
N ASN D 318 19.40 -11.92 27.85
CA ASN D 318 19.33 -11.20 26.56
C ASN D 318 19.47 -9.69 26.81
N GLU D 319 20.36 -9.04 26.06
CA GLU D 319 20.59 -7.57 26.16
C GLU D 319 19.53 -6.86 25.29
N ALA D 320 18.24 -6.97 25.64
CA ALA D 320 17.16 -6.29 24.91
C ALA D 320 17.49 -4.81 24.88
N PHE D 321 18.01 -4.31 26.00
CA PHE D 321 18.61 -2.97 26.18
C PHE D 321 19.73 -3.14 27.21
N ALA D 322 20.76 -2.31 27.16
CA ALA D 322 21.78 -2.30 28.24
C ALA D 322 21.06 -2.15 29.58
N ALA D 323 20.02 -1.30 29.65
CA ALA D 323 19.27 -1.05 30.90
C ALA D 323 18.72 -2.35 31.48
N VAL D 324 18.20 -3.25 30.64
CA VAL D 324 17.63 -4.55 31.12
C VAL D 324 18.76 -5.42 31.67
N GLY D 325 19.90 -5.49 30.98
CA GLY D 325 21.06 -6.27 31.46
C GLY D 325 21.46 -5.81 32.86
N LEU D 326 21.59 -4.50 33.04
CA LEU D 326 22.04 -3.91 34.33
C LEU D 326 21.03 -4.20 35.44
N VAL D 327 19.73 -4.00 35.15
CA VAL D 327 18.68 -4.17 36.18
C VAL D 327 18.67 -5.63 36.64
N VAL D 328 18.71 -6.57 35.69
CA VAL D 328 18.61 -8.00 36.04
C VAL D 328 19.87 -8.42 36.80
N ARG D 329 21.05 -8.07 36.28
CA ARG D 329 22.34 -8.42 36.92
C ARG D 329 22.34 -7.92 38.37
N ASP D 330 22.01 -6.65 38.58
CA ASP D 330 22.20 -6.00 39.90
C ASP D 330 21.09 -6.47 40.85
N GLU D 331 19.87 -6.68 40.37
CA GLU D 331 18.75 -7.17 41.22
C GLU D 331 19.10 -8.57 41.78
N LEU D 332 19.73 -9.43 40.98
CA LEU D 332 20.04 -10.83 41.38
C LEU D 332 21.42 -10.91 42.05
N GLY D 333 22.19 -9.83 42.05
CA GLY D 333 23.51 -9.79 42.71
C GLY D 333 24.53 -10.63 41.96
N ILE D 334 24.41 -10.71 40.65
CA ILE D 334 25.32 -11.54 39.81
C ILE D 334 26.63 -10.75 39.62
N ALA D 335 27.76 -11.43 39.70
CA ALA D 335 29.07 -10.79 39.48
C ALA D 335 29.14 -10.32 38.03
N PRO D 336 29.56 -9.07 37.76
CA PRO D 336 29.69 -8.58 36.38
C PRO D 336 30.54 -9.49 35.48
N GLU D 337 31.54 -10.16 36.03
CA GLU D 337 32.47 -11.04 35.29
C GLU D 337 31.73 -12.32 34.84
N ARG D 338 30.55 -12.62 35.41
CA ARG D 338 29.79 -13.87 35.13
C ARG D 338 28.51 -13.58 34.37
N PHE D 339 28.33 -12.34 33.91
CA PHE D 339 27.08 -11.89 33.25
C PHE D 339 27.39 -11.54 31.80
N ASN D 340 26.83 -12.30 30.85
CA ASN D 340 27.05 -12.10 29.38
C ASN D 340 28.55 -12.02 29.13
N VAL D 341 29.22 -13.11 29.49
CA VAL D 341 30.70 -13.22 29.60
C VAL D 341 31.35 -12.89 28.25
N ASP D 342 30.76 -13.37 27.15
CA ASP D 342 31.35 -13.25 25.80
C ASP D 342 30.58 -12.21 24.98
N GLY D 343 29.90 -11.28 25.67
CA GLY D 343 29.10 -10.24 25.02
C GLY D 343 27.71 -10.72 24.70
N GLY D 344 26.85 -9.78 24.32
CA GLY D 344 25.42 -10.09 24.08
C GLY D 344 24.86 -9.37 22.90
N ALA D 345 23.53 -9.27 22.85
CA ALA D 345 22.74 -8.83 21.68
C ALA D 345 23.13 -7.41 21.28
N ILE D 346 23.59 -6.55 22.19
CA ILE D 346 23.98 -5.17 21.77
C ILE D 346 25.03 -5.32 20.66
N ALA D 347 25.95 -6.27 20.81
CA ALA D 347 27.00 -6.58 19.82
C ALA D 347 26.42 -7.43 18.69
N HIS D 348 25.95 -8.65 18.98
CA HIS D 348 25.70 -9.64 17.91
C HIS D 348 24.33 -9.46 17.26
N GLY D 349 23.38 -8.83 17.95
CA GLY D 349 22.04 -8.59 17.39
C GLY D 349 20.97 -9.40 18.09
N HIS D 350 19.72 -9.01 17.88
CA HIS D 350 18.52 -9.58 18.52
C HIS D 350 17.48 -9.93 17.45
N PRO D 351 17.69 -11.05 16.69
CA PRO D 351 16.71 -11.56 15.72
C PRO D 351 15.58 -12.24 16.49
N ILE D 352 14.58 -11.45 16.89
CA ILE D 352 13.64 -11.69 18.02
C ILE D 352 13.37 -13.19 18.24
N GLY D 353 12.66 -13.84 17.34
CA GLY D 353 12.18 -15.22 17.56
C GLY D 353 13.30 -16.25 17.62
N ALA D 354 14.48 -15.92 17.11
CA ALA D 354 15.66 -16.82 17.12
C ALA D 354 16.51 -16.61 18.38
N THR D 355 16.48 -15.42 18.98
CA THR D 355 17.49 -15.03 20.00
C THR D 355 17.53 -16.05 21.16
N GLY D 356 16.38 -16.52 21.65
CA GLY D 356 16.38 -17.50 22.76
C GLY D 356 17.14 -18.77 22.39
N ALA D 357 16.98 -19.24 21.15
CA ALA D 357 17.67 -20.45 20.65
C ALA D 357 19.16 -20.13 20.45
N ILE D 358 19.46 -18.91 20.01
CA ILE D 358 20.87 -18.44 19.85
C ILE D 358 21.57 -18.45 21.22
N LEU D 359 20.92 -17.98 22.27
CA LEU D 359 21.57 -17.90 23.60
C LEU D 359 21.79 -19.31 24.14
N LEU D 360 20.84 -20.23 23.95
CA LEU D 360 21.02 -21.64 24.39
C LEU D 360 22.22 -22.22 23.62
N THR D 361 22.29 -21.94 22.32
CA THR D 361 23.40 -22.42 21.46
C THR D 361 24.71 -21.85 21.98
N LYS D 362 24.77 -20.55 22.25
CA LYS D 362 26.02 -19.91 22.74
C LYS D 362 26.50 -20.62 24.00
N VAL D 363 25.59 -20.82 24.96
CA VAL D 363 25.96 -21.41 26.27
C VAL D 363 26.41 -22.86 26.07
N ALA D 364 25.77 -23.63 25.17
CA ALA D 364 26.16 -25.03 24.92
C ALA D 364 27.66 -25.07 24.55
N HIS D 365 28.10 -24.18 23.67
CA HIS D 365 29.47 -24.18 23.12
C HIS D 365 30.44 -23.55 24.13
N ALA D 366 30.02 -22.53 24.87
CA ALA D 366 30.87 -21.85 25.87
C ALA D 366 31.19 -22.82 27.04
N LEU D 367 30.21 -23.58 27.52
CA LEU D 367 30.47 -24.53 28.62
C LEU D 367 31.41 -25.62 28.11
N ARG D 368 31.24 -26.09 26.87
CA ARG D 368 32.14 -27.13 26.30
C ARG D 368 33.58 -26.60 26.31
N ARG D 369 33.79 -25.36 25.89
CA ARG D 369 35.14 -24.75 25.78
C ARG D 369 35.75 -24.51 27.18
N THR D 370 35.00 -23.95 28.11
CA THR D 370 35.52 -23.48 29.42
C THR D 370 35.51 -24.61 30.47
N SER D 371 34.74 -25.66 30.25
CA SER D 371 34.47 -26.74 31.25
C SER D 371 33.68 -26.18 32.44
N GLU D 372 33.09 -25.00 32.33
CA GLU D 372 32.12 -24.50 33.32
C GLU D 372 30.96 -25.49 33.42
N ARG D 373 30.37 -25.63 34.61
CA ARG D 373 29.37 -26.69 34.88
C ARG D 373 27.95 -26.17 34.71
N ARG D 374 27.67 -24.94 35.16
CA ARG D 374 26.27 -24.48 35.35
C ARG D 374 26.05 -23.11 34.71
N ALA D 375 24.96 -22.98 33.98
CA ALA D 375 24.61 -21.73 33.27
C ALA D 375 23.11 -21.49 33.39
N VAL D 376 22.72 -20.23 33.30
CA VAL D 376 21.30 -19.84 33.16
C VAL D 376 21.19 -18.97 31.92
N VAL D 377 20.25 -19.31 31.04
CA VAL D 377 19.86 -18.49 29.86
C VAL D 377 18.51 -17.86 30.23
N SER D 378 18.37 -16.57 30.02
CA SER D 378 17.07 -15.90 30.30
C SER D 378 16.85 -14.74 29.33
N LEU D 379 15.59 -14.51 28.97
CA LEU D 379 15.18 -13.36 28.14
C LEU D 379 13.95 -12.70 28.76
N CYS D 380 13.97 -11.37 28.78
CA CYS D 380 12.76 -10.56 29.03
C CYS D 380 11.93 -10.64 27.76
N ILE D 381 10.63 -10.37 27.90
CA ILE D 381 9.67 -10.62 26.81
C ILE D 381 8.68 -9.46 26.74
N GLY D 382 8.58 -8.82 25.59
CA GLY D 382 7.57 -7.79 25.33
C GLY D 382 6.20 -8.29 25.75
N GLY D 383 5.41 -7.42 26.35
CA GLY D 383 4.10 -7.79 26.92
C GLY D 383 4.22 -8.15 28.39
N GLY D 384 5.43 -8.19 28.94
CA GLY D 384 5.64 -8.45 30.38
C GLY D 384 5.80 -9.92 30.71
N GLN D 385 6.75 -10.60 30.11
CA GLN D 385 7.03 -12.01 30.46
C GLN D 385 8.55 -12.19 30.60
N GLY D 386 8.91 -13.37 31.09
CA GLY D 386 10.31 -13.77 31.27
C GLY D 386 10.41 -15.26 31.09
N ILE D 387 11.49 -15.73 30.47
CA ILE D 387 11.75 -17.18 30.33
C ILE D 387 13.21 -17.42 30.76
N ALA D 388 13.44 -18.52 31.48
CA ALA D 388 14.79 -18.92 31.95
C ALA D 388 14.93 -20.44 31.88
N LEU D 389 16.12 -20.89 31.52
CA LEU D 389 16.50 -22.32 31.63
C LEU D 389 17.80 -22.38 32.45
N ALA D 390 17.80 -23.24 33.46
CA ALA D 390 19.00 -23.65 34.22
C ALA D 390 19.57 -24.86 33.51
N LEU D 391 20.84 -24.78 33.13
CA LEU D 391 21.48 -25.75 32.20
C LEU D 391 22.80 -26.23 32.80
N GLU D 392 23.06 -27.53 32.68
CA GLU D 392 24.29 -28.13 33.21
C GLU D 392 25.06 -28.77 32.06
N ARG D 393 26.37 -28.53 32.01
CA ARG D 393 27.25 -29.17 30.99
C ARG D 393 27.17 -30.69 31.15
N VAL D 394 27.09 -31.39 30.02
CA VAL D 394 27.25 -32.86 29.94
C VAL D 394 28.70 -33.16 29.58
N LYS D 395 29.29 -34.06 30.39
CA LYS D 395 30.74 -34.36 30.57
C LYS D 395 31.29 -35.04 29.33
N LEU D 396 30.43 -35.43 28.38
CA LEU D 396 30.87 -35.93 27.05
C LEU D 396 31.43 -37.36 27.19
#